data_8XVR
#
_entry.id   8XVR
#
_cell.length_a   92.570
_cell.length_b   132.080
_cell.length_c   121.780
_cell.angle_alpha   90.00
_cell.angle_beta   110.29
_cell.angle_gamma   90.00
#
_symmetry.space_group_name_H-M   'P 1 21 1'
#
loop_
_entity.id
_entity.type
_entity.pdbx_description
1 polymer 'Glycoside hydrolase family 68 protein'
2 non-polymer 'CALCIUM ION'
3 non-polymer 1,2-ETHANEDIOL
4 non-polymer GLYCEROL
5 non-polymer 'PENTAETHYLENE GLYCOL'
6 non-polymer DI(HYDROXYETHYL)ETHER
7 water water
#
_entity_poly.entity_id   1
_entity_poly.type   'polypeptide(L)'
_entity_poly.pdbx_seq_one_letter_code
;MDSKAAQENTNTAKNDDTQKAAPANESSEAKNEPAVNVNDSSAAKNDDQQSSKKNTTAKLNKDAENVVKKAGIDPNSLTD
DQIKALNKMNFSKAAKSGTQMTYNDFQKIADTLIKQDGRYTVPFFKASEIKNMPAATTKDAQTNTIEPLDVWDSWPVQDV
RTGQVANWNGYQLVIAMMGIPNQNDNHIYLLYNKYGDNELSHWKNVGPIFGYNSTAVSQEWSGSAVLNSDNSIQLFYTRV
DTSDNNTNHQKIASATLYLTDNNGNVSLAQVANDHIVFEGDGYYYQTYDQWKATNKGADNIAMRDAHVIEDDNGDRYLVF
EASTGLENYQGEDQIYNWLNYGGDDAFNIKSLFRILSNDDIKSRATWANAAIGILKLNKDEKNPKVAELYSPLISAPMVS
DEIERPNVVKLGNKYYLFAATRLNWGSNDDAWMNANYAVGDNVAMVGYVADSLTGSYKPLNDSGVVLTASVPANWRTATY
SYYAVPVAGKDDQVLVTSYMTNRNGVAGKGMDSTWAPSFLLQINPDNTTTVLAKMTNQGDWIWDDSSENLDMIGDLDSAA
LPGERDKPVDWDLIGYGLKPHDHHHHHH
;
_entity_poly.pdbx_strand_id   A,B,C,D
#
loop_
_chem_comp.id
_chem_comp.type
_chem_comp.name
_chem_comp.formula
1PE non-polymer 'PENTAETHYLENE GLYCOL' 'C10 H22 O6'
CA non-polymer 'CALCIUM ION' 'Ca 2'
EDO non-polymer 1,2-ETHANEDIOL 'C2 H6 O2'
GOL non-polymer GLYCEROL 'C3 H8 O3'
PEG non-polymer DI(HYDROXYETHYL)ETHER 'C4 H10 O3'
#
# COMPACT_ATOMS: atom_id res chain seq x y z
N LYS A 59 -38.21 1.61 -3.05
CA LYS A 59 -38.97 2.11 -4.23
C LYS A 59 -38.09 2.58 -5.44
N LEU A 60 -36.82 2.14 -5.57
CA LEU A 60 -35.87 2.73 -6.54
C LEU A 60 -36.37 2.77 -7.96
N ASN A 61 -36.11 3.86 -8.70
CA ASN A 61 -36.41 3.90 -10.13
C ASN A 61 -35.24 3.24 -10.84
N LYS A 62 -35.28 3.12 -12.17
CA LYS A 62 -34.36 2.19 -12.83
C LYS A 62 -32.96 2.74 -13.07
N ASP A 63 -32.83 4.03 -13.34
CA ASP A 63 -31.50 4.67 -13.41
C ASP A 63 -30.75 4.57 -12.07
N ALA A 64 -31.48 4.81 -10.97
CA ALA A 64 -30.91 4.70 -9.63
C ALA A 64 -30.55 3.28 -9.28
N GLU A 65 -31.47 2.37 -9.57
CA GLU A 65 -31.23 0.92 -9.49
C GLU A 65 -29.88 0.59 -10.14
N ASN A 66 -29.73 1.05 -11.37
CA ASN A 66 -28.54 0.83 -12.16
C ASN A 66 -27.22 1.19 -11.45
N VAL A 67 -27.14 2.41 -10.89
CA VAL A 67 -25.89 2.86 -10.26
C VAL A 67 -25.66 2.28 -8.88
N VAL A 68 -26.74 1.89 -8.19
CA VAL A 68 -26.60 1.21 -6.90
C VAL A 68 -25.96 -0.17 -7.10
N LYS A 69 -26.38 -0.86 -8.16
CA LYS A 69 -25.81 -2.17 -8.44
C LYS A 69 -24.36 -2.04 -8.83
N LYS A 70 -24.07 -1.15 -9.78
CA LYS A 70 -22.67 -0.97 -10.21
C LYS A 70 -21.76 -0.57 -9.05
N ALA A 71 -22.31 0.13 -8.07
CA ALA A 71 -21.56 0.51 -6.87
C ALA A 71 -21.36 -0.64 -5.88
N GLY A 72 -22.03 -1.76 -6.09
CA GLY A 72 -21.89 -2.88 -5.20
C GLY A 72 -22.70 -2.68 -3.95
N ILE A 73 -23.82 -2.05 -4.11
CA ILE A 73 -24.66 -1.75 -2.99
C ILE A 73 -25.92 -2.58 -2.97
N ASP A 74 -26.21 -3.16 -1.80
CA ASP A 74 -27.40 -3.98 -1.62
C ASP A 74 -28.56 -3.02 -1.43
N PRO A 75 -29.49 -3.01 -2.40
CA PRO A 75 -30.62 -2.11 -2.37
C PRO A 75 -31.49 -2.21 -1.13
N ASN A 76 -31.43 -3.36 -0.45
CA ASN A 76 -32.21 -3.58 0.75
C ASN A 76 -31.60 -2.89 1.96
N SER A 77 -30.42 -2.29 1.78
CA SER A 77 -29.81 -1.62 2.91
C SER A 77 -30.10 -0.15 2.86
N LEU A 78 -30.87 0.30 1.90
CA LEU A 78 -31.13 1.73 1.81
C LEU A 78 -32.34 2.23 2.56
N THR A 79 -32.23 3.42 3.12
CA THR A 79 -33.31 4.03 3.87
C THR A 79 -34.33 4.65 2.95
N ASP A 80 -35.47 5.04 3.48
CA ASP A 80 -36.49 5.63 2.59
C ASP A 80 -35.94 6.94 1.98
N ASP A 81 -35.26 7.70 2.83
CA ASP A 81 -34.66 8.99 2.44
C ASP A 81 -33.57 8.84 1.38
N GLN A 82 -32.74 7.82 1.55
CA GLN A 82 -31.69 7.49 0.58
C GLN A 82 -32.27 7.12 -0.79
N ILE A 83 -33.34 6.32 -0.78
CA ILE A 83 -34.00 5.93 -2.02
C ILE A 83 -34.63 7.16 -2.68
N LYS A 84 -35.35 7.96 -1.90
CA LYS A 84 -36.00 9.17 -2.42
C LYS A 84 -34.99 10.14 -3.06
N ALA A 85 -33.81 10.25 -2.45
CA ALA A 85 -32.74 11.13 -2.93
C ALA A 85 -32.18 10.61 -4.24
N LEU A 86 -31.78 9.33 -4.26
CA LEU A 86 -31.32 8.71 -5.50
C LEU A 86 -32.35 8.81 -6.63
N ASN A 87 -33.64 8.76 -6.28
CA ASN A 87 -34.69 8.94 -7.30
C ASN A 87 -34.84 10.35 -7.85
N LYS A 88 -34.33 11.37 -7.15
CA LYS A 88 -34.34 12.72 -7.66
C LYS A 88 -33.16 13.01 -8.59
N MET A 89 -32.20 12.11 -8.62
CA MET A 89 -30.92 12.41 -9.22
C MET A 89 -31.07 12.60 -10.70
N ASN A 90 -30.54 13.71 -11.20
CA ASN A 90 -30.52 13.98 -12.59
C ASN A 90 -29.22 13.49 -13.18
N PHE A 91 -29.31 12.60 -14.17
CA PHE A 91 -28.15 12.01 -14.77
C PHE A 91 -27.68 12.66 -16.09
N SER A 92 -28.14 13.84 -16.38
CA SER A 92 -27.71 14.50 -17.60
C SER A 92 -26.16 14.62 -17.64
N LYS A 93 -25.57 14.46 -18.81
CA LYS A 93 -24.11 14.63 -19.00
C LYS A 93 -23.72 15.97 -19.63
N ALA A 94 -24.69 16.80 -20.02
CA ALA A 94 -24.43 18.09 -20.64
C ALA A 94 -23.77 19.12 -19.70
N ALA A 95 -22.56 19.56 -20.04
CA ALA A 95 -21.87 20.67 -19.36
C ALA A 95 -22.58 22.00 -19.63
N LYS A 96 -23.02 22.68 -18.59
CA LYS A 96 -23.75 23.94 -18.76
C LYS A 96 -22.89 25.17 -18.55
N SER A 97 -21.78 25.05 -17.80
CA SER A 97 -21.01 26.20 -17.38
C SER A 97 -19.51 25.90 -17.39
N GLY A 98 -19.04 25.43 -18.55
CA GLY A 98 -17.61 25.12 -18.75
C GLY A 98 -17.14 23.88 -18.03
N THR A 99 -15.83 23.72 -17.95
CA THR A 99 -15.25 22.60 -17.22
C THR A 99 -15.48 22.79 -15.69
N GLN A 100 -15.87 21.72 -15.03
CA GLN A 100 -16.18 21.80 -13.60
C GLN A 100 -15.08 21.20 -12.74
N MET A 101 -14.80 21.83 -11.61
CA MET A 101 -14.10 21.18 -10.51
C MET A 101 -15.19 20.34 -9.81
N THR A 102 -15.12 19.03 -9.97
CA THR A 102 -16.12 18.14 -9.41
C THR A 102 -15.85 17.87 -7.93
N TYR A 103 -16.84 17.31 -7.26
CA TYR A 103 -16.72 16.91 -5.86
C TYR A 103 -15.52 15.94 -5.68
N ASN A 104 -15.34 15.05 -6.64
CA ASN A 104 -14.21 14.15 -6.66
C ASN A 104 -12.87 14.87 -6.88
N ASP A 105 -12.82 15.81 -7.83
CA ASP A 105 -11.61 16.61 -8.03
C ASP A 105 -11.19 17.28 -6.70
N PHE A 106 -12.17 17.87 -6.01
CA PHE A 106 -11.89 18.62 -4.79
C PHE A 106 -11.32 17.70 -3.74
N GLN A 107 -11.95 16.54 -3.61
CA GLN A 107 -11.50 15.61 -2.60
C GLN A 107 -10.10 15.14 -2.94
N LYS A 108 -9.84 14.89 -4.21
CA LYS A 108 -8.48 14.53 -4.67
C LYS A 108 -7.45 15.64 -4.40
N ILE A 109 -7.83 16.90 -4.62
CA ILE A 109 -6.94 18.01 -4.30
C ILE A 109 -6.62 18.05 -2.82
N ALA A 110 -7.64 17.92 -1.99
CA ALA A 110 -7.41 17.87 -0.55
C ALA A 110 -6.54 16.69 -0.16
N ASP A 111 -6.82 15.50 -0.68
CA ASP A 111 -6.01 14.33 -0.31
C ASP A 111 -4.55 14.50 -0.71
N THR A 112 -4.31 15.01 -1.92
CA THR A 112 -2.96 15.36 -2.34
C THR A 112 -2.26 16.37 -1.37
N LEU A 113 -2.99 17.40 -0.94
CA LEU A 113 -2.43 18.34 0.02
C LEU A 113 -2.05 17.61 1.30
N ILE A 114 -2.92 16.68 1.73
CA ILE A 114 -2.69 15.92 2.95
C ILE A 114 -1.46 15.00 2.87
N LYS A 115 -1.26 14.33 1.74
CA LYS A 115 -0.08 13.52 1.49
C LYS A 115 1.22 14.31 1.45
N GLN A 116 1.18 15.63 1.23
CA GLN A 116 2.38 16.43 1.19
C GLN A 116 3.39 15.89 0.15
N ASP A 117 2.86 15.62 -1.04
CA ASP A 117 3.60 15.09 -2.17
C ASP A 117 4.57 16.15 -2.76
N GLY A 118 5.84 15.80 -2.86
CA GLY A 118 6.93 16.70 -3.28
C GLY A 118 6.74 17.33 -4.64
N ARG A 119 5.98 16.69 -5.52
CA ARG A 119 5.64 17.29 -6.81
C ARG A 119 4.82 18.57 -6.71
N TYR A 120 4.03 18.71 -5.64
CA TYR A 120 3.03 19.79 -5.53
C TYR A 120 3.15 20.70 -4.33
N THR A 121 3.85 20.28 -3.28
CA THR A 121 3.91 21.11 -2.07
C THR A 121 4.69 22.38 -2.27
N VAL A 122 4.21 23.46 -1.66
CA VAL A 122 4.95 24.71 -1.63
C VAL A 122 6.24 24.38 -0.86
N PRO A 123 7.40 24.80 -1.40
CA PRO A 123 8.62 24.59 -0.66
C PRO A 123 8.60 25.31 0.65
N PHE A 124 9.31 24.71 1.59
CA PHE A 124 9.61 25.33 2.87
C PHE A 124 10.54 26.53 2.68
N PHE A 125 10.26 27.59 3.42
CA PHE A 125 11.03 28.82 3.38
C PHE A 125 11.75 29.02 4.70
N LYS A 126 13.03 29.42 4.66
CA LYS A 126 13.76 29.67 5.92
C LYS A 126 13.16 30.92 6.62
N ALA A 127 12.42 30.66 7.70
CA ALA A 127 11.68 31.69 8.42
C ALA A 127 12.56 32.88 8.90
N SER A 128 13.76 32.58 9.41
CA SER A 128 14.70 33.60 9.91
C SER A 128 15.12 34.63 8.87
N GLU A 129 14.97 34.33 7.59
CA GLU A 129 15.36 35.27 6.54
C GLU A 129 14.25 36.28 6.17
N ILE A 130 13.05 36.08 6.73
CA ILE A 130 11.88 36.77 6.23
C ILE A 130 11.66 38.14 6.88
N LYS A 131 11.43 39.16 6.05
CA LYS A 131 11.28 40.52 6.49
C LYS A 131 9.98 41.15 5.96
N ASN A 132 9.41 42.04 6.76
CA ASN A 132 8.48 43.01 6.23
C ASN A 132 9.13 43.81 5.12
N MET A 133 8.41 44.11 4.06
CA MET A 133 8.89 44.88 2.95
C MET A 133 9.07 46.33 3.36
N PRO A 134 10.26 46.90 3.20
CA PRO A 134 10.39 48.29 3.65
C PRO A 134 9.42 49.30 2.99
N ALA A 135 9.13 49.12 1.70
CA ALA A 135 8.16 49.98 1.02
C ALA A 135 6.71 49.84 1.50
N ALA A 136 6.43 48.85 2.35
CA ALA A 136 5.09 48.70 2.91
C ALA A 136 4.95 49.53 4.18
N THR A 137 6.05 50.16 4.62
CA THR A 137 5.95 51.26 5.59
C THR A 137 5.81 52.55 4.79
N THR A 138 4.64 53.16 4.84
CA THR A 138 4.28 54.22 3.88
C THR A 138 3.06 55.00 4.36
N LYS A 139 2.79 56.14 3.74
CA LYS A 139 1.64 56.94 4.13
C LYS A 139 0.34 56.16 3.79
N ASP A 140 -0.47 55.89 4.81
CA ASP A 140 -1.68 55.10 4.60
C ASP A 140 -2.74 55.85 3.80
N ALA A 141 -3.41 55.14 2.90
CA ALA A 141 -4.44 55.79 2.06
C ALA A 141 -5.60 56.42 2.83
N GLN A 142 -5.93 55.85 3.99
CA GLN A 142 -7.10 56.32 4.79
C GLN A 142 -6.72 57.26 5.97
N THR A 143 -5.75 56.88 6.78
CA THR A 143 -5.38 57.66 7.95
C THR A 143 -4.47 58.83 7.61
N ASN A 144 -3.96 58.85 6.38
CA ASN A 144 -2.92 59.80 5.95
C ASN A 144 -1.67 59.85 6.82
N THR A 145 -1.35 58.79 7.56
CA THR A 145 -0.18 58.78 8.43
C THR A 145 0.71 57.60 8.03
N ILE A 146 2.04 57.77 8.11
CA ILE A 146 2.98 56.70 7.80
C ILE A 146 2.82 55.55 8.78
N GLU A 147 2.50 54.37 8.26
CA GLU A 147 2.34 53.16 9.09
C GLU A 147 2.98 51.96 8.39
N PRO A 148 3.37 50.93 9.18
CA PRO A 148 3.70 49.62 8.60
C PRO A 148 2.46 48.85 8.17
N LEU A 149 2.32 48.62 6.87
CA LEU A 149 1.13 47.99 6.29
C LEU A 149 1.31 46.50 5.99
N ASP A 150 0.23 45.75 6.15
CA ASP A 150 0.12 44.42 5.53
C ASP A 150 0.17 44.71 4.04
N VAL A 151 0.97 43.93 3.31
CA VAL A 151 0.87 43.90 1.86
C VAL A 151 0.52 42.49 1.47
N TRP A 152 -0.53 42.35 0.67
CA TRP A 152 -0.96 41.06 0.18
C TRP A 152 -1.01 41.01 -1.37
N ASP A 153 -2.14 40.59 -1.97
CA ASP A 153 -2.27 40.42 -3.42
C ASP A 153 -1.51 41.50 -4.14
N SER A 154 -0.54 41.08 -4.96
CA SER A 154 0.30 42.00 -5.75
C SER A 154 0.52 41.45 -7.15
N TRP A 155 0.78 42.32 -8.12
CA TRP A 155 1.02 41.87 -9.49
C TRP A 155 1.93 42.86 -10.24
N PRO A 156 2.80 42.32 -11.09
CA PRO A 156 3.62 43.21 -11.89
C PRO A 156 2.84 43.75 -13.09
N VAL A 157 3.29 44.87 -13.62
CA VAL A 157 2.83 45.29 -14.93
C VAL A 157 3.47 44.34 -15.93
N GLN A 158 2.64 43.74 -16.76
CA GLN A 158 3.06 42.71 -17.69
C GLN A 158 2.83 43.15 -19.14
N ASP A 159 3.61 42.56 -20.06
CA ASP A 159 3.29 42.63 -21.46
C ASP A 159 1.96 41.94 -21.68
N VAL A 160 1.04 42.64 -22.33
CA VAL A 160 -0.34 42.16 -22.51
C VAL A 160 -0.45 40.88 -23.34
N ARG A 161 0.54 40.66 -24.22
CA ARG A 161 0.60 39.46 -25.05
C ARG A 161 1.33 38.28 -24.43
N THR A 162 2.55 38.50 -23.94
CA THR A 162 3.42 37.40 -23.48
C THR A 162 3.31 37.17 -21.98
N GLY A 163 2.78 38.15 -21.24
CA GLY A 163 2.72 38.06 -19.79
C GLY A 163 4.03 38.31 -19.07
N GLN A 164 5.08 38.67 -19.80
CA GLN A 164 6.38 38.87 -19.17
C GLN A 164 6.33 40.14 -18.34
N VAL A 165 7.15 40.21 -17.30
CA VAL A 165 7.24 41.41 -16.50
C VAL A 165 7.78 42.47 -17.41
N ALA A 166 7.08 43.59 -17.49
CA ALA A 166 7.40 44.60 -18.46
C ALA A 166 8.59 45.40 -17.99
N ASN A 167 9.35 45.90 -18.98
CA ASN A 167 10.43 46.84 -18.69
C ASN A 167 9.95 48.19 -19.12
N TRP A 168 9.73 49.05 -18.15
CA TRP A 168 9.23 50.39 -18.40
C TRP A 168 10.37 51.35 -18.10
N ASN A 169 11.01 51.84 -19.16
CA ASN A 169 12.13 52.76 -19.05
C ASN A 169 13.19 52.29 -18.08
N GLY A 170 13.48 50.99 -18.03
CA GLY A 170 14.48 50.43 -17.11
C GLY A 170 13.96 50.12 -15.72
N TYR A 171 12.67 50.34 -15.48
CA TYR A 171 12.03 49.89 -14.24
C TYR A 171 11.11 48.65 -14.42
N GLN A 172 10.94 47.92 -13.31
CA GLN A 172 9.81 46.99 -13.11
C GLN A 172 8.79 47.69 -12.22
N LEU A 173 7.52 47.46 -12.54
CA LEU A 173 6.41 48.09 -11.84
C LEU A 173 5.49 47.03 -11.29
N VAL A 174 5.08 47.24 -10.05
CA VAL A 174 4.17 46.35 -9.35
C VAL A 174 3.02 47.12 -8.71
N ILE A 175 1.85 46.50 -8.66
CA ILE A 175 0.72 47.09 -7.99
C ILE A 175 0.32 46.16 -6.89
N ALA A 176 0.01 46.71 -5.71
CA ALA A 176 -0.17 45.92 -4.50
C ALA A 176 -1.31 46.41 -3.62
N MET A 177 -2.09 45.47 -3.13
CA MET A 177 -3.00 45.77 -2.08
C MET A 177 -2.25 45.90 -0.78
N MET A 178 -2.44 47.05 -0.10
CA MET A 178 -1.97 47.23 1.28
C MET A 178 -3.00 47.91 2.16
N GLY A 179 -2.75 47.78 3.46
CA GLY A 179 -3.59 48.31 4.51
C GLY A 179 -3.08 48.01 5.91
N ILE A 180 -3.56 48.77 6.87
CA ILE A 180 -3.14 48.65 8.26
C ILE A 180 -3.70 47.36 8.83
N PRO A 181 -2.84 46.54 9.45
CA PRO A 181 -3.32 45.36 10.12
C PRO A 181 -4.49 45.66 11.07
N ASN A 182 -5.50 44.81 11.00
CA ASN A 182 -6.69 44.88 11.87
C ASN A 182 -7.61 46.07 11.61
N GLN A 183 -7.47 46.67 10.45
CA GLN A 183 -8.40 47.67 10.02
C GLN A 183 -8.95 47.32 8.70
N ASN A 184 -10.11 47.85 8.42
CA ASN A 184 -10.71 47.74 7.12
C ASN A 184 -10.14 48.83 6.21
N ASP A 185 -9.14 48.44 5.43
CA ASP A 185 -8.29 49.40 4.75
C ASP A 185 -7.75 48.78 3.45
N ASN A 186 -8.62 48.72 2.45
CA ASN A 186 -8.33 47.99 1.23
C ASN A 186 -8.18 48.91 0.05
N HIS A 187 -6.92 49.18 -0.29
CA HIS A 187 -6.55 50.08 -1.37
C HIS A 187 -5.27 49.59 -2.03
N ILE A 188 -5.06 50.07 -3.26
CA ILE A 188 -3.92 49.63 -4.07
C ILE A 188 -2.86 50.71 -4.21
N TYR A 189 -1.61 50.26 -4.23
CA TYR A 189 -0.47 51.14 -4.24
C TYR A 189 0.44 50.78 -5.42
N LEU A 190 1.15 51.77 -5.98
CA LEU A 190 2.09 51.57 -7.11
C LEU A 190 3.51 51.54 -6.60
N LEU A 191 4.27 50.50 -6.97
CA LEU A 191 5.69 50.38 -6.57
C LEU A 191 6.64 50.21 -7.77
N TYR A 192 7.89 50.58 -7.55
CA TYR A 192 8.90 50.41 -8.60
C TYR A 192 10.24 50.00 -8.04
N ASN A 193 11.03 49.38 -8.91
CA ASN A 193 12.41 49.02 -8.66
C ASN A 193 13.12 49.01 -10.00
N LYS A 194 14.44 48.97 -10.01
CA LYS A 194 15.17 48.83 -11.29
C LYS A 194 14.86 47.46 -11.87
N TYR A 195 14.62 47.39 -13.17
CA TYR A 195 14.36 46.12 -13.82
C TYR A 195 15.47 45.13 -13.53
N GLY A 196 15.12 43.94 -13.00
CA GLY A 196 16.06 42.86 -12.72
C GLY A 196 16.72 42.94 -11.37
N ASP A 197 16.50 44.02 -10.63
CA ASP A 197 17.00 44.17 -9.28
C ASP A 197 16.33 43.14 -8.40
N ASN A 198 17.13 42.50 -7.52
CA ASN A 198 16.69 41.34 -6.76
C ASN A 198 16.45 41.58 -5.28
N GLU A 199 16.51 42.84 -4.84
CA GLU A 199 16.48 43.14 -3.41
C GLU A 199 15.13 43.62 -2.97
N LEU A 200 14.57 42.91 -2.00
CA LEU A 200 13.27 43.34 -1.45
C LEU A 200 13.30 44.81 -1.06
N SER A 201 14.42 45.23 -0.48
CA SER A 201 14.48 46.53 0.11
C SER A 201 14.72 47.66 -0.92
N HIS A 202 14.89 47.32 -2.20
CA HIS A 202 15.09 48.35 -3.20
C HIS A 202 13.79 48.80 -3.83
N TRP A 203 12.69 48.14 -3.46
CA TRP A 203 11.37 48.58 -3.96
C TRP A 203 10.97 49.86 -3.29
N LYS A 204 10.33 50.72 -4.05
CA LYS A 204 9.82 51.96 -3.51
C LYS A 204 8.33 52.11 -3.79
N ASN A 205 7.64 52.72 -2.84
CA ASN A 205 6.19 52.92 -2.89
C ASN A 205 5.86 54.35 -3.30
N VAL A 206 5.24 54.48 -4.48
CA VAL A 206 4.76 55.77 -4.96
C VAL A 206 3.60 56.25 -4.14
N GLY A 207 2.80 55.36 -3.60
CA GLY A 207 1.65 55.77 -2.82
C GLY A 207 0.37 55.17 -3.40
N PRO A 208 -0.78 55.45 -2.78
CA PRO A 208 -2.07 54.88 -3.28
C PRO A 208 -2.45 55.46 -4.64
N ILE A 209 -2.79 54.58 -5.58
CA ILE A 209 -3.13 54.99 -6.93
C ILE A 209 -4.30 55.98 -6.94
N PHE A 210 -5.29 55.71 -6.09
CA PHE A 210 -6.46 56.60 -5.96
C PHE A 210 -6.36 57.62 -4.80
N GLY A 211 -5.15 57.89 -4.35
CA GLY A 211 -4.88 59.05 -3.53
C GLY A 211 -5.13 58.86 -2.06
N TYR A 212 -4.73 59.89 -1.30
CA TYR A 212 -4.91 59.94 0.14
C TYR A 212 -6.34 60.41 0.45
N ASN A 213 -6.72 60.51 1.71
CA ASN A 213 -8.10 60.86 2.09
C ASN A 213 -9.09 59.89 1.49
N SER A 214 -8.71 58.61 1.46
CA SER A 214 -9.62 57.56 1.03
C SER A 214 -10.37 57.03 2.23
N THR A 215 -11.44 56.30 1.96
CA THR A 215 -12.25 55.70 3.03
C THR A 215 -12.64 54.29 2.65
N ALA A 216 -13.17 53.57 3.62
CA ALA A 216 -13.70 52.23 3.45
C ALA A 216 -14.99 52.18 2.62
N VAL A 217 -15.60 53.33 2.31
CA VAL A 217 -16.84 53.36 1.52
C VAL A 217 -16.58 52.94 0.06
N SER A 218 -15.40 53.28 -0.44
CA SER A 218 -15.00 52.96 -1.79
C SER A 218 -13.57 52.39 -1.79
N GLN A 219 -13.48 51.08 -2.00
CA GLN A 219 -12.24 50.32 -1.90
C GLN A 219 -11.75 49.83 -3.29
N GLU A 220 -10.46 49.49 -3.34
CA GLU A 220 -9.86 48.85 -4.51
C GLU A 220 -9.32 47.48 -4.14
N TRP A 221 -9.81 46.43 -4.83
CA TRP A 221 -9.30 45.06 -4.66
C TRP A 221 -8.59 44.64 -5.97
N SER A 222 -8.18 43.39 -6.04
CA SER A 222 -7.14 42.99 -6.99
C SER A 222 -7.60 43.01 -8.43
N GLY A 223 -6.60 43.08 -9.31
CA GLY A 223 -6.75 42.87 -10.73
C GLY A 223 -5.45 42.55 -11.45
N SER A 224 -5.11 43.34 -12.46
CA SER A 224 -3.93 43.12 -13.31
C SER A 224 -3.55 44.44 -13.99
N ALA A 225 -2.43 44.44 -14.72
CA ALA A 225 -1.96 45.65 -15.37
C ALA A 225 -0.99 45.36 -16.49
N VAL A 226 -1.08 46.16 -17.56
CA VAL A 226 -0.26 45.98 -18.73
C VAL A 226 0.17 47.31 -19.33
N LEU A 227 1.08 47.26 -20.30
CA LEU A 227 1.48 48.47 -21.00
C LEU A 227 0.57 48.74 -22.19
N ASN A 228 0.18 50.00 -22.36
CA ASN A 228 -0.47 50.45 -23.58
C ASN A 228 0.58 50.81 -24.63
N SER A 229 0.16 50.97 -25.88
CA SER A 229 1.08 51.38 -26.96
C SER A 229 1.96 52.59 -26.73
N ASP A 230 1.43 53.59 -26.05
CA ASP A 230 2.18 54.82 -25.76
C ASP A 230 2.98 54.75 -24.45
N ASN A 231 3.06 53.55 -23.88
CA ASN A 231 3.81 53.34 -22.64
C ASN A 231 3.15 53.93 -21.37
N SER A 232 1.86 54.28 -21.47
CA SER A 232 1.00 54.38 -20.31
C SER A 232 0.66 52.95 -19.84
N ILE A 233 0.10 52.87 -18.62
CA ILE A 233 -0.27 51.60 -18.01
C ILE A 233 -1.79 51.53 -17.99
N GLN A 234 -2.33 50.38 -18.39
CA GLN A 234 -3.76 50.17 -18.25
C GLN A 234 -3.94 49.25 -17.06
N LEU A 235 -4.58 49.80 -16.04
CA LEU A 235 -4.88 49.09 -14.82
C LEU A 235 -6.25 48.46 -14.90
N PHE A 236 -6.31 47.19 -14.53
CA PHE A 236 -7.58 46.55 -14.24
C PHE A 236 -7.60 46.21 -12.77
N TYR A 237 -8.69 46.60 -12.10
CA TYR A 237 -8.85 46.41 -10.68
C TYR A 237 -10.31 46.17 -10.32
N THR A 238 -10.58 46.04 -9.02
CA THR A 238 -11.91 45.79 -8.54
C THR A 238 -12.35 47.00 -7.71
N ARG A 239 -13.39 47.68 -8.17
CA ARG A 239 -13.96 48.79 -7.42
C ARG A 239 -15.00 48.19 -6.48
N VAL A 240 -14.89 48.48 -5.20
CA VAL A 240 -15.83 47.96 -4.22
C VAL A 240 -16.56 49.11 -3.52
N ASP A 241 -17.89 49.13 -3.67
CA ASP A 241 -18.73 50.14 -3.03
C ASP A 241 -19.41 49.49 -1.84
N THR A 242 -19.16 50.01 -0.64
CA THR A 242 -19.72 49.44 0.59
C THR A 242 -20.84 50.31 1.19
N SER A 243 -21.44 51.20 0.39
CA SER A 243 -22.45 52.15 0.92
C SER A 243 -23.82 51.54 1.14
N ASP A 244 -24.13 50.43 0.47
CA ASP A 244 -25.37 49.70 0.74
C ASP A 244 -25.18 48.79 1.95
N ASN A 245 -25.26 49.37 3.13
CA ASN A 245 -25.16 48.60 4.37
C ASN A 245 -23.89 47.75 4.50
N ASN A 246 -22.75 48.32 4.11
CA ASN A 246 -21.41 47.67 4.17
C ASN A 246 -21.21 46.36 3.40
N THR A 247 -22.04 46.09 2.40
CA THR A 247 -21.82 44.91 1.60
C THR A 247 -20.62 45.21 0.68
N ASN A 248 -19.90 44.15 0.31
CA ASN A 248 -18.79 44.27 -0.63
C ASN A 248 -19.28 44.14 -2.07
N HIS A 249 -19.93 45.21 -2.55
CA HIS A 249 -20.46 45.24 -3.89
C HIS A 249 -19.30 45.47 -4.84
N GLN A 250 -18.93 44.41 -5.55
CA GLN A 250 -17.71 44.39 -6.33
C GLN A 250 -17.96 44.63 -7.81
N LYS A 251 -17.10 45.42 -8.43
CA LYS A 251 -17.18 45.74 -9.85
C LYS A 251 -15.79 45.73 -10.51
N ILE A 252 -15.68 45.17 -11.71
CA ILE A 252 -14.45 45.22 -12.46
C ILE A 252 -14.36 46.59 -13.10
N ALA A 253 -13.27 47.27 -12.79
CA ALA A 253 -13.03 48.65 -13.23
C ALA A 253 -11.69 48.77 -13.91
N SER A 254 -11.50 49.85 -14.63
CA SER A 254 -10.22 50.08 -15.27
C SER A 254 -9.88 51.55 -15.26
N ALA A 255 -8.59 51.84 -15.28
CA ALA A 255 -8.12 53.22 -15.42
C ALA A 255 -6.76 53.23 -16.08
N THR A 256 -6.42 54.35 -16.71
CA THR A 256 -5.11 54.54 -17.34
C THR A 256 -4.18 55.30 -16.40
N LEU A 257 -2.98 54.77 -16.17
CA LEU A 257 -2.00 55.48 -15.36
C LEU A 257 -0.88 56.08 -16.21
N TYR A 258 -0.59 57.37 -16.00
CA TYR A 258 0.51 58.06 -16.67
C TYR A 258 1.58 58.30 -15.65
N LEU A 259 2.77 57.79 -15.94
CA LEU A 259 3.89 57.90 -15.03
C LEU A 259 4.98 58.79 -15.61
N THR A 260 5.79 59.34 -14.72
CA THR A 260 6.99 60.08 -15.13
C THR A 260 8.21 59.52 -14.42
N ASP A 261 9.34 59.66 -15.11
CA ASP A 261 10.61 59.07 -14.77
C ASP A 261 11.56 60.25 -14.66
N ASN A 262 12.10 60.49 -13.48
CA ASN A 262 13.00 61.59 -13.29
C ASN A 262 14.16 61.26 -12.39
N ASN A 263 15.32 61.03 -12.98
CA ASN A 263 16.55 60.75 -12.19
C ASN A 263 16.40 59.61 -11.23
N GLY A 264 15.87 58.50 -11.71
CA GLY A 264 15.67 57.34 -10.83
C GLY A 264 14.46 57.43 -9.92
N ASN A 265 13.65 58.48 -10.05
CA ASN A 265 12.40 58.63 -9.29
C ASN A 265 11.18 58.50 -10.19
N VAL A 266 10.35 57.50 -9.90
CA VAL A 266 9.13 57.32 -10.65
C VAL A 266 7.99 57.96 -9.91
N SER A 267 7.13 58.65 -10.65
CA SER A 267 5.98 59.39 -10.11
C SER A 267 4.69 59.03 -10.87
N LEU A 268 3.57 59.11 -10.16
CA LEU A 268 2.26 58.93 -10.74
C LEU A 268 1.70 60.31 -11.13
N ALA A 269 1.80 60.67 -12.42
CA ALA A 269 1.41 61.99 -12.89
C ALA A 269 -0.10 62.12 -12.99
N GLN A 270 -0.79 61.11 -13.53
CA GLN A 270 -2.23 61.22 -13.75
C GLN A 270 -2.91 59.87 -13.79
N VAL A 271 -4.11 59.81 -13.22
CA VAL A 271 -5.04 58.69 -13.34
C VAL A 271 -6.23 59.16 -14.20
N ALA A 272 -6.43 58.54 -15.36
CA ALA A 272 -7.48 58.93 -16.29
C ALA A 272 -8.44 57.78 -16.64
N ASN A 273 -9.64 58.12 -17.11
CA ASN A 273 -10.56 57.17 -17.72
C ASN A 273 -11.05 56.09 -16.73
N ASP A 274 -11.16 56.44 -15.46
CA ASP A 274 -11.62 55.47 -14.45
C ASP A 274 -13.09 55.17 -14.65
N HIS A 275 -13.44 53.92 -14.92
CA HIS A 275 -14.84 53.55 -15.17
C HIS A 275 -15.08 52.06 -14.89
N ILE A 276 -16.33 51.69 -14.70
CA ILE A 276 -16.74 50.32 -14.51
C ILE A 276 -16.79 49.65 -15.89
N VAL A 277 -16.21 48.47 -15.97
CA VAL A 277 -16.25 47.65 -17.16
C VAL A 277 -17.40 46.64 -17.13
N PHE A 278 -17.57 45.96 -16.00
CA PHE A 278 -18.51 44.83 -15.88
C PHE A 278 -18.75 44.47 -14.42
N GLU A 279 -19.97 44.15 -14.03
CA GLU A 279 -20.22 43.70 -12.68
C GLU A 279 -21.19 42.53 -12.63
N GLY A 280 -21.22 41.74 -13.70
CA GLY A 280 -22.08 40.58 -13.81
C GLY A 280 -23.32 40.85 -14.62
N ASP A 281 -23.85 39.80 -15.25
CA ASP A 281 -24.97 39.91 -16.18
C ASP A 281 -26.25 39.23 -15.68
N GLY A 282 -26.12 38.12 -14.93
CA GLY A 282 -27.28 37.43 -14.38
C GLY A 282 -27.49 36.07 -14.97
N TYR A 283 -27.02 35.89 -16.20
CA TYR A 283 -27.05 34.58 -16.87
C TYR A 283 -25.74 33.80 -16.69
N TYR A 284 -24.65 34.32 -17.25
CA TYR A 284 -23.36 33.66 -17.10
C TYR A 284 -22.81 33.84 -15.69
N TYR A 285 -22.93 35.07 -15.15
CA TYR A 285 -22.33 35.47 -13.87
C TYR A 285 -23.33 36.15 -12.92
N GLN A 286 -23.25 35.83 -11.64
CA GLN A 286 -24.14 36.37 -10.62
C GLN A 286 -23.97 37.90 -10.45
N THR A 287 -25.11 38.61 -10.30
CA THR A 287 -25.10 40.06 -10.10
C THR A 287 -25.26 40.33 -8.64
N TYR A 288 -24.87 41.53 -8.25
CA TYR A 288 -25.11 41.99 -6.92
C TYR A 288 -26.60 41.85 -6.50
N ASP A 289 -27.52 42.33 -7.35
CA ASP A 289 -28.96 42.25 -7.05
C ASP A 289 -29.43 40.82 -6.79
N GLN A 290 -28.95 39.89 -7.61
CA GLN A 290 -29.24 38.48 -7.38
C GLN A 290 -28.73 37.99 -6.00
N TRP A 291 -27.49 38.34 -5.69
CA TRP A 291 -26.87 37.92 -4.43
C TRP A 291 -27.67 38.49 -3.25
N LYS A 292 -27.99 39.77 -3.34
CA LYS A 292 -28.72 40.46 -2.30
C LYS A 292 -30.15 39.92 -2.09
N ALA A 293 -30.79 39.52 -3.16
CA ALA A 293 -32.16 39.05 -3.06
C ALA A 293 -32.28 37.82 -2.18
N THR A 294 -31.26 36.95 -2.16
CA THR A 294 -31.37 35.65 -1.46
C THR A 294 -30.39 35.45 -0.33
N ASN A 295 -29.55 36.43 -0.04
CA ASN A 295 -28.50 36.19 0.94
C ASN A 295 -29.03 36.40 2.34
N LYS A 296 -29.00 35.34 3.13
CA LYS A 296 -29.26 35.40 4.56
C LYS A 296 -27.97 35.11 5.32
N GLY A 297 -26.83 35.18 4.63
CA GLY A 297 -25.52 35.10 5.28
C GLY A 297 -24.67 33.92 4.86
N ALA A 298 -25.23 32.98 4.11
CA ALA A 298 -24.44 31.81 3.68
C ALA A 298 -23.77 31.95 2.28
N ASP A 299 -24.10 33.01 1.52
CA ASP A 299 -23.66 33.13 0.11
C ASP A 299 -22.49 34.09 -0.08
N ASN A 300 -21.48 33.66 -0.82
CA ASN A 300 -20.35 34.55 -1.13
C ASN A 300 -20.76 35.50 -2.22
N ILE A 301 -20.04 36.59 -2.33
CA ILE A 301 -20.18 37.46 -3.48
C ILE A 301 -18.82 37.75 -4.08
N ALA A 302 -18.71 37.55 -5.39
CA ALA A 302 -17.47 37.61 -6.09
C ALA A 302 -17.65 38.21 -7.50
N MET A 303 -16.91 39.29 -7.74
CA MET A 303 -16.84 39.91 -9.06
C MET A 303 -15.54 40.71 -9.10
N ARG A 304 -14.43 40.00 -9.30
CA ARG A 304 -13.14 40.58 -9.01
C ARG A 304 -11.96 39.90 -9.72
N ASP A 305 -10.75 40.36 -9.39
CA ASP A 305 -9.52 39.75 -9.84
C ASP A 305 -9.49 39.60 -11.35
N ALA A 306 -9.84 40.67 -12.07
CA ALA A 306 -9.78 40.61 -13.53
C ALA A 306 -8.32 40.58 -14.07
N HIS A 307 -8.00 39.51 -14.81
CA HIS A 307 -6.72 39.34 -15.50
C HIS A 307 -6.83 39.61 -16.99
N VAL A 308 -6.17 40.68 -17.43
CA VAL A 308 -6.17 41.00 -18.85
C VAL A 308 -5.13 40.20 -19.65
N ILE A 309 -5.51 39.80 -20.86
CA ILE A 309 -4.67 39.03 -21.75
C ILE A 309 -5.08 39.21 -23.22
N GLU A 310 -4.11 39.43 -24.09
CA GLU A 310 -4.38 39.60 -25.51
C GLU A 310 -3.99 38.35 -26.26
N ASP A 311 -4.87 37.84 -27.11
CA ASP A 311 -4.57 36.67 -27.96
C ASP A 311 -3.79 37.03 -29.22
N ASP A 312 -3.44 35.99 -29.98
CA ASP A 312 -2.66 36.08 -31.22
C ASP A 312 -3.35 37.03 -32.22
N ASN A 313 -4.68 36.95 -32.32
CA ASN A 313 -5.42 37.79 -33.25
C ASN A 313 -5.57 39.25 -32.82
N GLY A 314 -4.95 39.68 -31.73
CA GLY A 314 -5.03 41.08 -31.28
C GLY A 314 -6.21 41.47 -30.38
N ASP A 315 -7.04 40.52 -29.97
CA ASP A 315 -8.18 40.86 -29.09
C ASP A 315 -7.81 40.73 -27.61
N ARG A 316 -8.19 41.71 -26.80
CA ARG A 316 -7.98 41.66 -25.36
C ARG A 316 -9.19 41.00 -24.66
N TYR A 317 -8.90 40.15 -23.68
CA TYR A 317 -9.90 39.48 -22.85
C TYR A 317 -9.63 39.73 -21.38
N LEU A 318 -10.65 39.55 -20.57
CA LEU A 318 -10.52 39.60 -19.13
C LEU A 318 -10.94 38.23 -18.61
N VAL A 319 -10.10 37.62 -17.78
CA VAL A 319 -10.44 36.37 -17.16
C VAL A 319 -10.56 36.74 -15.71
N PHE A 320 -11.66 36.38 -15.06
CA PHE A 320 -11.99 37.02 -13.78
C PHE A 320 -12.71 36.08 -12.80
N GLU A 321 -12.78 36.48 -11.54
CA GLU A 321 -13.43 35.67 -10.52
C GLU A 321 -14.91 36.07 -10.38
N ALA A 322 -15.79 35.07 -10.35
CA ALA A 322 -17.18 35.34 -10.15
C ALA A 322 -17.92 34.12 -9.61
N SER A 323 -19.24 34.17 -9.62
CA SER A 323 -20.09 33.01 -9.37
C SER A 323 -20.99 32.82 -10.59
N THR A 324 -21.47 31.61 -10.85
CA THR A 324 -22.40 31.38 -11.97
C THR A 324 -23.69 32.18 -11.80
N GLY A 325 -24.32 32.50 -12.93
CA GLY A 325 -25.69 33.01 -12.92
C GLY A 325 -26.70 31.91 -13.23
N LEU A 326 -27.82 32.32 -13.84
CA LEU A 326 -28.93 31.40 -14.08
C LEU A 326 -28.63 30.34 -15.14
N GLU A 327 -27.55 30.49 -15.90
CA GLU A 327 -27.10 29.40 -16.78
C GLU A 327 -26.95 28.09 -16.02
N ASN A 328 -26.42 28.16 -14.80
CA ASN A 328 -26.26 26.97 -13.95
C ASN A 328 -26.05 27.41 -12.51
N TYR A 329 -27.16 27.84 -11.91
CA TYR A 329 -27.15 28.62 -10.65
C TYR A 329 -27.02 27.72 -9.43
N GLN A 330 -26.51 28.29 -8.35
CA GLN A 330 -26.55 27.66 -7.05
C GLN A 330 -27.99 27.23 -6.72
N GLY A 331 -28.12 26.20 -5.90
CA GLY A 331 -29.39 25.82 -5.28
C GLY A 331 -29.31 24.43 -4.68
N GLU A 332 -30.30 24.05 -3.89
CA GLU A 332 -30.37 22.67 -3.39
C GLU A 332 -30.40 21.67 -4.56
N ASP A 333 -30.97 22.07 -5.68
CA ASP A 333 -31.01 21.21 -6.86
C ASP A 333 -29.64 20.70 -7.33
N GLN A 334 -28.58 21.45 -7.06
CA GLN A 334 -27.24 21.05 -7.48
C GLN A 334 -26.79 19.78 -6.77
N ILE A 335 -27.33 19.49 -5.59
CA ILE A 335 -27.05 18.23 -4.89
C ILE A 335 -27.50 16.99 -5.70
N TYR A 336 -28.43 17.23 -6.64
CA TYR A 336 -29.03 16.19 -7.43
C TYR A 336 -28.60 16.29 -8.89
N ASN A 337 -27.44 16.89 -9.15
CA ASN A 337 -26.88 16.82 -10.49
C ASN A 337 -25.67 15.93 -10.48
N TRP A 338 -25.82 14.76 -11.08
CA TRP A 338 -24.81 13.71 -11.10
C TRP A 338 -23.47 14.22 -11.63
N LEU A 339 -23.49 15.01 -12.70
CA LEU A 339 -22.31 15.65 -13.28
CA LEU A 339 -22.22 15.45 -13.28
C LEU A 339 -21.35 16.26 -12.28
N ASN A 340 -21.91 16.80 -11.20
CA ASN A 340 -21.12 17.50 -10.21
C ASN A 340 -20.19 16.65 -9.36
N TYR A 341 -20.44 15.34 -9.32
CA TYR A 341 -19.78 14.45 -8.37
C TYR A 341 -18.47 13.96 -8.94
N GLY A 342 -18.52 13.40 -10.15
CA GLY A 342 -17.33 13.09 -10.95
C GLY A 342 -16.45 11.95 -10.52
N GLY A 343 -16.95 11.08 -9.67
CA GLY A 343 -16.23 9.87 -9.28
C GLY A 343 -16.92 8.67 -9.86
N ASP A 344 -16.57 7.48 -9.39
CA ASP A 344 -17.28 6.30 -9.84
C ASP A 344 -18.67 6.32 -9.17
N ASP A 345 -19.44 5.24 -9.32
CA ASP A 345 -20.77 5.15 -8.72
C ASP A 345 -20.71 5.06 -7.19
N ALA A 346 -19.77 4.29 -6.66
CA ALA A 346 -19.67 4.14 -5.20
C ALA A 346 -19.37 5.49 -4.55
N PHE A 347 -18.38 6.18 -5.13
CA PHE A 347 -17.97 7.48 -4.63
C PHE A 347 -19.11 8.51 -4.68
N ASN A 348 -19.79 8.59 -5.80
CA ASN A 348 -20.85 9.57 -5.95
C ASN A 348 -21.96 9.36 -4.95
N ILE A 349 -22.34 8.09 -4.76
CA ILE A 349 -23.45 7.76 -3.86
C ILE A 349 -23.04 8.02 -2.42
N LYS A 350 -21.84 7.58 -2.05
CA LYS A 350 -21.33 7.82 -0.71
C LYS A 350 -21.33 9.35 -0.44
N SER A 351 -20.94 10.11 -1.47
CA SER A 351 -20.84 11.56 -1.37
C SER A 351 -22.23 12.21 -1.24
N LEU A 352 -23.19 11.77 -2.05
CA LEU A 352 -24.60 12.18 -1.87
C LEU A 352 -25.10 11.99 -0.46
N PHE A 353 -24.88 10.80 0.10
CA PHE A 353 -25.44 10.50 1.43
C PHE A 353 -24.73 11.31 2.50
N ARG A 354 -23.44 11.55 2.31
CA ARG A 354 -22.68 12.32 3.29
C ARG A 354 -23.19 13.75 3.31
N ILE A 355 -23.39 14.30 2.11
CA ILE A 355 -23.87 15.66 1.97
C ILE A 355 -25.23 15.86 2.64
N LEU A 356 -26.16 14.94 2.40
CA LEU A 356 -27.51 15.06 2.98
C LEU A 356 -27.56 14.81 4.49
N SER A 357 -26.55 14.15 5.04
CA SER A 357 -26.59 13.79 6.46
C SER A 357 -25.91 14.82 7.37
N ASN A 358 -25.25 15.82 6.80
CA ASN A 358 -24.54 16.87 7.56
C ASN A 358 -25.04 18.24 7.12
N ASP A 359 -25.71 18.94 8.02
CA ASP A 359 -26.36 20.20 7.66
C ASP A 359 -25.38 21.27 7.10
N ASP A 360 -24.13 21.26 7.59
CA ASP A 360 -23.19 22.27 7.13
C ASP A 360 -22.77 22.01 5.68
N ILE A 361 -22.61 20.75 5.34
CA ILE A 361 -22.20 20.36 4.00
C ILE A 361 -23.33 20.58 3.02
N LYS A 362 -24.53 20.23 3.45
CA LYS A 362 -25.71 20.41 2.62
C LYS A 362 -25.92 21.87 2.28
N SER A 363 -25.85 22.73 3.31
CA SER A 363 -25.97 24.16 3.15
C SER A 363 -24.90 24.70 2.19
N ARG A 364 -23.64 24.37 2.44
CA ARG A 364 -22.55 24.82 1.59
C ARG A 364 -22.75 24.37 0.15
N ALA A 365 -23.14 23.13 -0.05
CA ALA A 365 -23.37 22.59 -1.38
C ALA A 365 -24.49 23.32 -2.08
N THR A 366 -25.48 23.72 -1.28
CA THR A 366 -26.63 24.50 -1.73
C THR A 366 -26.28 25.93 -2.20
N TRP A 367 -25.18 26.50 -1.67
CA TRP A 367 -24.74 27.86 -2.02
C TRP A 367 -23.47 27.94 -2.90
N ALA A 368 -22.83 26.82 -3.17
CA ALA A 368 -21.55 26.81 -3.93
C ALA A 368 -21.75 26.90 -5.45
N ASN A 369 -21.13 27.93 -6.03
CA ASN A 369 -21.09 28.08 -7.49
C ASN A 369 -19.99 29.04 -7.96
N ALA A 370 -18.79 28.88 -7.43
CA ALA A 370 -17.66 29.66 -7.91
C ALA A 370 -17.51 29.49 -9.40
N ALA A 371 -17.08 30.56 -10.05
CA ALA A 371 -16.78 30.52 -11.50
C ALA A 371 -15.52 31.29 -11.80
N ILE A 372 -14.80 30.83 -12.83
CA ILE A 372 -13.81 31.65 -13.48
C ILE A 372 -14.40 32.04 -14.82
N GLY A 373 -14.64 33.33 -14.99
CA GLY A 373 -15.31 33.84 -16.16
C GLY A 373 -14.37 34.42 -17.21
N ILE A 374 -14.92 34.62 -18.39
CA ILE A 374 -14.19 35.28 -19.47
C ILE A 374 -15.14 36.15 -20.30
N LEU A 375 -14.59 37.26 -20.73
CA LEU A 375 -15.22 38.18 -21.63
C LEU A 375 -14.19 38.82 -22.56
N LYS A 376 -14.66 39.25 -23.74
CA LYS A 376 -13.83 39.97 -24.69
C LYS A 376 -14.06 41.46 -24.55
N LEU A 377 -12.99 42.23 -24.67
CA LEU A 377 -13.07 43.69 -24.64
C LEU A 377 -13.06 44.26 -26.05
N ASN A 378 -13.52 45.50 -26.19
CA ASN A 378 -13.42 46.25 -27.44
C ASN A 378 -11.97 46.68 -27.71
N LYS A 379 -11.72 47.36 -28.82
CA LYS A 379 -10.36 47.75 -29.22
C LYS A 379 -9.82 49.03 -28.63
N ASP A 380 -10.62 49.73 -27.84
CA ASP A 380 -10.16 50.95 -27.18
C ASP A 380 -9.28 50.62 -25.95
N GLU A 381 -7.98 50.69 -26.14
CA GLU A 381 -7.01 50.42 -25.08
C GLU A 381 -7.32 51.16 -23.80
N LYS A 382 -7.62 52.47 -23.94
CA LYS A 382 -7.65 53.33 -22.78
C LYS A 382 -9.00 53.44 -22.14
N ASN A 383 -10.03 52.97 -22.83
CA ASN A 383 -11.39 52.99 -22.30
C ASN A 383 -12.08 51.68 -22.63
N PRO A 384 -11.56 50.58 -22.06
CA PRO A 384 -12.09 49.28 -22.35
C PRO A 384 -13.55 49.13 -21.95
N LYS A 385 -14.32 48.47 -22.82
CA LYS A 385 -15.71 48.13 -22.53
C LYS A 385 -15.95 46.71 -22.99
N VAL A 386 -16.93 46.02 -22.37
CA VAL A 386 -17.29 44.68 -22.79
C VAL A 386 -17.76 44.67 -24.28
N ALA A 387 -17.14 43.82 -25.10
CA ALA A 387 -17.57 43.55 -26.45
C ALA A 387 -18.35 42.23 -26.57
N GLU A 388 -17.98 41.22 -25.78
CA GLU A 388 -18.72 39.96 -25.75
C GLU A 388 -18.62 39.20 -24.39
N LEU A 389 -19.69 38.60 -23.93
CA LEU A 389 -19.64 37.73 -22.77
C LEU A 389 -19.68 36.27 -23.19
N TYR A 390 -19.06 35.42 -22.39
CA TYR A 390 -19.04 33.97 -22.60
C TYR A 390 -19.39 33.19 -21.34
N SER A 391 -19.65 31.90 -21.51
CA SER A 391 -19.79 30.98 -20.39
C SER A 391 -18.46 30.86 -19.68
N PRO A 392 -18.48 30.50 -18.39
CA PRO A 392 -17.24 30.38 -17.64
C PRO A 392 -16.29 29.35 -18.24
N LEU A 393 -15.00 29.61 -18.13
CA LEU A 393 -14.00 28.60 -18.42
C LEU A 393 -14.08 27.44 -17.40
N ILE A 394 -14.27 27.78 -16.12
CA ILE A 394 -14.34 26.82 -15.03
C ILE A 394 -15.47 27.18 -14.09
N SER A 395 -16.14 26.19 -13.53
CA SER A 395 -17.11 26.44 -12.46
C SER A 395 -17.10 25.29 -11.45
N ALA A 396 -17.65 25.55 -10.26
CA ALA A 396 -17.62 24.57 -9.16
C ALA A 396 -18.94 24.48 -8.40
N PRO A 397 -20.04 24.40 -9.12
CA PRO A 397 -21.34 24.22 -8.50
C PRO A 397 -21.34 22.99 -7.62
N MET A 398 -21.92 23.14 -6.42
CA MET A 398 -21.99 22.11 -5.39
C MET A 398 -20.68 21.91 -4.59
N VAL A 399 -19.58 22.50 -5.07
CA VAL A 399 -18.25 22.08 -4.66
C VAL A 399 -17.46 23.17 -3.95
N SER A 400 -17.40 24.38 -4.52
CA SER A 400 -16.79 25.54 -3.85
C SER A 400 -17.48 26.84 -4.19
N ASP A 401 -17.46 27.80 -3.27
CA ASP A 401 -17.96 29.15 -3.51
C ASP A 401 -16.83 30.22 -3.50
N GLU A 402 -15.57 29.80 -3.55
CA GLU A 402 -14.47 30.76 -3.78
C GLU A 402 -13.24 30.20 -4.49
N ILE A 403 -12.94 30.75 -5.66
CA ILE A 403 -11.72 30.46 -6.40
C ILE A 403 -11.22 31.82 -6.92
N GLU A 404 -9.97 32.16 -6.56
CA GLU A 404 -9.47 33.53 -6.69
C GLU A 404 -8.30 33.63 -7.64
N ARG A 405 -7.88 34.86 -7.90
CA ARG A 405 -6.74 35.18 -8.74
C ARG A 405 -6.56 34.30 -9.96
N PRO A 406 -7.58 34.24 -10.82
CA PRO A 406 -7.39 33.44 -12.02
C PRO A 406 -6.35 34.14 -12.89
N ASN A 407 -5.57 33.36 -13.60
CA ASN A 407 -4.39 33.83 -14.29
C ASN A 407 -4.14 32.93 -15.49
N VAL A 408 -3.87 33.52 -16.64
CA VAL A 408 -3.56 32.72 -17.83
C VAL A 408 -2.15 33.00 -18.32
N VAL A 409 -1.40 31.92 -18.52
CA VAL A 409 -0.05 31.94 -19.02
C VAL A 409 0.06 31.15 -20.32
N LYS A 410 0.54 31.83 -21.37
CA LYS A 410 0.73 31.23 -22.68
C LYS A 410 2.10 30.56 -22.71
N LEU A 411 2.15 29.26 -22.97
CA LEU A 411 3.42 28.53 -23.03
C LEU A 411 3.34 27.63 -24.22
N GLY A 412 4.36 27.73 -25.08
CA GLY A 412 4.32 27.10 -26.39
C GLY A 412 3.04 27.55 -27.07
N ASN A 413 2.31 26.57 -27.57
CA ASN A 413 1.03 26.84 -28.24
C ASN A 413 -0.16 26.59 -27.36
N LYS A 414 0.04 26.68 -26.06
CA LYS A 414 -1.02 26.39 -25.13
C LYS A 414 -1.29 27.48 -24.07
N TYR A 415 -2.49 27.40 -23.53
CA TYR A 415 -2.95 28.32 -22.51
C TYR A 415 -3.13 27.56 -21.21
N TYR A 416 -2.42 28.02 -20.19
CA TYR A 416 -2.49 27.45 -18.85
C TYR A 416 -3.25 28.41 -17.91
N LEU A 417 -4.37 27.93 -17.36
CA LEU A 417 -5.23 28.71 -16.48
C LEU A 417 -5.01 28.25 -15.04
N PHE A 418 -4.53 29.17 -14.21
CA PHE A 418 -4.21 28.89 -12.82
C PHE A 418 -5.12 29.72 -11.94
N ALA A 419 -5.25 29.30 -10.68
CA ALA A 419 -6.02 30.01 -9.73
C ALA A 419 -5.71 29.54 -8.32
N ALA A 420 -5.91 30.41 -7.34
CA ALA A 420 -5.64 30.07 -5.92
C ALA A 420 -6.95 29.91 -5.20
N THR A 421 -6.98 29.01 -4.24
CA THR A 421 -8.18 28.80 -3.47
C THR A 421 -7.87 28.34 -2.06
N ARG A 422 -8.72 28.78 -1.13
CA ARG A 422 -8.72 28.33 0.24
C ARG A 422 -9.75 27.23 0.20
N LEU A 423 -9.36 25.99 0.54
CA LEU A 423 -10.24 24.87 0.42
C LEU A 423 -11.35 24.89 1.49
N ASN A 424 -11.17 25.64 2.57
CA ASN A 424 -12.24 25.78 3.52
C ASN A 424 -13.39 26.65 3.05
N TRP A 425 -13.33 27.12 1.80
CA TRP A 425 -14.49 27.66 1.10
C TRP A 425 -15.27 26.60 0.34
N GLY A 426 -14.86 25.34 0.48
CA GLY A 426 -15.53 24.23 -0.20
C GLY A 426 -16.63 23.59 0.62
N SER A 427 -17.45 22.77 -0.04
CA SER A 427 -18.59 22.15 0.61
C SER A 427 -18.17 20.94 1.46
N ASN A 428 -17.11 20.25 1.05
CA ASN A 428 -16.71 19.01 1.72
C ASN A 428 -15.93 19.28 3.01
N ASP A 429 -16.65 19.47 4.10
CA ASP A 429 -16.04 19.77 5.41
C ASP A 429 -14.99 18.76 5.84
N ASP A 430 -15.22 17.48 5.58
CA ASP A 430 -14.31 16.42 5.97
C ASP A 430 -12.96 16.64 5.29
N ALA A 431 -12.99 16.85 3.99
CA ALA A 431 -11.76 16.97 3.22
C ALA A 431 -10.89 18.16 3.70
N TRP A 432 -11.47 19.36 3.80
CA TRP A 432 -10.69 20.53 4.25
C TRP A 432 -10.33 20.52 5.73
N MET A 433 -11.17 19.95 6.58
CA MET A 433 -10.80 19.79 7.98
C MET A 433 -9.58 18.85 8.08
N ASN A 434 -9.56 17.80 7.29
CA ASN A 434 -8.44 16.88 7.32
C ASN A 434 -7.15 17.50 6.81
N ALA A 435 -7.29 18.43 5.86
CA ALA A 435 -6.14 19.22 5.39
C ALA A 435 -5.62 20.07 6.54
N ASN A 436 -6.54 20.74 7.23
CA ASN A 436 -6.20 21.51 8.42
C ASN A 436 -5.41 20.68 9.46
N TYR A 437 -5.85 19.45 9.75
CA TYR A 437 -5.18 18.60 10.74
C TYR A 437 -3.78 18.17 10.25
N ALA A 438 -3.66 17.88 8.96
CA ALA A 438 -2.40 17.41 8.41
C ALA A 438 -1.33 18.51 8.40
N VAL A 439 -1.69 19.67 7.86
CA VAL A 439 -0.75 20.75 7.55
C VAL A 439 -0.93 22.02 8.41
N GLY A 440 -2.11 22.27 8.94
CA GLY A 440 -2.45 23.51 9.62
C GLY A 440 -2.96 24.62 8.71
N ASP A 441 -3.18 24.28 7.45
CA ASP A 441 -3.71 25.22 6.42
C ASP A 441 -4.32 24.38 5.30
N ASN A 442 -5.00 25.04 4.36
CA ASN A 442 -5.86 24.37 3.37
C ASN A 442 -5.82 25.07 1.99
N VAL A 443 -4.78 25.85 1.76
CA VAL A 443 -4.65 26.64 0.52
C VAL A 443 -4.00 25.82 -0.59
N ALA A 444 -4.31 26.20 -1.83
CA ALA A 444 -3.79 25.51 -2.99
C ALA A 444 -3.82 26.41 -4.19
N MET A 445 -2.97 26.10 -5.16
CA MET A 445 -3.12 26.59 -6.52
C MET A 445 -3.60 25.43 -7.38
N VAL A 446 -4.62 25.69 -8.19
CA VAL A 446 -5.13 24.71 -9.15
C VAL A 446 -4.79 25.18 -10.57
N GLY A 447 -4.94 24.28 -11.54
CA GLY A 447 -4.55 24.60 -12.89
C GLY A 447 -5.12 23.74 -13.97
N TYR A 448 -5.25 24.33 -15.14
CA TYR A 448 -5.92 23.70 -16.29
C TYR A 448 -5.21 24.11 -17.57
N VAL A 449 -5.45 23.40 -18.66
CA VAL A 449 -4.80 23.75 -19.92
C VAL A 449 -5.78 23.64 -21.08
N ALA A 450 -5.66 24.53 -22.04
CA ALA A 450 -6.45 24.47 -23.26
C ALA A 450 -5.57 24.75 -24.48
N ASP A 451 -6.05 24.33 -25.64
CA ASP A 451 -5.36 24.60 -26.91
C ASP A 451 -5.68 25.97 -27.46
N SER A 452 -6.63 26.68 -26.86
CA SER A 452 -6.86 28.07 -27.25
C SER A 452 -7.42 28.86 -26.06
N LEU A 453 -7.29 30.19 -26.10
CA LEU A 453 -7.62 31.04 -24.98
C LEU A 453 -9.03 30.84 -24.47
N THR A 454 -9.98 30.76 -25.36
CA THR A 454 -11.39 30.59 -24.98
C THR A 454 -11.78 29.12 -24.99
N GLY A 455 -10.81 28.22 -25.15
CA GLY A 455 -11.06 26.84 -25.58
C GLY A 455 -11.52 26.08 -24.38
N SER A 456 -11.57 24.76 -24.48
CA SER A 456 -12.04 23.98 -23.37
C SER A 456 -10.84 23.62 -22.48
N TYR A 457 -10.88 24.06 -21.23
CA TYR A 457 -9.80 23.83 -20.28
C TYR A 457 -9.93 22.49 -19.56
N LYS A 458 -8.82 21.76 -19.51
CA LYS A 458 -8.73 20.44 -18.87
C LYS A 458 -7.74 20.44 -17.69
N PRO A 459 -8.06 19.71 -16.61
CA PRO A 459 -7.27 19.81 -15.40
C PRO A 459 -5.88 19.18 -15.52
N LEU A 460 -4.89 19.84 -14.92
CA LEU A 460 -3.54 19.32 -14.79
C LEU A 460 -3.45 18.34 -13.61
N ASN A 461 -2.47 17.44 -13.65
CA ASN A 461 -2.27 16.45 -12.57
C ASN A 461 -3.55 15.79 -12.14
N ASP A 462 -4.31 15.38 -13.16
CA ASP A 462 -5.59 14.72 -13.06
C ASP A 462 -6.72 15.58 -12.41
N SER A 463 -6.51 16.02 -11.17
CA SER A 463 -7.56 16.66 -10.36
C SER A 463 -7.66 18.19 -10.55
N GLY A 464 -6.60 18.78 -11.07
CA GLY A 464 -6.46 20.19 -11.10
C GLY A 464 -5.42 20.66 -10.10
N VAL A 465 -4.99 19.79 -9.17
CA VAL A 465 -3.98 20.20 -8.21
C VAL A 465 -2.68 20.63 -8.89
N VAL A 466 -2.09 21.70 -8.40
CA VAL A 466 -0.75 22.15 -8.83
C VAL A 466 0.19 22.46 -7.63
N LEU A 467 -0.28 23.28 -6.70
CA LEU A 467 0.48 23.59 -5.46
C LEU A 467 -0.39 23.34 -4.26
N THR A 468 0.19 22.80 -3.19
CA THR A 468 -0.56 22.57 -1.96
C THR A 468 0.16 23.15 -0.74
N ALA A 469 -0.64 23.66 0.22
CA ALA A 469 -0.12 24.23 1.46
C ALA A 469 0.88 23.30 2.15
N SER A 470 1.94 23.86 2.72
CA SER A 470 2.91 23.04 3.44
C SER A 470 3.19 23.42 4.92
N VAL A 471 2.73 24.58 5.36
CA VAL A 471 2.88 24.98 6.77
C VAL A 471 1.62 25.65 7.29
N PRO A 472 1.45 25.71 8.62
CA PRO A 472 0.23 26.28 9.19
C PRO A 472 -0.08 27.72 8.81
N ALA A 473 -1.36 28.05 8.67
CA ALA A 473 -1.80 29.41 8.23
C ALA A 473 -1.29 30.54 9.13
N ASN A 474 -1.05 30.24 10.40
CA ASN A 474 -0.61 31.26 11.33
C ASN A 474 0.91 31.38 11.51
N TRP A 475 1.67 30.61 10.76
CA TRP A 475 3.13 30.81 10.76
C TRP A 475 3.54 31.97 9.90
N ARG A 476 4.72 32.51 10.24
CA ARG A 476 5.39 33.55 9.44
C ARG A 476 5.51 33.15 7.96
N THR A 477 5.87 31.89 7.68
CA THR A 477 6.13 31.47 6.29
C THR A 477 4.89 30.95 5.56
N ALA A 478 3.70 31.08 6.14
CA ALA A 478 2.49 30.72 5.42
C ALA A 478 2.43 31.59 4.16
N THR A 479 1.78 31.07 3.10
CA THR A 479 1.61 31.81 1.87
C THR A 479 0.20 31.69 1.33
N TYR A 480 -0.18 32.64 0.48
CA TYR A 480 -1.42 32.58 -0.29
C TYR A 480 -1.33 33.48 -1.52
N SER A 481 -2.29 33.32 -2.43
CA SER A 481 -2.44 34.18 -3.60
C SER A 481 -1.32 33.90 -4.61
N TYR A 482 -1.05 32.60 -4.77
CA TYR A 482 -0.10 32.12 -5.72
C TYR A 482 -0.44 32.72 -7.08
N TYR A 483 0.57 33.28 -7.72
CA TYR A 483 0.44 33.95 -9.00
C TYR A 483 1.69 33.68 -9.83
N ALA A 484 1.51 32.92 -10.91
CA ALA A 484 2.61 32.49 -11.73
C ALA A 484 2.95 33.49 -12.86
N VAL A 485 4.24 33.68 -13.08
CA VAL A 485 4.72 34.65 -14.04
C VAL A 485 5.64 33.94 -15.04
N PRO A 486 5.50 34.21 -16.34
CA PRO A 486 6.41 33.57 -17.28
C PRO A 486 7.84 33.99 -17.06
N VAL A 487 8.72 33.16 -17.60
CA VAL A 487 10.16 33.31 -17.47
C VAL A 487 10.75 33.42 -18.88
N ALA A 488 11.49 34.48 -19.12
CA ALA A 488 12.06 34.76 -20.46
C ALA A 488 12.89 33.57 -20.94
N GLY A 489 12.66 33.15 -22.17
CA GLY A 489 13.42 32.05 -22.77
C GLY A 489 13.04 30.62 -22.39
N LYS A 490 11.96 30.46 -21.62
CA LYS A 490 11.55 29.13 -21.20
C LYS A 490 10.09 28.93 -21.56
N ASP A 491 9.81 27.84 -22.27
CA ASP A 491 8.43 27.51 -22.64
C ASP A 491 7.83 26.50 -21.70
N ASP A 492 8.56 26.10 -20.66
CA ASP A 492 8.13 25.03 -19.76
C ASP A 492 8.38 25.34 -18.26
N GLN A 493 8.46 26.63 -17.92
CA GLN A 493 8.62 27.05 -16.53
C GLN A 493 7.83 28.32 -16.29
N VAL A 494 7.26 28.42 -15.10
CA VAL A 494 6.74 29.68 -14.62
C VAL A 494 7.36 29.95 -13.23
N LEU A 495 7.47 31.23 -12.89
CA LEU A 495 7.92 31.67 -11.57
C LEU A 495 6.67 31.90 -10.71
N VAL A 496 6.57 31.19 -9.59
CA VAL A 496 5.45 31.34 -8.69
C VAL A 496 5.73 32.37 -7.60
N THR A 497 4.96 33.46 -7.66
CA THR A 497 4.99 34.48 -6.65
C THR A 497 3.80 34.30 -5.76
N SER A 498 3.90 34.86 -4.56
CA SER A 498 2.85 34.81 -3.56
C SER A 498 3.11 35.83 -2.49
N TYR A 499 2.11 36.06 -1.65
CA TYR A 499 2.34 36.84 -0.45
C TYR A 499 2.51 35.90 0.71
N MET A 500 3.22 36.41 1.73
CA MET A 500 3.68 35.59 2.87
C MET A 500 3.29 36.26 4.18
N THR A 501 2.90 35.43 5.12
CA THR A 501 2.39 35.84 6.40
C THR A 501 0.97 36.32 6.24
N ASN A 502 0.04 35.60 6.89
CA ASN A 502 -1.37 36.00 6.80
C ASN A 502 -1.62 37.32 7.54
N ARG A 503 -2.67 38.01 7.14
CA ARG A 503 -2.93 39.41 7.56
C ARG A 503 -3.36 39.56 9.01
N ASN A 504 -3.33 40.81 9.48
CA ASN A 504 -3.91 41.18 10.76
C ASN A 504 -3.23 40.56 11.96
N GLY A 505 -1.93 40.32 11.84
CA GLY A 505 -1.14 39.99 12.99
C GLY A 505 -1.36 38.60 13.52
N VAL A 506 -2.06 37.72 12.78
CA VAL A 506 -2.22 36.31 13.23
C VAL A 506 -0.92 35.55 13.44
N ALA A 507 0.18 35.96 12.81
CA ALA A 507 1.48 35.35 13.10
C ALA A 507 2.27 36.02 14.23
N GLY A 508 1.76 37.11 14.77
CA GLY A 508 2.46 37.81 15.82
C GLY A 508 2.53 39.28 15.56
N LYS A 509 2.80 39.99 16.66
CA LYS A 509 2.94 41.43 16.68
C LYS A 509 4.07 41.83 15.72
N GLY A 510 3.79 42.80 14.86
CA GLY A 510 4.78 43.25 13.89
C GLY A 510 5.04 42.36 12.69
N MET A 511 4.41 41.19 12.60
CA MET A 511 4.60 40.32 11.46
C MET A 511 3.59 40.68 10.36
N ASP A 512 3.97 41.60 9.49
CA ASP A 512 3.11 42.05 8.43
C ASP A 512 3.15 41.11 7.22
N SER A 513 2.02 41.02 6.51
CA SER A 513 1.99 40.34 5.24
C SER A 513 3.01 41.02 4.36
N THR A 514 3.82 40.20 3.69
CA THR A 514 4.96 40.66 2.91
C THR A 514 5.02 39.82 1.63
N TRP A 515 6.04 40.05 0.82
CA TRP A 515 6.18 39.32 -0.44
C TRP A 515 7.00 38.06 -0.16
N ALA A 516 6.48 36.94 -0.59
CA ALA A 516 7.25 35.71 -0.44
C ALA A 516 8.45 35.66 -1.36
N PRO A 517 9.42 34.79 -1.00
CA PRO A 517 10.35 34.26 -1.96
C PRO A 517 9.55 33.56 -3.07
N SER A 518 10.05 33.65 -4.31
CA SER A 518 9.39 33.06 -5.46
C SER A 518 10.14 31.76 -5.82
N PHE A 519 9.47 30.83 -6.51
CA PHE A 519 10.09 29.55 -6.85
C PHE A 519 9.59 29.07 -8.17
N LEU A 520 10.44 28.31 -8.88
CA LEU A 520 10.07 27.82 -10.20
C LEU A 520 9.17 26.59 -10.11
N LEU A 521 8.31 26.49 -11.13
CA LEU A 521 7.38 25.42 -11.30
C LEU A 521 7.53 25.00 -12.76
N GLN A 522 7.76 23.72 -12.96
CA GLN A 522 7.97 23.19 -14.28
C GLN A 522 6.64 22.68 -14.81
N ILE A 523 6.43 22.91 -16.10
CA ILE A 523 5.22 22.47 -16.79
C ILE A 523 5.63 21.41 -17.80
N ASN A 524 5.10 20.20 -17.63
CA ASN A 524 5.51 19.06 -18.40
C ASN A 524 4.56 18.83 -19.56
N PRO A 525 5.06 18.26 -20.66
CA PRO A 525 4.21 18.19 -21.85
C PRO A 525 3.06 17.18 -21.75
N ASP A 526 3.04 16.35 -20.70
CA ASP A 526 1.91 15.46 -20.46
C ASP A 526 0.85 16.00 -19.47
N ASN A 527 0.80 17.33 -19.29
CA ASN A 527 -0.22 17.98 -18.44
C ASN A 527 -0.05 17.67 -16.98
N THR A 528 1.22 17.42 -16.60
CA THR A 528 1.61 17.43 -15.20
C THR A 528 2.53 18.59 -14.91
N THR A 529 2.72 18.85 -13.62
CA THR A 529 3.60 19.91 -13.18
C THR A 529 4.52 19.39 -12.09
N THR A 530 5.66 20.07 -11.94
CA THR A 530 6.65 19.70 -10.95
C THR A 530 7.28 20.93 -10.30
N VAL A 531 7.06 21.06 -9.00
CA VAL A 531 7.69 22.10 -8.23
C VAL A 531 9.19 21.91 -8.29
N LEU A 532 9.93 22.97 -8.61
CA LEU A 532 11.36 22.91 -8.61
C LEU A 532 11.95 23.61 -7.39
N ALA A 533 13.12 23.11 -7.00
CA ALA A 533 13.80 23.60 -5.81
C ALA A 533 14.53 24.93 -6.01
N LYS A 534 14.22 25.64 -7.09
CA LYS A 534 14.88 26.87 -7.40
C LYS A 534 14.11 28.02 -6.77
N MET A 535 14.80 28.85 -6.00
CA MET A 535 14.12 29.88 -5.19
C MET A 535 14.86 31.23 -5.25
N THR A 536 14.10 32.32 -5.20
CA THR A 536 14.63 33.69 -5.27
C THR A 536 14.63 34.37 -3.91
N ASN A 537 15.13 35.59 -3.87
CA ASN A 537 14.83 36.48 -2.75
C ASN A 537 13.34 36.77 -2.65
N GLN A 538 12.94 37.36 -1.54
CA GLN A 538 11.58 37.85 -1.38
C GLN A 538 11.28 38.87 -2.46
N GLY A 539 10.11 38.75 -3.08
CA GLY A 539 9.57 39.82 -3.96
C GLY A 539 10.27 39.89 -5.31
N ASP A 540 10.86 38.77 -5.74
CA ASP A 540 11.43 38.65 -7.07
C ASP A 540 10.32 38.21 -8.06
N TRP A 541 10.07 39.07 -9.05
CA TRP A 541 9.11 38.85 -10.13
C TRP A 541 9.76 38.35 -11.42
N ILE A 542 11.10 38.38 -11.45
CA ILE A 542 11.86 38.15 -12.69
C ILE A 542 12.93 37.10 -12.47
N TRP A 543 12.70 35.91 -12.97
CA TRP A 543 13.67 34.85 -12.83
C TRP A 543 14.78 34.96 -13.85
N ASP A 544 16.02 34.82 -13.39
CA ASP A 544 17.17 34.57 -14.27
C ASP A 544 18.23 33.84 -13.44
N ASP A 545 19.38 33.55 -14.03
CA ASP A 545 20.39 32.73 -13.31
C ASP A 545 20.85 33.44 -12.05
N SER A 546 21.16 34.73 -12.21
CA SER A 546 21.49 35.67 -11.11
C SER A 546 20.47 35.70 -9.94
N SER A 547 19.24 35.25 -10.14
CA SER A 547 18.19 35.45 -9.13
C SER A 547 18.12 34.39 -8.00
N GLU A 548 18.75 33.24 -8.19
CA GLU A 548 18.67 32.17 -7.23
C GLU A 548 19.39 32.50 -5.93
N ASN A 549 18.73 32.20 -4.81
CA ASN A 549 19.31 32.37 -3.50
C ASN A 549 19.02 31.22 -2.57
N LEU A 550 20.03 30.38 -2.44
CA LEU A 550 19.97 29.17 -1.68
C LEU A 550 19.74 29.44 -0.21
N ASP A 551 20.17 30.62 0.27
CA ASP A 551 19.92 30.98 1.67
C ASP A 551 18.43 31.02 2.05
N MET A 552 17.53 31.24 1.10
CA MET A 552 16.08 31.30 1.40
C MET A 552 15.40 29.94 1.62
N ILE A 553 16.05 28.87 1.20
CA ILE A 553 15.44 27.55 1.25
C ILE A 553 15.38 27.08 2.70
N GLY A 554 14.21 26.61 3.09
CA GLY A 554 13.99 26.03 4.40
C GLY A 554 13.75 24.51 4.38
N ASP A 555 13.62 23.94 5.56
CA ASP A 555 13.09 22.59 5.78
C ASP A 555 12.05 22.74 6.86
N LEU A 556 11.39 21.63 7.21
CA LEU A 556 10.28 21.72 8.15
C LEU A 556 10.68 22.42 9.45
N ASP A 557 11.87 22.10 9.94
CA ASP A 557 12.39 22.71 11.15
C ASP A 557 12.59 24.25 11.02
N SER A 558 13.29 24.71 9.99
CA SER A 558 13.64 26.11 9.91
C SER A 558 12.52 26.93 9.24
N ALA A 559 11.42 26.26 8.91
CA ALA A 559 10.26 26.95 8.34
C ALA A 559 9.49 27.70 9.40
N ALA A 560 9.72 27.35 10.66
CA ALA A 560 9.13 28.02 11.82
C ALA A 560 10.16 28.87 12.56
N LEU A 561 9.75 30.08 12.96
CA LEU A 561 10.48 30.84 13.99
C LEU A 561 10.37 30.16 15.37
N PRO A 562 11.30 30.47 16.29
CA PRO A 562 11.19 29.90 17.65
C PRO A 562 9.83 30.16 18.29
N GLY A 563 9.26 29.13 18.90
CA GLY A 563 7.94 29.22 19.52
C GLY A 563 6.81 28.71 18.63
N GLU A 564 6.96 28.87 17.31
CA GLU A 564 5.84 28.67 16.35
C GLU A 564 5.38 27.20 16.23
N ARG A 565 6.29 26.24 16.32
CA ARG A 565 5.87 24.84 16.30
C ARG A 565 4.90 24.49 17.42
N ASP A 566 5.08 25.10 18.59
CA ASP A 566 4.31 24.77 19.81
C ASP A 566 3.05 25.63 20.00
N LYS A 567 2.73 26.45 19.01
CA LYS A 567 1.64 27.43 19.08
C LYS A 567 0.34 26.70 18.66
N PRO A 568 -0.78 26.98 19.37
CA PRO A 568 -2.02 26.35 18.97
C PRO A 568 -2.33 26.84 17.57
N VAL A 569 -3.06 26.04 16.80
CA VAL A 569 -3.74 26.53 15.60
C VAL A 569 -4.65 27.73 15.91
N ASP A 570 -4.91 28.54 14.88
CA ASP A 570 -5.93 29.58 14.96
C ASP A 570 -7.11 29.05 14.13
N TRP A 571 -8.10 28.46 14.80
CA TRP A 571 -9.25 27.85 14.11
C TRP A 571 -10.27 28.86 13.56
N ASP A 572 -10.31 30.06 14.12
CA ASP A 572 -11.05 31.19 13.51
C ASP A 572 -10.57 31.48 12.11
N LEU A 573 -9.27 31.32 11.88
CA LEU A 573 -8.70 31.62 10.58
C LEU A 573 -8.87 30.48 9.54
N ILE A 574 -8.64 29.23 9.95
CA ILE A 574 -8.65 28.12 9.01
C ILE A 574 -9.96 27.31 8.92
N GLY A 575 -10.87 27.49 9.91
CA GLY A 575 -12.18 26.79 9.98
C GLY A 575 -13.19 27.37 9.00
N LYS B 59 15.06 -5.36 -54.09
CA LYS B 59 14.73 -6.80 -53.94
C LYS B 59 13.92 -7.16 -52.64
N LEU B 60 13.25 -6.19 -51.99
CA LEU B 60 12.67 -6.39 -50.64
C LEU B 60 11.77 -7.59 -50.51
N ASN B 61 11.83 -8.32 -49.40
CA ASN B 61 10.86 -9.38 -49.12
C ASN B 61 9.65 -8.71 -48.51
N LYS B 62 8.60 -9.46 -48.19
CA LYS B 62 7.31 -8.82 -47.94
C LYS B 62 7.14 -8.25 -46.53
N ASP B 63 7.72 -8.90 -45.52
CA ASP B 63 7.74 -8.33 -44.17
C ASP B 63 8.50 -6.99 -44.12
N ALA B 64 9.64 -6.94 -44.83
CA ALA B 64 10.44 -5.71 -44.92
C ALA B 64 9.72 -4.64 -45.69
N GLU B 65 9.15 -5.03 -46.83
CA GLU B 65 8.26 -4.17 -47.63
C GLU B 65 7.24 -3.49 -46.69
N ASN B 66 6.58 -4.32 -45.91
CA ASN B 66 5.58 -3.89 -44.94
C ASN B 66 6.02 -2.73 -44.02
N VAL B 67 7.16 -2.88 -43.36
CA VAL B 67 7.62 -1.86 -42.39
C VAL B 67 8.24 -0.64 -43.05
N VAL B 68 8.76 -0.80 -44.27
CA VAL B 68 9.26 0.35 -45.03
C VAL B 68 8.10 1.29 -45.40
N LYS B 69 6.98 0.70 -45.79
CA LYS B 69 5.82 1.50 -46.15
C LYS B 69 5.28 2.19 -44.91
N LYS B 70 5.06 1.44 -43.83
CA LYS B 70 4.52 2.04 -42.61
C LYS B 70 5.39 3.17 -42.10
N ALA B 71 6.71 3.06 -42.33
CA ALA B 71 7.65 4.10 -41.94
C ALA B 71 7.62 5.34 -42.82
N GLY B 72 6.92 5.25 -43.96
CA GLY B 72 6.84 6.36 -44.90
C GLY B 72 8.10 6.54 -45.71
N ILE B 73 8.81 5.43 -45.97
CA ILE B 73 10.02 5.48 -46.76
C ILE B 73 9.77 4.96 -48.15
N ASP B 74 10.27 5.69 -49.12
CA ASP B 74 10.22 5.31 -50.53
C ASP B 74 11.16 4.13 -50.74
N PRO B 75 10.63 2.93 -51.07
CA PRO B 75 11.52 1.80 -51.37
C PRO B 75 12.64 2.09 -52.38
N ASN B 76 12.41 3.00 -53.31
CA ASN B 76 13.39 3.31 -54.38
C ASN B 76 14.58 4.11 -53.89
N SER B 77 14.51 4.66 -52.68
CA SER B 77 15.62 5.41 -52.09
C SER B 77 16.64 4.53 -51.34
N LEU B 78 16.49 3.20 -51.40
CA LEU B 78 17.30 2.28 -50.60
C LEU B 78 18.46 1.63 -51.37
N THR B 79 19.66 1.60 -50.79
CA THR B 79 20.82 0.91 -51.40
C THR B 79 20.58 -0.61 -51.44
N ASP B 80 21.43 -1.34 -52.14
CA ASP B 80 21.32 -2.83 -52.15
C ASP B 80 21.61 -3.39 -50.76
N ASP B 81 22.59 -2.77 -50.09
CA ASP B 81 23.00 -3.17 -48.74
C ASP B 81 21.88 -2.97 -47.71
N GLN B 82 21.18 -1.84 -47.82
CA GLN B 82 20.02 -1.54 -46.98
C GLN B 82 18.89 -2.55 -47.18
N ILE B 83 18.63 -2.92 -48.42
CA ILE B 83 17.61 -3.91 -48.72
C ILE B 83 18.01 -5.28 -48.16
N LYS B 84 19.26 -5.68 -48.41
CA LYS B 84 19.77 -6.97 -47.92
C LYS B 84 19.67 -7.06 -46.36
N ALA B 85 19.92 -5.94 -45.69
CA ALA B 85 19.86 -5.87 -44.23
C ALA B 85 18.42 -6.00 -43.74
N LEU B 86 17.52 -5.19 -44.29
CA LEU B 86 16.10 -5.32 -43.96
C LEU B 86 15.57 -6.72 -44.25
N ASN B 87 16.07 -7.37 -45.29
CA ASN B 87 15.68 -8.76 -45.57
C ASN B 87 16.16 -9.81 -44.57
N LYS B 88 17.19 -9.50 -43.78
CA LYS B 88 17.65 -10.41 -42.74
C LYS B 88 16.86 -10.28 -41.46
N MET B 89 16.05 -9.24 -41.36
CA MET B 89 15.49 -8.85 -40.08
C MET B 89 14.54 -9.91 -39.60
N ASN B 90 14.76 -10.34 -38.37
CA ASN B 90 13.87 -11.24 -37.71
C ASN B 90 12.82 -10.48 -36.93
N PHE B 91 11.56 -10.71 -37.24
CA PHE B 91 10.48 -10.00 -36.57
C PHE B 91 9.80 -10.81 -35.45
N SER B 92 10.42 -11.87 -34.97
CA SER B 92 9.86 -12.55 -33.81
C SER B 92 9.64 -11.55 -32.64
N LYS B 93 8.51 -11.68 -31.91
CA LYS B 93 8.28 -10.81 -30.75
C LYS B 93 8.46 -11.52 -29.41
N ALA B 94 8.79 -12.80 -29.43
CA ALA B 94 9.06 -13.58 -28.21
C ALA B 94 10.32 -13.13 -27.41
N ALA B 95 10.11 -12.64 -26.20
CA ALA B 95 11.20 -12.24 -25.32
C ALA B 95 11.93 -13.46 -24.76
N LYS B 96 13.23 -13.54 -24.95
CA LYS B 96 14.00 -14.69 -24.52
C LYS B 96 14.74 -14.52 -23.19
N SER B 97 14.99 -13.26 -22.78
CA SER B 97 15.85 -13.02 -21.62
C SER B 97 15.34 -11.85 -20.77
N GLY B 98 14.08 -11.95 -20.35
CA GLY B 98 13.44 -10.95 -19.50
C GLY B 98 13.10 -9.65 -20.19
N THR B 99 12.79 -8.64 -19.39
CA THR B 99 12.50 -7.33 -19.96
C THR B 99 13.80 -6.69 -20.50
N GLN B 100 13.71 -6.08 -21.68
CA GLN B 100 14.88 -5.51 -22.30
C GLN B 100 14.91 -3.99 -22.18
N MET B 101 16.09 -3.43 -21.98
CA MET B 101 16.33 -2.03 -22.34
C MET B 101 16.55 -2.01 -23.86
N THR B 102 15.59 -1.46 -24.57
CA THR B 102 15.65 -1.42 -26.03
C THR B 102 16.54 -0.27 -26.51
N TYR B 103 16.90 -0.32 -27.79
CA TYR B 103 17.67 0.76 -28.43
C TYR B 103 16.94 2.12 -28.27
N ASN B 104 15.62 2.08 -28.38
CA ASN B 104 14.78 3.25 -28.16
C ASN B 104 14.78 3.70 -26.70
N ASP B 105 14.65 2.77 -25.75
CA ASP B 105 14.76 3.13 -24.32
C ASP B 105 16.07 3.87 -24.07
N PHE B 106 17.16 3.34 -24.60
CA PHE B 106 18.48 3.91 -24.35
C PHE B 106 18.55 5.31 -24.90
N GLN B 107 18.06 5.48 -26.11
CA GLN B 107 18.12 6.77 -26.73
C GLN B 107 17.27 7.76 -25.95
N LYS B 108 16.11 7.31 -25.52
CA LYS B 108 15.27 8.15 -24.63
C LYS B 108 15.93 8.50 -23.29
N ILE B 109 16.65 7.55 -22.69
CA ILE B 109 17.41 7.83 -21.47
C ILE B 109 18.47 8.90 -21.72
N ALA B 110 19.20 8.77 -22.81
CA ALA B 110 20.18 9.78 -23.16
C ALA B 110 19.52 11.13 -23.40
N ASP B 111 18.44 11.15 -24.17
CA ASP B 111 17.73 12.39 -24.45
C ASP B 111 17.39 13.09 -23.13
N THR B 112 16.69 12.37 -22.26
CA THR B 112 16.31 12.88 -20.97
C THR B 112 17.52 13.45 -20.18
N LEU B 113 18.65 12.75 -20.20
CA LEU B 113 19.83 13.26 -19.51
C LEU B 113 20.23 14.57 -20.14
N ILE B 114 20.15 14.65 -21.46
CA ILE B 114 20.52 15.88 -22.20
C ILE B 114 19.63 17.07 -21.87
N LYS B 115 18.32 16.85 -21.76
CA LYS B 115 17.40 17.90 -21.34
C LYS B 115 17.60 18.40 -19.91
N GLN B 116 18.27 17.63 -19.05
CA GLN B 116 18.54 18.06 -17.69
C GLN B 116 17.23 18.47 -16.96
N ASP B 117 16.25 17.60 -17.07
CA ASP B 117 14.94 17.75 -16.45
C ASP B 117 14.99 17.56 -14.91
N GLY B 118 14.47 18.54 -14.18
CA GLY B 118 14.49 18.59 -12.71
C GLY B 118 13.90 17.38 -12.01
N ARG B 119 12.97 16.68 -12.66
CA ARG B 119 12.43 15.45 -12.11
C ARG B 119 13.45 14.34 -11.94
N TYR B 120 14.51 14.35 -12.77
CA TYR B 120 15.45 13.24 -12.83
C TYR B 120 16.91 13.59 -12.55
N THR B 121 17.31 14.85 -12.68
CA THR B 121 18.69 15.22 -12.50
C THR B 121 19.18 15.02 -11.08
N VAL B 122 20.41 14.55 -10.94
CA VAL B 122 21.06 14.53 -9.63
C VAL B 122 21.12 16.00 -9.17
N PRO B 123 20.70 16.27 -7.94
CA PRO B 123 20.78 17.63 -7.45
C PRO B 123 22.21 18.10 -7.42
N PHE B 124 22.32 19.42 -7.55
CA PHE B 124 23.57 20.11 -7.38
C PHE B 124 24.01 20.07 -5.93
N PHE B 125 25.31 19.84 -5.72
CA PHE B 125 25.89 19.78 -4.40
C PHE B 125 26.82 21.00 -4.21
N LYS B 126 26.76 21.66 -3.05
CA LYS B 126 27.66 22.76 -2.79
C LYS B 126 29.11 22.26 -2.68
N ALA B 127 29.90 22.54 -3.72
CA ALA B 127 31.24 21.98 -3.85
C ALA B 127 32.17 22.26 -2.68
N SER B 128 32.12 23.50 -2.18
CA SER B 128 32.94 23.97 -1.04
C SER B 128 32.76 23.18 0.23
N GLU B 129 31.66 22.46 0.37
CA GLU B 129 31.39 21.70 1.59
C GLU B 129 31.99 20.28 1.54
N ILE B 130 32.52 19.89 0.40
CA ILE B 130 32.88 18.50 0.17
C ILE B 130 34.29 18.13 0.65
N LYS B 131 34.40 17.05 1.42
CA LYS B 131 35.63 16.60 2.03
C LYS B 131 35.95 15.13 1.71
N ASN B 132 37.23 14.83 1.63
CA ASN B 132 37.69 13.47 1.81
C ASN B 132 37.22 12.89 3.12
N MET B 133 36.86 11.61 3.11
CA MET B 133 36.41 10.95 4.33
C MET B 133 37.59 10.66 5.25
N PRO B 134 37.55 11.15 6.49
CA PRO B 134 38.72 10.84 7.31
C PRO B 134 39.05 9.35 7.49
N ALA B 135 38.05 8.50 7.59
CA ALA B 135 38.31 7.04 7.69
C ALA B 135 38.87 6.40 6.40
N ALA B 136 38.91 7.15 5.31
CA ALA B 136 39.54 6.65 4.09
C ALA B 136 41.04 6.96 4.10
N THR B 137 41.52 7.67 5.12
CA THR B 137 42.95 7.72 5.42
C THR B 137 43.22 6.58 6.40
N THR B 138 43.90 5.55 5.94
CA THR B 138 43.97 4.29 6.68
C THR B 138 45.06 3.39 6.11
N LYS B 139 45.43 2.35 6.86
CA LYS B 139 46.44 1.44 6.41
C LYS B 139 45.98 0.70 5.13
N ASP B 140 46.73 0.86 4.05
CA ASP B 140 46.34 0.26 2.78
C ASP B 140 46.45 -1.26 2.79
N ALA B 141 45.49 -1.93 2.17
CA ALA B 141 45.49 -3.40 2.18
C ALA B 141 46.71 -4.04 1.51
N GLN B 142 47.31 -3.36 0.52
CA GLN B 142 48.45 -3.90 -0.25
C GLN B 142 49.83 -3.38 0.22
N THR B 143 50.00 -2.07 0.37
CA THR B 143 51.27 -1.51 0.75
C THR B 143 51.55 -1.59 2.24
N ASN B 144 50.53 -1.93 3.01
CA ASN B 144 50.57 -1.87 4.47
C ASN B 144 50.98 -0.52 5.08
N THR B 145 50.78 0.58 4.36
CA THR B 145 51.16 1.90 4.86
C THR B 145 49.94 2.82 4.86
N ILE B 146 49.82 3.67 5.87
CA ILE B 146 48.69 4.60 5.99
C ILE B 146 48.73 5.59 4.86
N GLU B 147 47.66 5.62 4.06
CA GLU B 147 47.57 6.54 2.94
C GLU B 147 46.14 7.09 2.87
N PRO B 148 45.98 8.27 2.23
CA PRO B 148 44.64 8.73 1.84
C PRO B 148 44.13 7.98 0.60
N LEU B 149 43.06 7.22 0.79
CA LEU B 149 42.50 6.34 -0.25
C LEU B 149 41.28 6.96 -0.97
N ASP B 150 41.16 6.65 -2.26
CA ASP B 150 39.91 6.81 -2.96
C ASP B 150 38.96 5.83 -2.24
N VAL B 151 37.75 6.29 -1.92
CA VAL B 151 36.68 5.39 -1.54
C VAL B 151 35.57 5.53 -2.54
N TRP B 152 35.13 4.41 -3.10
CA TRP B 152 34.05 4.39 -4.07
C TRP B 152 32.88 3.45 -3.64
N ASP B 153 32.44 2.52 -4.52
CA ASP B 153 31.31 1.63 -4.26
C ASP B 153 31.28 1.24 -2.81
N SER B 154 30.17 1.58 -2.13
CA SER B 154 29.97 1.27 -0.70
C SER B 154 28.54 0.83 -0.43
N TRP B 155 28.32 0.04 0.60
CA TRP B 155 26.97 -0.41 0.95
C TRP B 155 26.84 -0.68 2.45
N PRO B 156 25.70 -0.37 3.04
CA PRO B 156 25.48 -0.67 4.42
C PRO B 156 25.16 -2.16 4.62
N VAL B 157 25.38 -2.67 5.81
CA VAL B 157 24.78 -3.92 6.19
C VAL B 157 23.31 -3.66 6.37
N GLN B 158 22.49 -4.47 5.72
CA GLN B 158 21.05 -4.27 5.66
C GLN B 158 20.30 -5.46 6.28
N ASP B 159 19.09 -5.18 6.76
CA ASP B 159 18.14 -6.22 7.11
C ASP B 159 17.81 -6.96 5.81
N VAL B 160 17.98 -8.28 5.85
CA VAL B 160 17.83 -9.10 4.64
C VAL B 160 16.42 -9.07 4.02
N ARG B 161 15.41 -8.79 4.87
CA ARG B 161 14.02 -8.71 4.43
C ARG B 161 13.58 -7.32 3.98
N THR B 162 13.82 -6.29 4.82
CA THR B 162 13.32 -4.94 4.54
C THR B 162 14.29 -4.07 3.80
N GLY B 163 15.57 -4.44 3.83
CA GLY B 163 16.61 -3.61 3.22
C GLY B 163 17.04 -2.41 4.04
N GLN B 164 16.51 -2.28 5.24
CA GLN B 164 16.84 -1.14 6.08
C GLN B 164 18.26 -1.26 6.57
N VAL B 165 18.86 -0.13 6.87
CA VAL B 165 20.19 -0.13 7.45
C VAL B 165 20.11 -0.84 8.79
N ALA B 166 20.92 -1.85 8.98
CA ALA B 166 20.80 -2.69 10.14
C ALA B 166 21.42 -2.01 11.35
N ASN B 167 20.87 -2.34 12.52
CA ASN B 167 21.42 -1.86 13.78
C ASN B 167 22.09 -3.04 14.41
N TRP B 168 23.41 -2.98 14.49
CA TRP B 168 24.20 -4.06 15.08
C TRP B 168 24.77 -3.53 16.39
N ASN B 169 24.17 -3.92 17.51
CA ASN B 169 24.58 -3.50 18.84
C ASN B 169 24.74 -2.00 18.96
N GLY B 170 23.86 -1.22 18.33
CA GLY B 170 23.93 0.23 18.36
C GLY B 170 24.87 0.86 17.36
N TYR B 171 25.49 0.04 16.50
CA TYR B 171 26.24 0.55 15.37
C TYR B 171 25.52 0.37 13.99
N GLN B 172 25.87 1.26 13.05
CA GLN B 172 25.67 1.05 11.62
C GLN B 172 27.02 0.59 11.01
N LEU B 173 26.93 -0.31 10.05
CA LEU B 173 28.06 -0.96 9.43
C LEU B 173 27.96 -0.76 7.93
N VAL B 174 29.10 -0.38 7.35
CA VAL B 174 29.20 -0.16 5.92
C VAL B 174 30.44 -0.87 5.37
N ILE B 175 30.34 -1.38 4.16
CA ILE B 175 31.45 -2.02 3.51
C ILE B 175 31.75 -1.23 2.25
N ALA B 176 33.05 -1.00 2.01
CA ALA B 176 33.48 -0.02 1.03
C ALA B 176 34.72 -0.46 0.28
N MET B 177 34.68 -0.28 -1.02
CA MET B 177 35.85 -0.40 -1.83
C MET B 177 36.72 0.83 -1.59
N MET B 178 37.98 0.59 -1.23
CA MET B 178 39.01 1.63 -1.22
C MET B 178 40.33 1.14 -1.82
N GLY B 179 41.16 2.13 -2.13
CA GLY B 179 42.45 1.94 -2.78
C GLY B 179 43.17 3.25 -3.04
N ILE B 180 44.48 3.14 -3.23
CA ILE B 180 45.32 4.29 -3.48
C ILE B 180 45.03 4.82 -4.87
N PRO B 181 44.79 6.14 -5.01
CA PRO B 181 44.59 6.72 -6.33
C PRO B 181 45.72 6.36 -7.27
N ASN B 182 45.34 6.01 -8.50
CA ASN B 182 46.29 5.69 -9.58
C ASN B 182 47.08 4.40 -9.37
N GLN B 183 46.58 3.53 -8.51
CA GLN B 183 47.12 2.21 -8.40
C GLN B 183 46.06 1.21 -8.57
N ASN B 184 46.48 0.01 -8.94
CA ASN B 184 45.60 -1.13 -9.02
C ASN B 184 45.46 -1.73 -7.63
N ASP B 185 44.40 -1.37 -6.92
CA ASP B 185 44.33 -1.59 -5.48
C ASP B 185 42.86 -1.72 -5.05
N ASN B 186 42.26 -2.87 -5.39
CA ASN B 186 40.84 -3.06 -5.25
C ASN B 186 40.50 -4.06 -4.19
N HIS B 187 40.15 -3.52 -3.02
CA HIS B 187 39.83 -4.30 -1.82
C HIS B 187 38.74 -3.62 -1.02
N ILE B 188 38.06 -4.41 -0.19
CA ILE B 188 36.96 -3.95 0.62
C ILE B 188 37.30 -3.82 2.09
N TYR B 189 36.75 -2.79 2.69
CA TYR B 189 37.05 -2.42 4.06
C TYR B 189 35.72 -2.31 4.82
N LEU B 190 35.77 -2.63 6.14
CA LEU B 190 34.61 -2.54 7.03
C LEU B 190 34.69 -1.26 7.83
N LEU B 191 33.60 -0.47 7.81
CA LEU B 191 33.51 0.75 8.62
C LEU B 191 32.33 0.71 9.58
N TYR B 192 32.44 1.49 10.65
CA TYR B 192 31.35 1.61 11.59
C TYR B 192 31.20 3.02 12.11
N ASN B 193 29.99 3.31 12.60
CA ASN B 193 29.65 4.53 13.29
C ASN B 193 28.50 4.21 14.22
N LYS B 194 28.15 5.10 15.13
CA LYS B 194 26.98 4.90 15.97
C LYS B 194 25.74 4.98 15.09
N TYR B 195 24.82 4.06 15.29
CA TYR B 195 23.58 4.05 14.52
C TYR B 195 22.91 5.41 14.56
N GLY B 196 22.62 6.01 13.41
CA GLY B 196 21.94 7.30 13.30
C GLY B 196 22.83 8.54 13.36
N ASP B 197 24.11 8.33 13.64
CA ASP B 197 25.07 9.43 13.68
C ASP B 197 25.24 9.96 12.26
N ASN B 198 25.32 11.27 12.14
CA ASN B 198 25.27 11.96 10.84
C ASN B 198 26.57 12.58 10.36
N GLU B 199 27.67 12.33 11.09
CA GLU B 199 28.94 13.03 10.78
C GLU B 199 29.87 12.16 9.98
N LEU B 200 30.25 12.65 8.81
CA LEU B 200 31.20 11.94 7.98
C LEU B 200 32.44 11.51 8.79
N SER B 201 32.88 12.39 9.66
CA SER B 201 34.13 12.19 10.34
C SER B 201 34.01 11.26 11.56
N HIS B 202 32.81 10.77 11.89
CA HIS B 202 32.67 9.86 13.02
C HIS B 202 32.76 8.42 12.55
N TRP B 203 32.86 8.20 11.23
CA TRP B 203 33.04 6.83 10.74
C TRP B 203 34.45 6.39 11.05
N LYS B 204 34.58 5.13 11.41
CA LYS B 204 35.88 4.56 11.61
C LYS B 204 36.08 3.34 10.75
N ASN B 205 37.33 3.18 10.33
CA ASN B 205 37.74 2.07 9.48
C ASN B 205 38.38 0.93 10.29
N VAL B 206 37.70 -0.22 10.29
CA VAL B 206 38.24 -1.41 10.95
C VAL B 206 39.43 -1.93 10.20
N GLY B 207 39.48 -1.74 8.89
CA GLY B 207 40.55 -2.28 8.11
C GLY B 207 39.98 -3.15 6.99
N PRO B 208 40.87 -3.68 6.12
CA PRO B 208 40.44 -4.59 5.04
C PRO B 208 39.84 -5.89 5.58
N ILE B 209 38.68 -6.27 5.07
CA ILE B 209 38.01 -7.49 5.51
C ILE B 209 38.89 -8.74 5.29
N PHE B 210 39.57 -8.77 4.16
CA PHE B 210 40.50 -9.87 3.82
C PHE B 210 41.98 -9.59 4.18
N GLY B 211 42.20 -8.66 5.10
CA GLY B 211 43.45 -8.52 5.78
C GLY B 211 44.50 -7.71 5.05
N TYR B 212 45.58 -7.38 5.75
CA TYR B 212 46.72 -6.67 5.17
C TYR B 212 47.54 -7.67 4.39
N ASN B 213 48.64 -7.23 3.75
CA ASN B 213 49.44 -8.14 2.92
C ASN B 213 48.58 -8.78 1.82
N SER B 214 47.66 -7.98 1.27
CA SER B 214 46.89 -8.38 0.13
C SER B 214 47.61 -7.92 -1.14
N THR B 215 47.15 -8.44 -2.28
CA THR B 215 47.80 -8.20 -3.54
C THR B 215 46.77 -8.03 -4.63
N ALA B 216 47.23 -7.54 -5.77
CA ALA B 216 46.36 -7.30 -6.95
C ALA B 216 46.03 -8.61 -7.70
N VAL B 217 46.64 -9.73 -7.29
CA VAL B 217 46.37 -11.02 -7.92
C VAL B 217 44.94 -11.51 -7.57
N SER B 218 44.50 -11.16 -6.36
CA SER B 218 43.22 -11.58 -5.85
C SER B 218 42.54 -10.37 -5.18
N GLN B 219 41.51 -9.83 -5.85
CA GLN B 219 40.87 -8.60 -5.47
C GLN B 219 39.41 -8.84 -5.01
N GLU B 220 38.85 -7.86 -4.31
CA GLU B 220 37.44 -7.89 -3.92
C GLU B 220 36.71 -6.66 -4.51
N TRP B 221 35.65 -6.92 -5.28
CA TRP B 221 34.81 -5.87 -5.84
C TRP B 221 33.40 -6.00 -5.20
N SER B 222 32.45 -5.21 -5.68
CA SER B 222 31.27 -4.91 -4.92
C SER B 222 30.33 -6.07 -4.73
N GLY B 223 29.51 -5.94 -3.70
CA GLY B 223 28.38 -6.82 -3.46
C GLY B 223 27.35 -6.21 -2.50
N SER B 224 27.06 -6.94 -1.43
CA SER B 224 26.04 -6.55 -0.44
C SER B 224 26.29 -7.29 0.86
N ALA B 225 25.51 -6.99 1.88
CA ALA B 225 25.72 -7.62 3.20
C ALA B 225 24.50 -7.48 4.09
N VAL B 226 24.23 -8.51 4.88
CA VAL B 226 23.07 -8.56 5.76
C VAL B 226 23.40 -9.21 7.09
N LEU B 227 22.46 -9.14 8.03
CA LEU B 227 22.61 -9.84 9.30
C LEU B 227 22.08 -11.27 9.20
N ASN B 228 22.83 -12.21 9.74
CA ASN B 228 22.34 -13.57 9.96
C ASN B 228 21.58 -13.63 11.29
N SER B 229 20.86 -14.72 11.54
CA SER B 229 20.04 -14.77 12.77
C SER B 229 20.85 -14.69 14.09
N ASP B 230 22.10 -15.13 14.10
CA ASP B 230 22.95 -15.03 15.28
C ASP B 230 23.71 -13.70 15.37
N ASN B 231 23.37 -12.75 14.50
CA ASN B 231 24.02 -11.43 14.50
C ASN B 231 25.48 -11.43 13.96
N SER B 232 25.85 -12.51 13.28
CA SER B 232 26.98 -12.47 12.35
C SER B 232 26.49 -11.77 11.07
N ILE B 233 27.44 -11.38 10.23
CA ILE B 233 27.17 -10.71 8.98
C ILE B 233 27.46 -11.68 7.85
N GLN B 234 26.56 -11.77 6.89
CA GLN B 234 26.82 -12.53 5.69
C GLN B 234 27.17 -11.56 4.60
N LEU B 235 28.41 -11.63 4.15
CA LEU B 235 28.92 -10.78 3.11
C LEU B 235 28.78 -11.46 1.77
N PHE B 236 28.25 -10.71 0.81
CA PHE B 236 28.35 -11.10 -0.59
C PHE B 236 29.22 -10.07 -1.29
N TYR B 237 30.19 -10.59 -2.02
CA TYR B 237 31.14 -9.77 -2.73
C TYR B 237 31.58 -10.43 -4.03
N THR B 238 32.50 -9.78 -4.73
CA THR B 238 32.99 -10.26 -5.98
C THR B 238 34.47 -10.61 -5.80
N ARG B 239 34.81 -11.88 -5.95
CA ARG B 239 36.20 -12.33 -5.92
C ARG B 239 36.73 -12.20 -7.33
N VAL B 240 37.84 -11.47 -7.48
CA VAL B 240 38.45 -11.29 -8.80
C VAL B 240 39.85 -11.88 -8.82
N ASP B 241 40.06 -12.86 -9.70
CA ASP B 241 41.35 -13.51 -9.87
C ASP B 241 41.97 -12.95 -11.15
N THR B 242 43.13 -12.33 -11.03
CA THR B 242 43.80 -11.73 -12.17
C THR B 242 45.03 -12.53 -12.66
N SER B 243 45.12 -13.81 -12.29
CA SER B 243 46.32 -14.62 -12.59
C SER B 243 46.39 -15.13 -14.01
N ASP B 244 45.26 -15.21 -14.72
CA ASP B 244 45.28 -15.60 -16.12
C ASP B 244 45.56 -14.36 -16.97
N ASN B 245 46.82 -13.99 -17.02
CA ASN B 245 47.26 -12.86 -17.83
C ASN B 245 46.54 -11.54 -17.51
N ASN B 246 46.35 -11.25 -16.23
CA ASN B 246 45.66 -10.02 -15.74
C ASN B 246 44.21 -9.77 -16.19
N THR B 247 43.49 -10.80 -16.62
CA THR B 247 42.07 -10.59 -16.92
C THR B 247 41.33 -10.45 -15.57
N ASN B 248 40.23 -9.72 -15.60
CA ASN B 248 39.37 -9.58 -14.40
C ASN B 248 38.35 -10.71 -14.31
N HIS B 249 38.82 -11.89 -13.95
CA HIS B 249 37.99 -13.08 -13.86
C HIS B 249 37.16 -12.96 -12.56
N GLN B 250 35.90 -12.66 -12.73
CA GLN B 250 35.01 -12.31 -11.65
C GLN B 250 34.15 -13.47 -11.21
N LYS B 251 33.98 -13.58 -9.89
CA LYS B 251 33.18 -14.62 -9.26
C LYS B 251 32.39 -14.04 -8.09
N ILE B 252 31.11 -14.45 -7.96
CA ILE B 252 30.33 -14.08 -6.81
C ILE B 252 30.75 -14.98 -5.70
N ALA B 253 31.19 -14.39 -4.61
CA ALA B 253 31.69 -15.09 -3.43
C ALA B 253 30.94 -14.64 -2.18
N SER B 254 31.07 -15.43 -1.13
CA SER B 254 30.47 -15.06 0.11
C SER B 254 31.32 -15.49 1.28
N ALA B 255 31.21 -14.76 2.37
CA ALA B 255 31.88 -15.15 3.61
C ALA B 255 31.06 -14.66 4.81
N THR B 256 31.23 -15.32 5.93
CA THR B 256 30.58 -14.90 7.19
C THR B 256 31.53 -14.08 8.04
N LEU B 257 31.11 -12.91 8.47
CA LEU B 257 31.95 -12.08 9.34
C LEU B 257 31.46 -12.10 10.79
N TYR B 258 32.37 -12.34 11.74
CA TYR B 258 32.08 -12.29 13.18
C TYR B 258 32.78 -11.07 13.71
N LEU B 259 32.00 -10.18 14.33
CA LEU B 259 32.54 -8.96 14.88
C LEU B 259 32.51 -8.98 16.41
N THR B 260 33.36 -8.16 17.02
CA THR B 260 33.32 -7.91 18.45
C THR B 260 33.20 -6.41 18.73
N ASP B 261 32.47 -6.12 19.80
CA ASP B 261 32.23 -4.77 20.24
C ASP B 261 32.95 -4.63 21.57
N ASN B 262 33.75 -3.59 21.70
CA ASN B 262 34.54 -3.39 22.90
C ASN B 262 34.79 -1.91 23.16
N ASN B 263 34.09 -1.34 24.14
CA ASN B 263 34.27 0.06 24.50
C ASN B 263 34.08 1.01 23.35
N GLY B 264 33.02 0.81 22.58
CA GLY B 264 32.77 1.67 21.43
C GLY B 264 33.67 1.40 20.21
N ASN B 265 34.47 0.34 20.26
CA ASN B 265 35.29 -0.09 19.13
C ASN B 265 34.82 -1.42 18.58
N VAL B 266 34.52 -1.43 17.31
CA VAL B 266 34.14 -2.62 16.59
C VAL B 266 35.37 -3.21 15.92
N SER B 267 35.49 -4.52 16.03
CA SER B 267 36.62 -5.30 15.50
C SER B 267 36.16 -6.49 14.70
N LEU B 268 37.01 -6.91 13.77
CA LEU B 268 36.73 -8.07 12.94
C LEU B 268 37.41 -9.30 13.57
N ALA B 269 36.65 -10.13 14.27
CA ALA B 269 37.22 -11.28 14.98
C ALA B 269 37.53 -12.43 14.05
N GLN B 270 36.64 -12.75 13.11
CA GLN B 270 36.85 -13.88 12.23
C GLN B 270 36.11 -13.71 10.92
N VAL B 271 36.78 -14.12 9.83
CA VAL B 271 36.17 -14.26 8.49
C VAL B 271 36.15 -15.76 8.20
N ALA B 272 34.96 -16.33 8.04
CA ALA B 272 34.78 -17.77 7.89
C ALA B 272 33.98 -18.12 6.65
N ASN B 273 34.15 -19.38 6.19
CA ASN B 273 33.53 -20.01 5.03
CA ASN B 273 33.31 -19.92 5.12
C ASN B 273 33.47 -19.16 3.79
N ASP B 274 34.65 -18.61 3.50
CA ASP B 274 34.82 -17.87 2.24
C ASP B 274 34.82 -18.86 1.08
N HIS B 275 33.87 -18.71 0.15
CA HIS B 275 33.75 -19.63 -0.96
C HIS B 275 33.07 -18.97 -2.15
N ILE B 276 33.23 -19.56 -3.32
CA ILE B 276 32.59 -19.09 -4.52
C ILE B 276 31.17 -19.63 -4.52
N VAL B 277 30.23 -18.75 -4.79
CA VAL B 277 28.82 -19.11 -4.90
C VAL B 277 28.41 -19.45 -6.36
N PHE B 278 28.85 -18.61 -7.29
CA PHE B 278 28.42 -18.70 -8.69
C PHE B 278 29.34 -17.87 -9.59
N GLU B 279 29.67 -18.38 -10.77
CA GLU B 279 30.43 -17.57 -11.70
C GLU B 279 29.92 -17.76 -13.14
N GLY B 280 28.63 -18.05 -13.25
CA GLY B 280 27.98 -18.20 -14.56
C GLY B 280 27.79 -19.68 -14.92
N ASP B 281 26.77 -19.94 -15.74
CA ASP B 281 26.38 -21.30 -16.18
C ASP B 281 26.61 -21.54 -17.66
N GLY B 282 26.43 -20.51 -18.51
CA GLY B 282 26.65 -20.67 -19.95
C GLY B 282 25.38 -20.53 -20.75
N TYR B 283 24.25 -20.87 -20.12
CA TYR B 283 22.94 -20.69 -20.74
C TYR B 283 22.29 -19.33 -20.34
N TYR B 284 21.97 -19.16 -19.07
CA TYR B 284 21.39 -17.89 -18.62
C TYR B 284 22.44 -16.79 -18.60
N TYR B 285 23.64 -17.12 -18.11
CA TYR B 285 24.72 -16.13 -17.86
C TYR B 285 26.05 -16.57 -18.46
N GLN B 286 26.77 -15.61 -19.05
CA GLN B 286 28.05 -15.86 -19.69
C GLN B 286 29.14 -16.28 -18.66
N THR B 287 29.95 -17.28 -19.03
CA THR B 287 31.03 -17.77 -18.14
C THR B 287 32.34 -17.14 -18.56
N TYR B 288 33.32 -17.18 -17.69
CA TYR B 288 34.65 -16.73 -18.04
C TYR B 288 35.18 -17.46 -19.28
N ASP B 289 35.07 -18.80 -19.31
CA ASP B 289 35.53 -19.61 -20.45
C ASP B 289 34.89 -19.17 -21.77
N GLN B 290 33.59 -18.92 -21.73
CA GLN B 290 32.90 -18.38 -22.90
C GLN B 290 33.45 -17.03 -23.35
N TRP B 291 33.65 -16.13 -22.41
CA TRP B 291 34.17 -14.80 -22.72
C TRP B 291 35.55 -14.91 -23.33
N LYS B 292 36.40 -15.74 -22.71
CA LYS B 292 37.77 -15.94 -23.16
C LYS B 292 37.85 -16.56 -24.54
N ALA B 293 36.95 -17.48 -24.85
CA ALA B 293 37.05 -18.20 -26.09
C ALA B 293 36.86 -17.26 -27.29
N THR B 294 36.04 -16.20 -27.16
CA THR B 294 35.70 -15.35 -28.31
C THR B 294 36.15 -13.90 -28.19
N ASN B 295 36.84 -13.55 -27.12
CA ASN B 295 37.17 -12.16 -26.90
C ASN B 295 38.41 -11.81 -27.66
N LYS B 296 38.27 -10.85 -28.56
CA LYS B 296 39.40 -10.25 -29.28
C LYS B 296 39.53 -8.80 -28.83
N GLY B 297 38.93 -8.45 -27.68
CA GLY B 297 39.17 -7.17 -27.02
C GLY B 297 37.96 -6.27 -26.90
N ALA B 298 36.87 -6.61 -27.58
CA ALA B 298 35.70 -5.74 -27.61
C ALA B 298 34.60 -6.11 -26.56
N ASP B 299 34.77 -7.25 -25.88
CA ASP B 299 33.73 -7.81 -25.02
C ASP B 299 33.97 -7.56 -23.54
N ASN B 300 32.92 -7.12 -22.85
CA ASN B 300 33.03 -6.91 -21.42
C ASN B 300 32.92 -8.24 -20.72
N ILE B 301 33.43 -8.26 -19.51
CA ILE B 301 33.23 -9.39 -18.65
C ILE B 301 32.65 -8.93 -17.32
N ALA B 302 31.55 -9.56 -16.96
CA ALA B 302 30.77 -9.12 -15.80
C ALA B 302 30.15 -10.32 -15.09
N MET B 303 30.47 -10.43 -13.81
CA MET B 303 29.89 -11.42 -12.92
C MET B 303 30.10 -10.91 -11.51
N ARG B 304 29.27 -9.95 -11.10
CA ARG B 304 29.57 -9.15 -9.94
C ARG B 304 28.37 -8.45 -9.32
N ASP B 305 28.63 -7.66 -8.28
CA ASP B 305 27.63 -6.80 -7.66
C ASP B 305 26.43 -7.59 -7.25
N ALA B 306 26.66 -8.72 -6.58
CA ALA B 306 25.56 -9.51 -6.05
C ALA B 306 24.82 -8.83 -4.89
N HIS B 307 23.52 -8.58 -5.09
CA HIS B 307 22.61 -8.03 -4.07
C HIS B 307 21.72 -9.12 -3.47
N VAL B 308 21.94 -9.40 -2.20
CA VAL B 308 21.10 -10.38 -1.51
C VAL B 308 19.77 -9.78 -1.04
N ILE B 309 18.71 -10.58 -1.12
CA ILE B 309 17.38 -10.18 -0.70
C ILE B 309 16.51 -11.40 -0.37
N GLU B 310 15.79 -11.34 0.74
CA GLU B 310 14.89 -12.42 1.13
C GLU B 310 13.46 -12.02 0.79
N ASP B 311 12.74 -12.91 0.10
CA ASP B 311 11.34 -12.69 -0.27
C ASP B 311 10.37 -13.07 0.85
N ASP B 312 9.08 -12.80 0.63
CA ASP B 312 8.00 -13.12 1.55
C ASP B 312 8.00 -14.59 1.96
N ASN B 313 8.27 -15.48 1.01
CA ASN B 313 8.35 -16.92 1.28
C ASN B 313 9.49 -17.37 2.18
N GLY B 314 10.41 -16.48 2.59
CA GLY B 314 11.59 -16.86 3.42
C GLY B 314 12.83 -17.30 2.65
N ASP B 315 12.81 -17.33 1.32
CA ASP B 315 13.95 -17.71 0.52
C ASP B 315 14.84 -16.52 0.18
N ARG B 316 16.14 -16.76 0.24
CA ARG B 316 17.14 -15.76 -0.15
C ARG B 316 17.48 -15.88 -1.65
N TYR B 317 17.59 -14.73 -2.30
CA TYR B 317 17.96 -14.62 -3.71
C TYR B 317 19.16 -13.66 -3.87
N LEU B 318 19.84 -13.79 -5.00
CA LEU B 318 20.90 -12.88 -5.37
C LEU B 318 20.51 -12.24 -6.69
N VAL B 319 20.57 -10.92 -6.73
CA VAL B 319 20.30 -10.22 -7.96
C VAL B 319 21.64 -9.61 -8.29
N PHE B 320 22.14 -9.80 -9.50
CA PHE B 320 23.57 -9.56 -9.78
C PHE B 320 23.83 -9.06 -11.20
N GLU B 321 25.02 -8.53 -11.43
CA GLU B 321 25.42 -8.06 -12.75
C GLU B 321 26.09 -9.16 -13.54
N ALA B 322 25.67 -9.32 -14.78
CA ALA B 322 26.26 -10.33 -15.65
C ALA B 322 25.99 -10.00 -17.10
N SER B 323 26.29 -10.94 -17.98
CA SER B 323 25.95 -10.84 -19.37
C SER B 323 25.12 -12.10 -19.70
N THR B 324 24.26 -12.05 -20.70
CA THR B 324 23.47 -13.21 -21.10
C THR B 324 24.38 -14.35 -21.56
N GLY B 325 23.90 -15.58 -21.43
CA GLY B 325 24.53 -16.72 -22.09
C GLY B 325 23.81 -17.11 -23.38
N LEU B 326 23.86 -18.39 -23.69
CA LEU B 326 23.33 -18.89 -24.95
C LEU B 326 21.79 -18.82 -25.06
N GLU B 327 21.10 -18.60 -23.94
CA GLU B 327 19.67 -18.29 -23.99
C GLU B 327 19.37 -17.15 -24.95
N ASN B 328 20.22 -16.12 -24.95
CA ASN B 328 20.05 -15.00 -25.90
C ASN B 328 21.36 -14.20 -25.98
N TYR B 329 22.31 -14.81 -26.68
CA TYR B 329 23.71 -14.43 -26.62
C TYR B 329 24.02 -13.24 -27.54
N GLN B 330 25.08 -12.52 -27.19
CA GLN B 330 25.65 -11.51 -28.06
C GLN B 330 25.96 -12.13 -29.42
N GLY B 331 25.96 -11.30 -30.46
CA GLY B 331 26.51 -11.62 -31.79
C GLY B 331 25.98 -10.58 -32.80
N GLU B 332 26.53 -10.59 -34.02
CA GLU B 332 26.03 -9.74 -35.08
C GLU B 332 24.56 -9.99 -35.33
N ASP B 333 24.08 -11.21 -35.11
CA ASP B 333 22.65 -11.52 -35.29
C ASP B 333 21.70 -10.62 -34.49
N GLN B 334 22.14 -10.10 -33.37
CA GLN B 334 21.28 -9.26 -32.55
C GLN B 334 20.93 -7.95 -33.26
N ILE B 335 21.77 -7.51 -34.20
CA ILE B 335 21.44 -6.33 -35.04
C ILE B 335 20.16 -6.56 -35.88
N TYR B 336 19.83 -7.83 -36.09
CA TYR B 336 18.72 -8.21 -36.91
C TYR B 336 17.61 -8.84 -36.08
N ASN B 337 17.52 -8.48 -34.81
CA ASN B 337 16.35 -8.84 -34.02
C ASN B 337 15.54 -7.60 -33.74
N TRP B 338 14.39 -7.54 -34.40
CA TRP B 338 13.50 -6.36 -34.36
C TRP B 338 13.14 -5.95 -32.94
N LEU B 339 12.83 -6.94 -32.11
CA LEU B 339 12.58 -6.81 -30.67
C LEU B 339 13.47 -5.80 -29.96
N ASN B 340 14.73 -5.79 -30.37
CA ASN B 340 15.74 -5.00 -29.67
C ASN B 340 15.65 -3.50 -29.87
N TYR B 341 14.92 -3.06 -30.89
CA TYR B 341 14.92 -1.65 -31.30
C TYR B 341 13.91 -0.87 -30.51
N GLY B 342 12.66 -1.36 -30.50
CA GLY B 342 11.61 -0.88 -29.58
C GLY B 342 11.01 0.48 -29.87
N GLY B 343 11.24 1.01 -31.07
CA GLY B 343 10.62 2.27 -31.49
C GLY B 343 9.55 2.00 -32.52
N ASP B 344 9.08 3.05 -33.20
CA ASP B 344 8.15 2.81 -34.30
C ASP B 344 8.97 2.22 -35.46
N ASP B 345 8.36 2.10 -36.64
CA ASP B 345 9.05 1.57 -37.81
C ASP B 345 10.12 2.52 -38.34
N ALA B 346 9.84 3.82 -38.36
CA ALA B 346 10.80 4.79 -38.87
C ALA B 346 12.06 4.77 -38.01
N PHE B 347 11.85 4.79 -36.70
CA PHE B 347 12.94 4.79 -35.75
C PHE B 347 13.80 3.52 -35.86
N ASN B 348 13.15 2.37 -35.91
CA ASN B 348 13.89 1.12 -35.99
C ASN B 348 14.75 1.03 -37.23
N ILE B 349 14.18 1.44 -38.36
CA ILE B 349 14.89 1.35 -39.63
C ILE B 349 16.05 2.35 -39.66
N LYS B 350 15.76 3.57 -39.24
CA LYS B 350 16.80 4.59 -39.20
C LYS B 350 17.95 4.10 -38.28
N SER B 351 17.58 3.43 -37.19
CA SER B 351 18.55 2.92 -36.23
C SER B 351 19.38 1.77 -36.82
N LEU B 352 18.73 0.83 -37.50
CA LEU B 352 19.46 -0.21 -38.25
C LEU B 352 20.51 0.37 -39.20
N PHE B 353 20.12 1.37 -39.99
CA PHE B 353 21.04 1.93 -40.99
C PHE B 353 22.17 2.70 -40.33
N ARG B 354 21.87 3.34 -39.21
CA ARG B 354 22.89 4.11 -38.51
C ARG B 354 23.93 3.15 -37.93
N ILE B 355 23.45 2.04 -37.38
CA ILE B 355 24.31 1.01 -36.81
C ILE B 355 25.27 0.44 -37.85
N LEU B 356 24.76 0.11 -39.02
CA LEU B 356 25.57 -0.44 -40.11
C LEU B 356 26.58 0.55 -40.72
N SER B 357 26.34 1.84 -40.55
CA SER B 357 27.16 2.83 -41.19
C SER B 357 28.35 3.30 -40.34
N ASN B 358 28.41 2.91 -39.05
CA ASN B 358 29.60 3.22 -38.22
C ASN B 358 30.15 1.94 -37.61
N ASP B 359 31.34 1.54 -37.97
CA ASP B 359 31.91 0.29 -37.45
C ASP B 359 32.02 0.21 -35.90
N ASP B 360 32.15 1.34 -35.22
CA ASP B 360 32.19 1.32 -33.77
C ASP B 360 30.82 0.97 -33.19
N ILE B 361 29.76 1.49 -33.81
CA ILE B 361 28.41 1.20 -33.33
C ILE B 361 28.03 -0.25 -33.62
N LYS B 362 28.41 -0.69 -34.80
CA LYS B 362 28.15 -2.03 -35.23
C LYS B 362 28.81 -3.05 -34.33
N SER B 363 30.09 -2.80 -34.04
CA SER B 363 30.90 -3.64 -33.16
C SER B 363 30.28 -3.70 -31.77
N ARG B 364 30.00 -2.54 -31.20
CA ARG B 364 29.41 -2.48 -29.88
C ARG B 364 28.06 -3.25 -29.83
N ALA B 365 27.24 -3.06 -30.85
CA ALA B 365 25.97 -3.73 -30.93
C ALA B 365 26.13 -5.25 -31.01
N THR B 366 27.19 -5.65 -31.68
CA THR B 366 27.58 -7.04 -31.86
C THR B 366 28.06 -7.72 -30.55
N TRP B 367 28.57 -6.93 -29.60
CA TRP B 367 29.08 -7.46 -28.31
C TRP B 367 28.21 -7.13 -27.09
N ALA B 368 27.17 -6.32 -27.25
CA ALA B 368 26.33 -5.90 -26.13
C ALA B 368 25.30 -6.95 -25.69
N ASN B 369 25.39 -7.34 -24.41
CA ASN B 369 24.42 -8.23 -23.80
C ASN B 369 24.45 -8.20 -22.27
N ALA B 370 24.50 -6.99 -21.70
CA ALA B 370 24.42 -6.83 -20.28
C ALA B 370 23.13 -7.50 -19.80
N ALA B 371 23.24 -8.07 -18.59
CA ALA B 371 22.10 -8.67 -17.93
C ALA B 371 22.10 -8.31 -16.47
N ILE B 372 20.90 -8.17 -15.92
CA ILE B 372 20.72 -8.22 -14.49
C ILE B 372 20.09 -9.56 -14.20
N GLY B 373 20.83 -10.41 -13.50
CA GLY B 373 20.47 -11.80 -13.29
C GLY B 373 19.86 -12.02 -11.91
N ILE B 374 19.19 -13.16 -11.77
CA ILE B 374 18.66 -13.59 -10.49
C ILE B 374 18.76 -15.10 -10.34
N LEU B 375 19.06 -15.49 -9.11
CA LEU B 375 19.13 -16.89 -8.72
C LEU B 375 18.64 -17.03 -7.27
N LYS B 376 18.15 -18.22 -6.95
CA LYS B 376 17.73 -18.54 -5.60
C LYS B 376 18.83 -19.33 -4.91
N LEU B 377 19.05 -19.00 -3.64
CA LEU B 377 20.05 -19.66 -2.84
C LEU B 377 19.39 -20.79 -2.01
N ASN B 378 20.22 -21.70 -1.54
CA ASN B 378 19.84 -22.69 -0.54
C ASN B 378 19.52 -22.04 0.83
N LYS B 379 19.10 -22.86 1.79
CA LYS B 379 18.68 -22.35 3.11
C LYS B 379 19.77 -22.15 4.12
N ASP B 380 21.00 -22.52 3.78
CA ASP B 380 22.11 -22.32 4.68
C ASP B 380 22.61 -20.87 4.63
N GLU B 381 22.19 -20.08 5.62
CA GLU B 381 22.67 -18.71 5.78
C GLU B 381 24.17 -18.55 5.61
N LYS B 382 24.93 -19.41 6.27
CA LYS B 382 26.37 -19.21 6.40
C LYS B 382 27.17 -19.88 5.33
N ASN B 383 26.55 -20.73 4.53
CA ASN B 383 27.23 -21.37 3.40
C ASN B 383 26.32 -21.38 2.17
N PRO B 384 26.01 -20.17 1.68
CA PRO B 384 25.13 -20.09 0.55
C PRO B 384 25.69 -20.77 -0.72
N LYS B 385 24.81 -21.44 -1.42
CA LYS B 385 25.10 -22.10 -2.68
C LYS B 385 23.88 -21.93 -3.57
N VAL B 386 24.08 -22.00 -4.88
CA VAL B 386 22.98 -21.89 -5.82
C VAL B 386 22.01 -23.07 -5.66
N ALA B 387 20.73 -22.77 -5.48
CA ALA B 387 19.67 -23.80 -5.49
C ALA B 387 18.93 -23.81 -6.84
N GLU B 388 18.75 -22.64 -7.45
CA GLU B 388 18.13 -22.55 -8.77
C GLU B 388 18.53 -21.29 -9.55
N LEU B 389 18.69 -21.42 -10.86
CA LEU B 389 18.97 -20.30 -11.72
C LEU B 389 17.73 -19.87 -12.47
N TYR B 390 17.63 -18.58 -12.77
CA TYR B 390 16.56 -18.04 -13.61
C TYR B 390 17.08 -17.21 -14.79
N SER B 391 16.20 -16.93 -15.73
CA SER B 391 16.46 -16.01 -16.79
C SER B 391 16.62 -14.61 -16.18
N PRO B 392 17.35 -13.73 -16.86
CA PRO B 392 17.56 -12.39 -16.31
C PRO B 392 16.27 -11.61 -16.11
N LEU B 393 16.24 -10.78 -15.09
CA LEU B 393 15.16 -9.82 -14.92
C LEU B 393 15.20 -8.77 -16.04
N ILE B 394 16.40 -8.30 -16.36
CA ILE B 394 16.62 -7.29 -17.39
C ILE B 394 17.79 -7.69 -18.25
N SER B 395 17.70 -7.39 -19.54
CA SER B 395 18.84 -7.58 -20.42
C SER B 395 18.85 -6.49 -21.49
N ALA B 396 20.01 -6.32 -22.12
CA ALA B 396 20.21 -5.21 -23.07
C ALA B 396 21.01 -5.64 -24.30
N PRO B 397 20.64 -6.79 -24.87
CA PRO B 397 21.27 -7.24 -26.09
C PRO B 397 21.13 -6.17 -27.18
N MET B 398 22.23 -5.95 -27.89
CA MET B 398 22.39 -4.93 -28.92
C MET B 398 22.59 -3.50 -28.40
N VAL B 399 22.36 -3.27 -27.11
CA VAL B 399 22.13 -1.94 -26.59
C VAL B 399 23.20 -1.48 -25.59
N SER B 400 23.50 -2.33 -24.57
CA SER B 400 24.59 -2.03 -23.62
C SER B 400 25.31 -3.28 -23.16
N ASP B 401 26.61 -3.14 -22.86
CA ASP B 401 27.41 -4.23 -22.28
C ASP B 401 27.85 -3.94 -20.82
N GLU B 402 27.29 -2.91 -20.20
CA GLU B 402 27.55 -2.67 -18.77
C GLU B 402 26.43 -1.94 -18.01
N ILE B 403 25.81 -2.70 -17.10
CA ILE B 403 24.81 -2.16 -16.18
C ILE B 403 25.14 -2.71 -14.80
N GLU B 404 25.36 -1.82 -13.84
CA GLU B 404 26.04 -2.15 -12.60
C GLU B 404 25.16 -1.94 -11.37
N ARG B 405 25.67 -2.37 -10.22
CA ARG B 405 25.02 -2.22 -8.93
C ARG B 405 23.51 -2.42 -8.93
N PRO B 406 23.05 -3.59 -9.39
CA PRO B 406 21.62 -3.80 -9.36
C PRO B 406 21.19 -3.90 -7.90
N ASN B 407 19.99 -3.44 -7.63
CA ASN B 407 19.51 -3.27 -6.26
C ASN B 407 18.01 -3.38 -6.27
N VAL B 408 17.47 -4.14 -5.34
CA VAL B 408 16.02 -4.28 -5.24
C VAL B 408 15.53 -3.73 -3.91
N VAL B 409 14.54 -2.83 -4.01
CA VAL B 409 13.89 -2.24 -2.90
C VAL B 409 12.41 -2.57 -2.89
N LYS B 410 11.97 -3.17 -1.79
CA LYS B 410 10.57 -3.54 -1.58
C LYS B 410 9.84 -2.32 -1.01
N LEU B 411 8.81 -1.85 -1.70
CA LEU B 411 8.03 -0.70 -1.26
C LEU B 411 6.59 -1.05 -1.45
N GLY B 412 5.83 -0.99 -0.36
CA GLY B 412 4.49 -1.49 -0.32
C GLY B 412 4.55 -2.92 -0.76
N ASN B 413 3.70 -3.24 -1.74
CA ASN B 413 3.62 -4.61 -2.25
C ASN B 413 4.38 -4.76 -3.56
N LYS B 414 5.35 -3.90 -3.80
CA LYS B 414 6.08 -3.92 -5.04
C LYS B 414 7.60 -3.97 -4.90
N TYR B 415 8.21 -4.43 -5.99
CA TYR B 415 9.63 -4.58 -6.08
C TYR B 415 10.15 -3.59 -7.11
N TYR B 416 11.05 -2.71 -6.63
CA TYR B 416 11.70 -1.73 -7.47
C TYR B 416 13.17 -2.13 -7.72
N LEU B 417 13.52 -2.30 -8.99
CA LEU B 417 14.83 -2.77 -9.40
C LEU B 417 15.56 -1.58 -10.02
N PHE B 418 16.65 -1.18 -9.37
CA PHE B 418 17.43 -0.05 -9.79
C PHE B 418 18.81 -0.53 -10.19
N ALA B 419 19.47 0.24 -11.05
CA ALA B 419 20.82 -0.02 -11.39
C ALA B 419 21.50 1.24 -11.90
N ALA B 420 22.83 1.28 -11.82
CA ALA B 420 23.61 2.43 -12.29
C ALA B 420 24.32 2.05 -13.60
N THR B 421 24.49 3.02 -14.47
CA THR B 421 25.19 2.77 -15.69
C THR B 421 25.87 4.03 -16.23
N ARG B 422 27.01 3.80 -16.88
CA ARG B 422 27.73 4.78 -17.64
C ARG B 422 27.21 4.54 -19.06
N LEU B 423 26.61 5.55 -19.66
CA LEU B 423 26.01 5.38 -20.97
C LEU B 423 27.01 5.18 -22.13
N ASN B 424 28.25 5.57 -21.92
CA ASN B 424 29.26 5.28 -22.94
C ASN B 424 29.65 3.80 -23.02
N TRP B 425 29.02 2.96 -22.20
CA TRP B 425 29.06 1.51 -22.39
C TRP B 425 27.96 1.00 -23.33
N GLY B 426 27.17 1.92 -23.87
CA GLY B 426 26.15 1.58 -24.83
C GLY B 426 26.59 1.64 -26.29
N SER B 427 25.76 1.08 -27.16
CA SER B 427 26.13 0.91 -28.56
C SER B 427 25.91 2.20 -29.35
N ASN B 428 24.94 3.00 -28.93
CA ASN B 428 24.57 4.22 -29.68
C ASN B 428 25.53 5.36 -29.45
N ASP B 429 26.61 5.39 -30.25
CA ASP B 429 27.64 6.44 -30.07
C ASP B 429 27.08 7.86 -30.09
N ASP B 430 26.10 8.15 -30.97
CA ASP B 430 25.56 9.48 -31.08
C ASP B 430 24.93 9.90 -29.77
N ALA B 431 24.10 9.03 -29.21
CA ALA B 431 23.35 9.39 -28.01
C ALA B 431 24.27 9.72 -26.83
N TRP B 432 25.23 8.83 -26.52
CA TRP B 432 26.16 9.10 -25.41
C TRP B 432 27.18 10.18 -25.66
N MET B 433 27.61 10.37 -26.90
CA MET B 433 28.49 11.50 -27.21
C MET B 433 27.74 12.81 -26.95
N ASN B 434 26.47 12.85 -27.35
CA ASN B 434 25.69 14.05 -27.15
C ASN B 434 25.40 14.33 -25.68
N ALA B 435 25.31 13.28 -24.87
CA ALA B 435 25.21 13.44 -23.40
C ALA B 435 26.49 14.06 -22.88
N ASN B 436 27.62 13.52 -23.33
CA ASN B 436 28.92 14.06 -22.99
C ASN B 436 29.03 15.57 -23.27
N TYR B 437 28.60 15.98 -24.46
CA TYR B 437 28.73 17.42 -24.84
C TYR B 437 27.76 18.30 -24.07
N ALA B 438 26.56 17.78 -23.78
CA ALA B 438 25.56 18.57 -23.04
C ALA B 438 25.95 18.77 -21.57
N VAL B 439 26.36 17.71 -20.88
CA VAL B 439 26.56 17.75 -19.41
C VAL B 439 28.06 17.67 -18.97
N GLY B 440 28.89 17.01 -19.80
CA GLY B 440 30.24 16.67 -19.38
C GLY B 440 30.36 15.33 -18.67
N ASP B 441 29.26 14.58 -18.61
CA ASP B 441 29.23 13.20 -18.08
C ASP B 441 28.00 12.48 -18.68
N ASN B 442 27.88 11.18 -18.41
CA ASN B 442 26.86 10.35 -19.06
C ASN B 442 26.29 9.22 -18.13
N VAL B 443 26.41 9.46 -16.83
CA VAL B 443 25.98 8.47 -15.85
C VAL B 443 24.48 8.61 -15.53
N ALA B 444 23.89 7.50 -15.09
CA ALA B 444 22.48 7.48 -14.80
C ALA B 444 22.17 6.36 -13.86
N MET B 445 21.05 6.51 -13.15
CA MET B 445 20.38 5.40 -12.51
C MET B 445 19.12 5.07 -13.31
N VAL B 446 18.93 3.79 -13.59
CA VAL B 446 17.71 3.33 -14.27
C VAL B 446 16.87 2.52 -13.28
N GLY B 447 15.61 2.26 -13.63
CA GLY B 447 14.72 1.60 -12.72
C GLY B 447 13.49 0.98 -13.30
N TYR B 448 13.03 -0.07 -12.63
CA TYR B 448 11.93 -0.90 -13.12
C TYR B 448 11.08 -1.36 -11.94
N VAL B 449 9.86 -1.81 -12.21
CA VAL B 449 9.01 -2.27 -11.11
C VAL B 449 8.28 -3.55 -11.47
N ALA B 450 8.12 -4.44 -10.50
CA ALA B 450 7.37 -5.66 -10.68
C ALA B 450 6.47 -5.92 -9.46
N ASP B 451 5.43 -6.73 -9.66
CA ASP B 451 4.52 -7.13 -8.58
C ASP B 451 5.05 -8.27 -7.77
N SER B 452 6.14 -8.89 -8.19
CA SER B 452 6.80 -9.89 -7.38
C SER B 452 8.30 -9.92 -7.72
N LEU B 453 9.11 -10.45 -6.80
CA LEU B 453 10.56 -10.39 -6.90
C LEU B 453 11.06 -10.97 -8.19
N THR B 454 10.52 -12.11 -8.59
CA THR B 454 10.96 -12.79 -9.80
C THR B 454 10.09 -12.42 -10.99
N GLY B 455 9.23 -11.41 -10.83
CA GLY B 455 8.06 -11.20 -11.71
C GLY B 455 8.56 -10.46 -12.91
N SER B 456 7.65 -9.96 -13.73
CA SER B 456 8.06 -9.27 -14.92
C SER B 456 8.25 -7.77 -14.60
N TYR B 457 9.46 -7.28 -14.77
CA TYR B 457 9.80 -5.88 -14.49
C TYR B 457 9.48 -4.95 -15.66
N LYS B 458 8.84 -3.83 -15.33
CA LYS B 458 8.47 -2.78 -16.28
C LYS B 458 9.18 -1.45 -15.97
N PRO B 459 9.61 -0.73 -17.01
CA PRO B 459 10.42 0.47 -16.80
C PRO B 459 9.63 1.62 -16.17
N LEU B 460 10.29 2.36 -15.29
CA LEU B 460 9.78 3.61 -14.71
C LEU B 460 10.02 4.78 -15.65
N ASN B 461 9.19 5.82 -15.53
CA ASN B 461 9.30 7.01 -16.38
C ASN B 461 9.46 6.67 -17.84
N ASP B 462 8.60 5.76 -18.28
CA ASP B 462 8.52 5.24 -19.63
C ASP B 462 9.79 4.47 -20.11
N SER B 463 10.94 5.14 -20.11
CA SER B 463 12.17 4.57 -20.70
C SER B 463 13.02 3.73 -19.76
N GLY B 464 12.82 3.88 -18.47
CA GLY B 464 13.67 3.31 -17.49
C GLY B 464 14.48 4.38 -16.79
N VAL B 465 14.51 5.58 -17.33
CA VAL B 465 15.27 6.65 -16.68
C VAL B 465 14.76 6.93 -15.26
N VAL B 466 15.69 7.14 -14.32
CA VAL B 466 15.34 7.65 -12.98
C VAL B 466 16.20 8.85 -12.53
N LEU B 467 17.53 8.70 -12.60
CA LEU B 467 18.46 9.80 -12.29
C LEU B 467 19.38 10.01 -13.45
N THR B 468 19.67 11.26 -13.75
CA THR B 468 20.61 11.60 -14.82
C THR B 468 21.72 12.57 -14.34
N ALA B 469 22.93 12.35 -14.86
CA ALA B 469 24.08 13.22 -14.56
C ALA B 469 23.75 14.70 -14.71
N SER B 470 24.27 15.51 -13.79
CA SER B 470 24.08 16.95 -13.87
C SER B 470 25.36 17.82 -13.91
N VAL B 471 26.54 17.26 -13.65
CA VAL B 471 27.78 18.01 -13.72
C VAL B 471 28.88 17.16 -14.36
N PRO B 472 29.95 17.80 -14.85
CA PRO B 472 31.00 17.08 -15.54
C PRO B 472 31.71 16.02 -14.70
N ALA B 473 32.11 14.90 -15.33
CA ALA B 473 32.76 13.76 -14.66
C ALA B 473 34.04 14.17 -13.90
N ASN B 474 34.71 15.22 -14.33
CA ASN B 474 35.95 15.63 -13.67
C ASN B 474 35.81 16.68 -12.58
N TRP B 475 34.58 17.11 -12.29
CA TRP B 475 34.39 18.01 -11.15
C TRP B 475 34.42 17.26 -9.82
N ARG B 476 34.74 17.99 -8.77
CA ARG B 476 34.63 17.51 -7.38
C ARG B 476 33.27 16.89 -7.05
N THR B 477 32.18 17.52 -7.50
CA THR B 477 30.83 17.07 -7.15
C THR B 477 30.24 16.02 -8.12
N ALA B 478 31.03 15.54 -9.06
CA ALA B 478 30.58 14.43 -9.89
C ALA B 478 30.22 13.24 -9.00
N THR B 479 29.28 12.40 -9.44
CA THR B 479 28.87 11.23 -8.67
C THR B 479 28.74 10.00 -9.56
N TYR B 480 28.80 8.82 -8.95
CA TYR B 480 28.47 7.56 -9.60
C TYR B 480 28.08 6.49 -8.55
N SER B 481 27.51 5.39 -9.05
CA SER B 481 27.23 4.21 -8.24
C SER B 481 26.08 4.47 -7.30
N TYR B 482 25.06 5.09 -7.88
CA TYR B 482 23.85 5.45 -7.16
C TYR B 482 23.32 4.16 -6.57
N TYR B 483 23.01 4.21 -5.28
CA TYR B 483 22.51 3.05 -4.54
C TYR B 483 21.44 3.52 -3.55
N ALA B 484 20.20 3.09 -3.79
CA ALA B 484 19.07 3.52 -3.03
C ALA B 484 18.79 2.67 -1.79
N VAL B 485 18.46 3.32 -0.70
CA VAL B 485 18.25 2.67 0.58
C VAL B 485 16.86 3.02 1.09
N PRO B 486 16.13 2.03 1.65
CA PRO B 486 14.81 2.37 2.17
C PRO B 486 14.90 3.32 3.33
N VAL B 487 13.76 3.97 3.57
CA VAL B 487 13.62 4.97 4.62
C VAL B 487 12.53 4.50 5.57
N ALA B 488 12.87 4.38 6.84
CA ALA B 488 11.93 3.87 7.85
C ALA B 488 10.63 4.65 7.83
N GLY B 489 9.49 3.95 7.80
CA GLY B 489 8.18 4.58 7.87
C GLY B 489 7.64 5.14 6.55
N LYS B 490 8.33 4.94 5.43
CA LYS B 490 7.89 5.51 4.17
C LYS B 490 7.83 4.43 3.13
N ASP B 491 6.69 4.30 2.47
CA ASP B 491 6.53 3.34 1.38
C ASP B 491 6.71 3.96 0.01
N ASP B 492 7.05 5.24 -0.03
CA ASP B 492 7.17 5.99 -1.28
C ASP B 492 8.40 6.90 -1.39
N GLN B 493 9.45 6.56 -0.67
CA GLN B 493 10.72 7.29 -0.73
C GLN B 493 11.87 6.30 -0.58
N VAL B 494 12.96 6.58 -1.29
CA VAL B 494 14.22 5.95 -1.02
C VAL B 494 15.27 7.06 -0.83
N LEU B 495 16.31 6.75 -0.04
CA LEU B 495 17.46 7.61 0.10
C LEU B 495 18.52 7.16 -0.92
N VAL B 496 18.91 8.05 -1.80
CA VAL B 496 19.91 7.74 -2.80
C VAL B 496 21.31 8.14 -2.30
N THR B 497 22.14 7.10 -2.13
CA THR B 497 23.52 7.26 -1.77
C THR B 497 24.35 7.10 -3.03
N SER B 498 25.55 7.64 -3.00
CA SER B 498 26.50 7.52 -4.10
C SER B 498 27.89 7.85 -3.63
N TYR B 499 28.86 7.58 -4.49
CA TYR B 499 30.21 8.10 -4.23
C TYR B 499 30.42 9.32 -5.09
N MET B 500 31.31 10.19 -4.62
CA MET B 500 31.51 11.54 -5.17
C MET B 500 32.97 11.78 -5.45
N THR B 501 33.23 12.46 -6.55
CA THR B 501 34.55 12.69 -7.07
C THR B 501 35.04 11.42 -7.71
N ASN B 502 35.27 11.48 -9.02
CA ASN B 502 35.79 10.31 -9.73
C ASN B 502 37.22 10.00 -9.31
N ARG B 503 37.60 8.74 -9.48
CA ARG B 503 38.84 8.20 -8.91
C ARG B 503 40.11 8.68 -9.60
N ASN B 504 41.23 8.40 -8.97
CA ASN B 504 42.53 8.58 -9.60
C ASN B 504 42.88 10.02 -9.92
N GLY B 505 42.43 10.93 -9.08
CA GLY B 505 42.93 12.28 -9.13
C GLY B 505 42.44 13.09 -10.28
N VAL B 506 41.45 12.62 -11.05
CA VAL B 506 40.93 13.42 -12.18
C VAL B 506 40.37 14.79 -11.78
N ALA B 507 39.95 14.99 -10.55
CA ALA B 507 39.54 16.32 -10.10
C ALA B 507 40.66 17.15 -9.50
N GLY B 508 41.88 16.60 -9.39
CA GLY B 508 42.98 17.31 -8.77
C GLY B 508 43.67 16.47 -7.75
N LYS B 509 44.95 16.71 -7.52
CA LYS B 509 45.71 15.87 -6.60
C LYS B 509 45.15 16.04 -5.20
N GLY B 510 44.95 14.94 -4.49
CA GLY B 510 44.36 14.99 -3.17
C GLY B 510 42.85 15.14 -3.11
N MET B 511 42.18 15.28 -4.25
CA MET B 511 40.74 15.14 -4.30
C MET B 511 40.34 13.66 -4.47
N ASP B 512 40.18 12.99 -3.35
CA ASP B 512 39.87 11.58 -3.34
C ASP B 512 38.36 11.32 -3.49
N SER B 513 38.04 10.19 -4.09
CA SER B 513 36.67 9.72 -4.14
C SER B 513 36.23 9.57 -2.69
N THR B 514 35.02 10.07 -2.42
CA THR B 514 34.51 10.18 -1.08
C THR B 514 33.01 9.84 -1.13
N TRP B 515 32.35 9.93 0.01
CA TRP B 515 30.93 9.63 0.09
C TRP B 515 30.14 10.87 -0.24
N ALA B 516 29.21 10.74 -1.16
CA ALA B 516 28.37 11.88 -1.43
C ALA B 516 27.41 12.21 -0.28
N PRO B 517 26.92 13.47 -0.25
CA PRO B 517 25.65 13.75 0.37
C PRO B 517 24.57 12.88 -0.30
N SER B 518 23.61 12.41 0.51
CA SER B 518 22.53 11.56 0.04
C SER B 518 21.26 12.44 -0.14
N PHE B 519 20.33 12.00 -0.96
CA PHE B 519 19.14 12.79 -1.25
C PHE B 519 17.94 11.88 -1.49
N LEU B 520 16.76 12.37 -1.14
CA LEU B 520 15.54 11.62 -1.26
C LEU B 520 15.02 11.62 -2.70
N LEU B 521 14.40 10.50 -3.03
CA LEU B 521 13.83 10.25 -4.33
C LEU B 521 12.44 9.68 -4.02
N GLN B 522 11.43 10.31 -4.60
CA GLN B 522 10.08 9.92 -4.35
C GLN B 522 9.65 8.95 -5.43
N ILE B 523 8.88 7.94 -5.03
CA ILE B 523 8.42 6.90 -5.90
C ILE B 523 6.90 7.00 -5.96
N ASN B 524 6.37 7.25 -7.15
CA ASN B 524 4.97 7.57 -7.33
C ASN B 524 4.19 6.36 -7.76
N PRO B 525 2.90 6.30 -7.41
CA PRO B 525 2.16 5.07 -7.67
C PRO B 525 1.85 4.83 -9.14
N ASP B 526 2.09 5.81 -10.01
CA ASP B 526 1.93 5.62 -11.45
C ASP B 526 3.24 5.24 -12.20
N ASN B 527 4.22 4.70 -11.48
CA ASN B 527 5.47 4.24 -12.07
C ASN B 527 6.33 5.35 -12.60
N THR B 528 6.21 6.53 -11.99
CA THR B 528 7.15 7.60 -12.18
C THR B 528 7.91 7.88 -10.90
N THR B 529 8.97 8.67 -11.02
CA THR B 529 9.77 9.07 -9.87
C THR B 529 10.03 10.57 -9.89
N THR B 530 10.31 11.12 -8.71
CA THR B 530 10.60 12.53 -8.55
C THR B 530 11.73 12.79 -7.56
N VAL B 531 12.82 13.34 -8.06
CA VAL B 531 13.94 13.74 -7.20
C VAL B 531 13.44 14.81 -6.25
N LEU B 532 13.73 14.63 -4.98
CA LEU B 532 13.38 15.65 -4.00
C LEU B 532 14.64 16.41 -3.55
N ALA B 533 14.45 17.67 -3.24
CA ALA B 533 15.53 18.54 -2.81
C ALA B 533 15.93 18.33 -1.35
N LYS B 534 15.63 17.19 -0.80
CA LYS B 534 15.96 16.89 0.57
C LYS B 534 17.31 16.21 0.60
N MET B 535 18.25 16.73 1.37
CA MET B 535 19.65 16.30 1.28
C MET B 535 20.32 16.18 2.65
N THR B 536 21.24 15.22 2.77
CA THR B 536 21.92 14.94 4.06
C THR B 536 23.37 15.46 4.06
N ASN B 537 24.06 15.31 5.18
CA ASN B 537 25.51 15.32 5.19
C ASN B 537 26.11 14.24 4.28
N GLN B 538 27.41 14.36 4.03
CA GLN B 538 28.13 13.35 3.30
C GLN B 538 28.06 12.04 4.08
N GLY B 539 27.78 10.94 3.39
CA GLY B 539 27.93 9.60 3.98
C GLY B 539 26.83 9.20 4.93
N ASP B 540 25.68 9.85 4.82
CA ASP B 540 24.47 9.48 5.54
C ASP B 540 23.71 8.37 4.78
N TRP B 541 23.56 7.23 5.45
CA TRP B 541 22.83 6.04 4.97
C TRP B 541 21.42 5.95 5.56
N ILE B 542 21.13 6.81 6.52
CA ILE B 542 19.91 6.68 7.34
C ILE B 542 19.16 8.01 7.35
N TRP B 543 18.08 8.09 6.58
CA TRP B 543 17.31 9.31 6.57
C TRP B 543 16.39 9.39 7.77
N ASP B 544 16.36 10.53 8.44
CA ASP B 544 15.31 10.86 9.40
C ASP B 544 15.20 12.39 9.48
N ASP B 545 14.34 12.87 10.38
CA ASP B 545 14.05 14.31 10.52
C ASP B 545 15.35 15.07 10.79
N SER B 546 16.09 14.57 11.80
CA SER B 546 17.41 15.05 12.21
C SER B 546 18.49 15.11 11.09
N SER B 547 18.31 14.41 9.98
CA SER B 547 19.42 14.23 9.02
C SER B 547 19.58 15.32 7.95
N GLU B 548 18.59 16.19 7.76
CA GLU B 548 18.65 17.14 6.67
C GLU B 548 19.67 18.23 6.92
N ASN B 549 20.46 18.55 5.90
CA ASN B 549 21.42 19.65 5.97
C ASN B 549 21.40 20.56 4.76
N LEU B 550 20.73 21.68 4.93
CA LEU B 550 20.51 22.61 3.86
C LEU B 550 21.81 23.24 3.39
N ASP B 551 22.83 23.29 4.25
CA ASP B 551 24.14 23.78 3.81
C ASP B 551 24.75 23.01 2.64
N MET B 552 24.39 21.73 2.45
CA MET B 552 24.98 20.92 1.37
C MET B 552 24.36 21.18 -0.01
N ILE B 553 23.22 21.87 -0.08
CA ILE B 553 22.52 22.07 -1.34
C ILE B 553 23.30 23.08 -2.17
N GLY B 554 23.53 22.71 -3.43
CA GLY B 554 24.15 23.63 -4.38
C GLY B 554 23.23 24.13 -5.48
N ASP B 555 23.78 24.99 -6.32
CA ASP B 555 23.16 25.35 -7.61
C ASP B 555 24.26 25.25 -8.64
N LEU B 556 23.93 25.50 -9.90
CA LEU B 556 24.90 25.31 -10.97
C LEU B 556 26.21 26.03 -10.69
N ASP B 557 26.12 27.26 -10.18
CA ASP B 557 27.28 28.04 -9.85
C ASP B 557 28.15 27.41 -8.75
N SER B 558 27.55 27.07 -7.61
CA SER B 558 28.34 26.63 -6.45
C SER B 558 28.63 25.14 -6.53
N ALA B 559 28.19 24.49 -7.61
CA ALA B 559 28.48 23.09 -7.83
C ALA B 559 29.91 22.84 -8.24
N ALA B 560 30.55 23.89 -8.75
CA ALA B 560 31.98 23.86 -9.13
C ALA B 560 32.84 24.61 -8.12
N LEU B 561 33.99 24.06 -7.77
CA LEU B 561 35.05 24.84 -7.09
C LEU B 561 35.63 25.88 -8.07
N PRO B 562 36.22 26.97 -7.52
CA PRO B 562 36.85 27.96 -8.43
C PRO B 562 37.90 27.31 -9.33
N GLY B 563 37.89 27.68 -10.60
CA GLY B 563 38.81 27.14 -11.57
C GLY B 563 38.32 25.90 -12.33
N GLU B 564 37.30 25.21 -11.79
CA GLU B 564 36.85 23.93 -12.37
C GLU B 564 36.15 24.06 -13.76
N ARG B 565 35.45 25.14 -13.99
CA ARG B 565 34.89 25.37 -15.31
C ARG B 565 35.97 25.48 -16.40
N ASP B 566 37.16 25.98 -16.07
CA ASP B 566 38.25 26.19 -17.07
C ASP B 566 39.21 25.00 -17.20
N LYS B 567 38.90 23.89 -16.53
CA LYS B 567 39.80 22.73 -16.47
C LYS B 567 39.59 21.78 -17.63
N PRO B 568 40.69 21.22 -18.18
CA PRO B 568 40.58 20.40 -19.40
C PRO B 568 39.96 18.99 -19.21
N VAL B 569 38.97 18.73 -20.05
CA VAL B 569 38.11 17.56 -19.93
C VAL B 569 38.88 16.23 -20.12
N ASP B 570 38.37 15.18 -19.50
CA ASP B 570 38.98 13.89 -19.52
C ASP B 570 38.10 12.93 -20.31
N TRP B 571 38.45 12.58 -21.55
CA TRP B 571 37.68 11.51 -22.25
C TRP B 571 38.09 10.07 -21.94
N ASP B 572 39.12 9.85 -21.14
CA ASP B 572 39.48 8.45 -20.73
C ASP B 572 38.36 7.78 -19.96
N LEU B 573 37.65 8.54 -19.14
CA LEU B 573 36.58 7.98 -18.33
C LEU B 573 35.24 7.95 -19.12
N ILE B 574 34.94 9.07 -19.80
CA ILE B 574 33.61 9.26 -20.38
C ILE B 574 33.43 8.84 -21.84
N GLY B 575 34.52 8.71 -22.59
CA GLY B 575 34.46 8.24 -23.97
C GLY B 575 35.08 6.88 -24.14
N TYR B 576 35.16 6.12 -23.07
CA TYR B 576 35.76 4.78 -23.08
C TYR B 576 34.83 3.70 -23.73
N GLY B 577 35.47 2.75 -24.39
CA GLY B 577 34.79 1.57 -24.88
C GLY B 577 35.86 0.58 -25.26
N LEU B 578 35.60 -0.70 -25.03
CA LEU B 578 36.57 -1.70 -25.44
C LEU B 578 36.55 -1.80 -26.99
N LYS B 579 37.76 -1.98 -27.54
CA LYS B 579 38.03 -1.94 -28.99
C LYS B 579 38.73 -3.26 -29.43
N PRO B 580 38.29 -3.89 -30.55
CA PRO B 580 38.84 -5.23 -30.91
C PRO B 580 40.08 -5.16 -31.83
N HIS B 581 40.91 -6.23 -31.82
CA HIS B 581 42.13 -6.38 -32.71
C HIS B 581 41.94 -7.28 -33.98
N ASP B 582 40.81 -7.09 -34.69
CA ASP B 582 40.59 -7.67 -36.02
C ASP B 582 40.98 -6.61 -37.08
N LYS C 59 -50.42 8.90 23.41
CA LYS C 59 -50.13 10.36 23.19
C LYS C 59 -48.95 10.63 22.18
N LEU C 60 -48.53 9.67 21.35
CA LEU C 60 -47.26 9.77 20.57
C LEU C 60 -47.11 11.04 19.78
N ASN C 61 -45.91 11.63 19.74
CA ASN C 61 -45.65 12.75 18.84
C ASN C 61 -45.28 12.15 17.51
N LYS C 62 -45.03 12.98 16.50
CA LYS C 62 -45.03 12.45 15.12
C LYS C 62 -43.73 11.77 14.69
N ASP C 63 -42.60 12.24 15.18
CA ASP C 63 -41.33 11.53 14.95
C ASP C 63 -41.33 10.12 15.57
N ALA C 64 -41.88 10.02 16.78
CA ALA C 64 -42.00 8.74 17.49
C ALA C 64 -42.99 7.83 16.80
N GLU C 65 -44.14 8.40 16.44
CA GLU C 65 -45.14 7.72 15.62
C GLU C 65 -44.46 7.07 14.42
N ASN C 66 -43.68 7.86 13.72
CA ASN C 66 -42.93 7.43 12.55
C ASN C 66 -42.10 6.17 12.75
N VAL C 67 -41.27 6.13 13.79
CA VAL C 67 -40.36 4.98 13.99
C VAL C 67 -41.06 3.77 14.59
N VAL C 68 -42.17 3.97 15.30
CA VAL C 68 -42.96 2.87 15.81
C VAL C 68 -43.58 2.10 14.62
N LYS C 69 -44.08 2.83 13.64
CA LYS C 69 -44.68 2.19 12.49
C LYS C 69 -43.62 1.48 11.68
N LYS C 70 -42.52 2.16 11.37
CA LYS C 70 -41.44 1.52 10.60
C LYS C 70 -40.93 0.25 11.27
N ALA C 71 -40.95 0.22 12.60
CA ALA C 71 -40.54 -0.95 13.37
C ALA C 71 -41.56 -2.09 13.36
N GLY C 72 -42.77 -1.82 12.85
CA GLY C 72 -43.83 -2.83 12.80
C GLY C 72 -44.46 -3.07 14.15
N ILE C 73 -44.51 -2.03 14.99
CA ILE C 73 -45.12 -2.14 16.30
C ILE C 73 -46.46 -1.46 16.29
N ASP C 74 -47.44 -2.15 16.85
CA ASP C 74 -48.78 -1.62 17.05
C ASP C 74 -48.73 -0.54 18.12
N PRO C 75 -48.99 0.73 17.76
CA PRO C 75 -49.04 1.78 18.80
C PRO C 75 -49.91 1.46 20.02
N ASN C 76 -50.96 0.69 19.85
CA ASN C 76 -51.90 0.36 20.94
C ASN C 76 -51.35 -0.61 21.96
N SER C 77 -50.22 -1.25 21.65
CA SER C 77 -49.56 -2.18 22.59
C SER C 77 -48.58 -1.48 23.57
N LEU C 78 -48.53 -0.15 23.55
CA LEU C 78 -47.53 0.61 24.30
C LEU C 78 -48.07 1.21 25.60
N THR C 79 -47.34 1.07 26.71
CA THR C 79 -47.72 1.68 27.99
C THR C 79 -47.61 3.21 27.90
N ASP C 80 -48.12 3.94 28.89
CA ASP C 80 -47.96 5.41 28.87
C ASP C 80 -46.50 5.78 29.09
N ASP C 81 -45.77 5.00 29.88
CA ASP C 81 -44.34 5.23 30.14
C ASP C 81 -43.50 5.05 28.87
N GLN C 82 -43.83 4.02 28.09
CA GLN C 82 -43.18 3.77 26.81
C GLN C 82 -43.42 4.91 25.81
N ILE C 83 -44.64 5.43 25.77
CA ILE C 83 -44.97 6.54 24.89
C ILE C 83 -44.21 7.79 25.34
N LYS C 84 -44.24 8.08 26.64
CA LYS C 84 -43.55 9.26 27.19
C LYS C 84 -42.02 9.23 26.88
N ALA C 85 -41.44 8.02 26.94
CA ALA C 85 -40.02 7.82 26.65
C ALA C 85 -39.73 8.05 25.18
N LEU C 86 -40.46 7.39 24.29
CA LEU C 86 -40.32 7.64 22.86
C LEU C 86 -40.52 9.11 22.49
N ASN C 87 -41.40 9.80 23.20
CA ASN C 87 -41.57 11.24 22.98
C ASN C 87 -40.42 12.13 23.42
N LYS C 88 -39.54 11.64 24.29
CA LYS C 88 -38.36 12.39 24.69
C LYS C 88 -37.21 12.22 23.72
N MET C 89 -37.33 11.26 22.81
CA MET C 89 -36.20 10.82 22.03
C MET C 89 -35.75 11.92 21.12
N ASN C 90 -34.46 12.21 21.18
CA ASN C 90 -33.83 13.17 20.32
C ASN C 90 -33.29 12.45 19.10
N PHE C 91 -33.75 12.84 17.91
CA PHE C 91 -33.34 12.20 16.69
C PHE C 91 -32.24 12.95 15.92
N SER C 92 -31.56 13.89 16.55
CA SER C 92 -30.44 14.52 15.89
C SER C 92 -29.42 13.47 15.38
N LYS C 93 -28.85 13.71 14.21
CA LYS C 93 -27.82 12.80 13.65
C LYS C 93 -26.38 13.34 13.78
N ALA C 94 -26.22 14.56 14.28
CA ALA C 94 -24.91 15.18 14.43
C ALA C 94 -23.99 14.51 15.51
N ALA C 95 -22.89 13.93 15.07
CA ALA C 95 -21.90 13.31 15.96
C ALA C 95 -21.12 14.37 16.71
N LYS C 96 -21.12 14.31 18.03
CA LYS C 96 -20.47 15.32 18.85
C LYS C 96 -19.07 14.94 19.35
N SER C 97 -18.76 13.64 19.42
CA SER C 97 -17.52 13.18 20.05
C SER C 97 -16.89 12.01 19.29
N GLY C 98 -16.66 12.22 18.00
CA GLY C 98 -16.02 11.22 17.12
C GLY C 98 -16.91 10.03 16.78
N THR C 99 -16.28 8.99 16.26
CA THR C 99 -17.01 7.78 15.96
C THR C 99 -17.44 7.05 17.25
N GLN C 100 -18.64 6.56 17.29
CA GLN C 100 -19.17 5.92 18.47
C GLN C 100 -19.23 4.40 18.34
N MET C 101 -18.94 3.70 19.43
CA MET C 101 -19.39 2.32 19.58
C MET C 101 -20.84 2.42 20.01
N THR C 102 -21.74 2.04 19.12
CA THR C 102 -23.17 2.14 19.40
C THR C 102 -23.65 0.96 20.23
N TYR C 103 -24.87 1.08 20.76
CA TYR C 103 -25.50 0.00 21.52
C TYR C 103 -25.58 -1.28 20.66
N ASN C 104 -25.86 -1.11 19.39
CA ASN C 104 -25.90 -2.19 18.42
C ASN C 104 -24.50 -2.78 18.16
N ASP C 105 -23.49 -1.93 18.00
CA ASP C 105 -22.10 -2.43 17.86
C ASP C 105 -21.76 -3.33 19.05
N PHE C 106 -22.06 -2.87 20.24
CA PHE C 106 -21.69 -3.58 21.44
C PHE C 106 -22.38 -4.94 21.48
N GLN C 107 -23.65 -4.92 21.17
CA GLN C 107 -24.39 -6.16 21.23
C GLN C 107 -23.86 -7.13 20.18
N LYS C 108 -23.54 -6.61 19.01
CA LYS C 108 -22.89 -7.43 17.96
C LYS C 108 -21.52 -7.97 18.37
N ILE C 109 -20.72 -7.16 19.08
CA ILE C 109 -19.45 -7.65 19.61
C ILE C 109 -19.65 -8.79 20.59
N ALA C 110 -20.61 -8.63 21.50
CA ALA C 110 -20.92 -9.71 22.41
C ALA C 110 -21.41 -10.96 21.68
N ASP C 111 -22.33 -10.81 20.73
CA ASP C 111 -22.83 -11.97 20.02
C ASP C 111 -21.71 -12.71 19.26
N THR C 112 -20.84 -11.96 18.60
CA THR C 112 -19.65 -12.55 17.97
C THR C 112 -18.78 -13.32 18.99
N LEU C 113 -18.55 -12.76 20.18
CA LEU C 113 -17.77 -13.46 21.17
C LEU C 113 -18.48 -14.75 21.54
N ILE C 114 -19.80 -14.69 21.67
CA ILE C 114 -20.61 -15.87 22.02
C ILE C 114 -20.54 -16.99 20.97
N LYS C 115 -20.61 -16.63 19.69
CA LYS C 115 -20.44 -17.61 18.61
C LYS C 115 -19.06 -18.25 18.53
N GLN C 116 -18.04 -17.66 19.13
CA GLN C 116 -16.70 -18.25 19.16
C GLN C 116 -16.20 -18.57 17.71
N ASP C 117 -16.36 -17.58 16.84
CA ASP C 117 -15.97 -17.64 15.43
C ASP C 117 -14.44 -17.60 15.27
N GLY C 118 -13.90 -18.59 14.54
CA GLY C 118 -12.46 -18.77 14.33
C GLY C 118 -11.72 -17.57 13.78
N ARG C 119 -12.40 -16.72 13.02
CA ARG C 119 -11.78 -15.50 12.54
C ARG C 119 -11.36 -14.53 13.63
N TYR C 120 -12.03 -14.59 14.80
CA TYR C 120 -11.84 -13.59 15.85
C TYR C 120 -11.38 -14.12 17.21
N THR C 121 -11.57 -15.40 17.49
CA THR C 121 -11.25 -15.93 18.79
C THR C 121 -9.76 -15.93 19.07
N VAL C 122 -9.39 -15.62 20.30
CA VAL C 122 -8.01 -15.78 20.75
C VAL C 122 -7.72 -17.29 20.62
N PRO C 123 -6.59 -17.65 20.00
CA PRO C 123 -6.25 -19.04 19.89
C PRO C 123 -6.08 -19.65 21.26
N PHE C 124 -6.34 -20.94 21.27
CA PHE C 124 -6.06 -21.79 22.42
C PHE C 124 -4.56 -21.92 22.62
N PHE C 125 -4.14 -21.85 23.88
CA PHE C 125 -2.74 -21.98 24.25
C PHE C 125 -2.57 -23.30 25.01
N LYS C 126 -1.51 -24.07 24.71
CA LYS C 126 -1.24 -25.28 25.46
C LYS C 126 -0.88 -24.95 26.89
N ALA C 127 -1.82 -25.22 27.82
CA ALA C 127 -1.70 -24.81 29.22
C ALA C 127 -0.45 -25.30 29.91
N SER C 128 -0.08 -26.56 29.66
CA SER C 128 1.09 -27.22 30.25
C SER C 128 2.41 -26.54 29.95
N GLU C 129 2.46 -25.72 28.91
CA GLU C 129 3.69 -25.01 28.55
C GLU C 129 3.89 -23.69 29.28
N ILE C 130 2.88 -23.26 30.03
CA ILE C 130 2.86 -21.91 30.55
C ILE C 130 3.58 -21.75 31.90
N LYS C 131 4.46 -20.75 31.99
CA LYS C 131 5.30 -20.50 33.15
C LYS C 131 5.19 -19.05 33.64
N ASN C 132 5.31 -18.89 34.95
CA ASN C 132 5.69 -17.61 35.49
C ASN C 132 7.00 -17.11 34.90
N MET C 133 7.08 -15.82 34.61
CA MET C 133 8.29 -15.24 34.02
C MET C 133 9.37 -15.12 35.09
N PRO C 134 10.55 -15.71 34.84
CA PRO C 134 11.58 -15.61 35.87
C PRO C 134 11.94 -14.19 36.34
N ALA C 135 11.99 -13.24 35.44
CA ALA C 135 12.28 -11.84 35.82
C ALA C 135 11.16 -11.16 36.61
N ALA C 136 10.01 -11.80 36.75
CA ALA C 136 8.95 -11.28 37.60
C ALA C 136 9.13 -11.74 39.05
N THR C 137 10.12 -12.58 39.29
CA THR C 137 10.63 -12.81 40.65
C THR C 137 11.76 -11.81 40.87
N THR C 138 11.50 -10.81 41.70
CA THR C 138 12.38 -9.64 41.78
C THR C 138 12.09 -8.82 43.03
N LYS C 139 13.00 -7.90 43.37
CA LYS C 139 12.80 -7.06 44.53
C LYS C 139 11.55 -6.17 44.34
N ASP C 140 10.57 -6.31 45.22
CA ASP C 140 9.33 -5.56 45.09
C ASP C 140 9.52 -4.07 45.34
N ALA C 141 8.84 -3.24 44.55
CA ALA C 141 9.01 -1.78 44.68
C ALA C 141 8.61 -1.24 46.06
N GLN C 142 7.66 -1.89 46.72
CA GLN C 142 7.11 -1.39 48.01
C GLN C 142 7.70 -2.09 49.26
N THR C 143 7.74 -3.41 49.27
CA THR C 143 8.21 -4.15 50.42
C THR C 143 9.73 -4.24 50.48
N ASN C 144 10.38 -3.86 49.38
CA ASN C 144 11.83 -4.06 49.20
C ASN C 144 12.34 -5.49 49.38
N THR C 145 11.49 -6.50 49.19
CA THR C 145 11.88 -7.88 49.36
C THR C 145 11.61 -8.65 48.06
N ILE C 146 12.50 -9.58 47.72
CA ILE C 146 12.36 -10.39 46.50
C ILE C 146 11.13 -11.27 46.62
N GLU C 147 10.19 -11.10 45.68
CA GLU C 147 8.96 -11.89 45.66
C GLU C 147 8.64 -12.28 44.24
N PRO C 148 7.88 -13.38 44.06
CA PRO C 148 7.23 -13.66 42.76
C PRO C 148 6.04 -12.73 42.53
N LEU C 149 6.15 -11.88 41.50
CA LEU C 149 5.13 -10.85 41.20
C LEU C 149 4.18 -11.27 40.06
N ASP C 150 2.94 -10.82 40.16
CA ASP C 150 2.06 -10.77 39.01
C ASP C 150 2.74 -9.78 38.08
N VAL C 151 2.82 -10.14 36.79
CA VAL C 151 3.15 -9.17 35.77
C VAL C 151 1.98 -9.10 34.82
N TRP C 152 1.50 -7.87 34.56
CA TRP C 152 0.40 -7.66 33.65
C TRP C 152 0.74 -6.64 32.53
N ASP C 153 -0.07 -5.59 32.31
CA ASP C 153 0.13 -4.62 31.24
C ASP C 153 1.59 -4.36 31.03
N SER C 154 2.07 -4.62 29.81
CA SER C 154 3.47 -4.46 29.42
C SER C 154 3.58 -3.88 28.02
N TRP C 155 4.67 -3.17 27.72
CA TRP C 155 4.87 -2.61 26.38
C TRP C 155 6.35 -2.48 26.04
N PRO C 156 6.73 -2.73 24.80
CA PRO C 156 8.09 -2.51 24.41
C PRO C 156 8.38 -1.02 24.19
N VAL C 157 9.64 -0.65 24.29
CA VAL C 157 10.06 0.62 23.77
C VAL C 157 10.01 0.51 22.26
N GLN C 158 9.36 1.45 21.61
CA GLN C 158 9.09 1.43 20.19
C GLN C 158 9.72 2.61 19.46
N ASP C 159 10.00 2.41 18.17
CA ASP C 159 10.32 3.51 17.28
C ASP C 159 9.07 4.40 17.22
N VAL C 160 9.25 5.68 17.51
CA VAL C 160 8.14 6.61 17.62
C VAL C 160 7.33 6.79 16.32
N ARG C 161 8.00 6.56 15.18
CA ARG C 161 7.41 6.68 13.86
C ARG C 161 6.75 5.39 13.36
N THR C 162 7.48 4.26 13.38
CA THR C 162 6.98 3.01 12.81
C THR C 162 6.28 2.12 13.80
N GLY C 163 6.51 2.35 15.08
CA GLY C 163 5.98 1.47 16.11
C GLY C 163 6.70 0.15 16.31
N GLN C 164 7.81 -0.04 15.61
CA GLN C 164 8.54 -1.30 15.70
C GLN C 164 9.24 -1.35 17.04
N VAL C 165 9.48 -2.56 17.51
CA VAL C 165 10.24 -2.76 18.72
C VAL C 165 11.62 -2.19 18.49
N ALA C 166 12.03 -1.32 19.38
CA ALA C 166 13.27 -0.58 19.15
C ALA C 166 14.46 -1.45 19.50
N ASN C 167 15.56 -1.19 18.82
CA ASN C 167 16.83 -1.82 19.13
C ASN C 167 17.68 -0.79 19.80
N TRP C 168 17.92 -0.97 21.07
CA TRP C 168 18.75 -0.04 21.87
C TRP C 168 20.06 -0.75 22.17
N ASN C 169 21.11 -0.39 21.44
CA ASN C 169 22.43 -0.97 21.61
C ASN C 169 22.42 -2.48 21.61
N GLY C 170 21.59 -3.10 20.77
CA GLY C 170 21.48 -4.56 20.69
C GLY C 170 20.56 -5.19 21.70
N TYR C 171 19.89 -4.37 22.52
CA TYR C 171 18.82 -4.86 23.38
C TYR C 171 17.39 -4.48 22.89
N GLN C 172 16.42 -5.32 23.29
CA GLN C 172 14.99 -4.96 23.34
C GLN C 172 14.63 -4.58 24.78
N LEU C 173 13.79 -3.57 24.92
CA LEU C 173 13.42 -3.00 26.19
C LEU C 173 11.91 -3.03 26.32
N VAL C 174 11.46 -3.48 27.48
CA VAL C 174 10.04 -3.58 27.80
C VAL C 174 9.76 -2.95 29.16
N ILE C 175 8.60 -2.32 29.27
CA ILE C 175 8.20 -1.75 30.54
C ILE C 175 6.92 -2.45 30.96
N ALA C 176 6.85 -2.83 32.26
CA ALA C 176 5.81 -3.73 32.73
C ALA C 176 5.30 -3.35 34.11
N MET C 177 3.99 -3.38 34.25
CA MET C 177 3.39 -3.33 35.53
C MET C 177 3.59 -4.66 36.23
N MET C 178 4.16 -4.59 37.45
CA MET C 178 4.19 -5.73 38.36
C MET C 178 3.85 -5.34 39.79
N GLY C 179 3.55 -6.38 40.56
CA GLY C 179 3.13 -6.27 41.94
C GLY C 179 2.82 -7.61 42.58
N ILE C 180 2.84 -7.64 43.90
CA ILE C 180 2.59 -8.85 44.66
C ILE C 180 1.13 -9.20 44.55
N PRO C 181 0.81 -10.47 44.19
CA PRO C 181 -0.57 -10.90 44.15
C PRO C 181 -1.30 -10.58 45.43
N ASN C 182 -2.52 -10.08 45.29
CA ASN C 182 -3.42 -9.77 46.42
C ASN C 182 -2.99 -8.58 47.27
N GLN C 183 -2.09 -7.76 46.74
CA GLN C 183 -1.76 -6.53 47.38
C GLN C 183 -1.97 -5.40 46.44
N ASN C 184 -2.16 -4.24 47.02
CA ASN C 184 -2.24 -3.00 46.25
C ASN C 184 -0.81 -2.51 45.99
N ASP C 185 -0.33 -2.82 44.79
CA ASP C 185 1.12 -2.73 44.52
C ASP C 185 1.33 -2.48 43.03
N ASN C 186 1.03 -1.24 42.61
CA ASN C 186 0.99 -0.91 41.21
C ASN C 186 2.12 0.00 40.80
N HIS C 187 3.17 -0.61 40.23
CA HIS C 187 4.39 0.09 39.80
C HIS C 187 4.95 -0.54 38.55
N ILE C 188 5.74 0.24 37.83
CA ILE C 188 6.34 -0.18 36.57
C ILE C 188 7.82 -0.49 36.69
N TYR C 189 8.22 -1.51 35.96
CA TYR C 189 9.57 -2.03 36.01
C TYR C 189 10.14 -2.05 34.58
N LEU C 190 11.47 -1.86 34.47
CA LEU C 190 12.17 -1.91 33.18
C LEU C 190 12.83 -3.26 33.00
N LEU C 191 12.56 -3.93 31.87
CA LEU C 191 13.21 -5.21 31.53
C LEU C 191 13.97 -5.15 30.23
N TYR C 192 14.96 -6.02 30.11
CA TYR C 192 15.73 -6.11 28.88
C TYR C 192 16.06 -7.54 28.52
N ASN C 193 16.33 -7.74 27.24
CA ASN C 193 16.83 -8.99 26.69
C ASN C 193 17.61 -8.61 25.44
N LYS C 194 18.36 -9.55 24.88
CA LYS C 194 19.06 -9.30 23.63
C LYS C 194 18.02 -9.16 22.54
N TYR C 195 18.18 -8.17 21.67
CA TYR C 195 17.25 -7.97 20.58
C TYR C 195 17.05 -9.25 19.78
N GLY C 196 15.81 -9.70 19.61
CA GLY C 196 15.47 -10.88 18.83
C GLY C 196 15.50 -12.21 19.60
N ASP C 197 15.99 -12.17 20.83
CA ASP C 197 16.05 -13.36 21.68
C ASP C 197 14.61 -13.77 22.02
N ASN C 198 14.35 -15.07 21.99
CA ASN C 198 13.01 -15.63 22.07
C ASN C 198 12.66 -16.33 23.36
N GLU C 199 13.55 -16.27 24.36
CA GLU C 199 13.37 -17.06 25.58
C GLU C 199 12.80 -16.24 26.71
N LEU C 200 11.64 -16.65 27.22
CA LEU C 200 11.04 -15.98 28.34
C LEU C 200 12.06 -15.75 29.48
N SER C 201 12.89 -16.75 29.71
CA SER C 201 13.77 -16.73 30.86
C SER C 201 15.05 -15.90 30.63
N HIS C 202 15.24 -15.33 29.44
CA HIS C 202 16.42 -14.52 29.19
C HIS C 202 16.15 -13.07 29.49
N TRP C 203 14.89 -12.74 29.81
CA TRP C 203 14.57 -11.36 30.18
C TRP C 203 15.13 -11.12 31.56
N LYS C 204 15.63 -9.92 31.76
CA LYS C 204 16.08 -9.53 33.06
C LYS C 204 15.39 -8.25 33.50
N ASN C 205 15.17 -8.18 34.81
CA ASN C 205 14.50 -7.05 35.45
C ASN C 205 15.52 -6.07 36.05
N VAL C 206 15.55 -4.86 35.50
CA VAL C 206 16.40 -3.80 36.03
C VAL C 206 15.91 -3.34 37.37
N GLY C 207 14.61 -3.42 37.61
CA GLY C 207 14.06 -2.89 38.81
C GLY C 207 12.97 -1.88 38.52
N PRO C 208 12.29 -1.38 39.57
CA PRO C 208 11.25 -0.33 39.38
C PRO C 208 11.83 0.97 38.85
N ILE C 209 11.22 1.52 37.82
CA ILE C 209 11.68 2.77 37.21
C ILE C 209 11.74 3.93 38.24
N PHE C 210 10.72 3.99 39.09
CA PHE C 210 10.64 4.99 40.15
C PHE C 210 11.18 4.52 41.52
N GLY C 211 12.00 3.49 41.50
CA GLY C 211 12.85 3.12 42.61
C GLY C 211 12.17 2.28 43.66
N TYR C 212 12.98 1.78 44.60
CA TYR C 212 12.50 1.03 45.74
C TYR C 212 11.95 2.00 46.75
N ASN C 213 11.43 1.52 47.89
CA ASN C 213 10.83 2.42 48.88
C ASN C 213 9.71 3.24 48.27
N SER C 214 8.94 2.60 47.38
CA SER C 214 7.74 3.19 46.85
C SER C 214 6.55 2.78 47.71
N THR C 215 5.41 3.45 47.48
CA THR C 215 4.22 3.25 48.28
C THR C 215 3.00 3.29 47.42
N ALA C 216 1.89 2.84 47.99
CA ALA C 216 0.57 2.83 47.30
C ALA C 216 -0.05 4.22 47.20
N VAL C 217 0.55 5.24 47.83
CA VAL C 217 0.02 6.61 47.78
C VAL C 217 0.23 7.21 46.38
N SER C 218 1.32 6.81 45.73
CA SER C 218 1.69 7.30 44.42
C SER C 218 2.11 6.12 43.53
N GLN C 219 1.24 5.76 42.59
CA GLN C 219 1.37 4.58 41.77
C GLN C 219 1.66 4.93 40.29
N GLU C 220 2.18 3.95 39.55
CA GLU C 220 2.37 4.09 38.12
C GLU C 220 1.55 3.02 37.37
N TRP C 221 0.66 3.45 36.48
CA TRP C 221 -0.12 2.56 35.63
C TRP C 221 0.31 2.80 34.17
N SER C 222 -0.40 2.17 33.22
CA SER C 222 0.18 1.93 31.92
C SER C 222 0.36 3.18 31.08
N GLY C 223 1.27 3.04 30.12
CA GLY C 223 1.41 3.99 29.03
C GLY C 223 2.14 3.41 27.83
N SER C 224 3.24 4.06 27.43
CA SER C 224 4.02 3.68 26.24
C SER C 224 5.43 4.27 26.37
N ALA C 225 6.29 3.98 25.41
CA ALA C 225 7.67 4.45 25.47
C ALA C 225 8.35 4.38 24.13
N VAL C 226 9.21 5.36 23.84
CA VAL C 226 9.91 5.44 22.58
C VAL C 226 11.34 5.93 22.76
N LEU C 227 12.12 5.86 21.69
CA LEU C 227 13.48 6.40 21.71
C LEU C 227 13.47 7.88 21.33
N ASN C 228 14.23 8.67 22.09
CA ASN C 228 14.52 10.04 21.71
C ASN C 228 15.72 10.06 20.74
N SER C 229 15.97 11.19 20.09
CA SER C 229 17.08 11.22 19.11
C SER C 229 18.48 10.95 19.71
N ASP C 230 18.71 11.25 20.98
CA ASP C 230 19.97 10.95 21.63
C ASP C 230 20.04 9.54 22.24
N ASN C 231 19.04 8.72 21.95
CA ASN C 231 18.97 7.34 22.44
C ASN C 231 18.66 7.24 23.97
N SER C 232 18.16 8.33 24.55
CA SER C 232 17.40 8.24 25.79
C SER C 232 16.00 7.71 25.45
N ILE C 233 15.27 7.30 26.48
CA ILE C 233 13.91 6.79 26.34
C ILE C 233 12.96 7.84 26.88
N GLN C 234 11.88 8.12 26.15
CA GLN C 234 10.84 8.96 26.66
C GLN C 234 9.69 8.06 27.08
N LEU C 235 9.43 8.05 28.37
CA LEU C 235 8.39 7.24 28.94
C LEU C 235 7.12 8.04 29.08
N PHE C 236 6.03 7.45 28.62
CA PHE C 236 4.71 7.95 28.96
C PHE C 236 4.02 6.91 29.83
N TYR C 237 3.49 7.37 30.95
CA TYR C 237 2.85 6.51 31.92
C TYR C 237 1.70 7.25 32.60
N THR C 238 1.09 6.58 33.56
CA THR C 238 -0.02 7.13 34.29
C THR C 238 0.41 7.29 35.73
N ARG C 239 0.45 8.53 36.20
CA ARG C 239 0.72 8.83 37.60
C ARG C 239 -0.63 8.77 38.32
N VAL C 240 -0.69 7.94 39.38
CA VAL C 240 -1.92 7.82 40.17
C VAL C 240 -1.67 8.26 41.60
N ASP C 241 -2.42 9.27 42.03
CA ASP C 241 -2.34 9.80 43.39
C ASP C 241 -3.57 9.31 44.14
N THR C 242 -3.36 8.52 45.18
CA THR C 242 -4.45 7.96 45.97
C THR C 242 -4.66 8.67 47.32
N SER C 243 -4.15 9.91 47.48
CA SER C 243 -4.19 10.60 48.78
C SER C 243 -5.52 11.21 49.12
N ASP C 244 -6.37 11.48 48.13
CA ASP C 244 -7.71 12.02 48.40
C ASP C 244 -8.65 10.85 48.68
N ASN C 245 -8.56 10.34 49.91
CA ASN C 245 -9.43 9.27 50.34
C ASN C 245 -9.36 8.00 49.47
N ASN C 246 -8.16 7.61 49.06
CA ASN C 246 -7.88 6.44 48.20
C ASN C 246 -8.56 6.38 46.81
N THR C 247 -8.98 7.50 46.26
CA THR C 247 -9.49 7.49 44.90
C THR C 247 -8.29 7.30 43.94
N ASN C 248 -8.56 6.69 42.79
CA ASN C 248 -7.51 6.54 41.75
C ASN C 248 -7.44 7.76 40.83
N HIS C 249 -6.89 8.84 41.36
CA HIS C 249 -6.79 10.10 40.63
C HIS C 249 -5.64 9.96 39.62
N GLN C 250 -6.01 9.82 38.37
CA GLN C 250 -5.11 9.47 37.31
C GLN C 250 -4.66 10.67 36.50
N LYS C 251 -3.37 10.67 36.15
CA LYS C 251 -2.75 11.73 35.35
C LYS C 251 -1.77 11.13 34.33
N ILE C 252 -1.78 11.66 33.11
CA ILE C 252 -0.81 11.27 32.13
C ILE C 252 0.45 12.02 32.44
N ALA C 253 1.51 11.27 32.65
CA ALA C 253 2.82 11.81 33.05
C ALA C 253 3.91 11.32 32.10
N SER C 254 5.03 11.98 32.13
CA SER C 254 6.14 11.57 31.32
C SER C 254 7.45 11.81 32.02
N ALA C 255 8.43 10.99 31.66
CA ALA C 255 9.78 11.19 32.17
C ALA C 255 10.79 10.68 31.16
N THR C 256 12.01 11.20 31.22
CA THR C 256 13.09 10.75 30.35
C THR C 256 13.99 9.77 31.07
N LEU C 257 14.23 8.60 30.48
CA LEU C 257 15.10 7.62 31.10
C LEU C 257 16.48 7.55 30.40
N TYR C 258 17.57 7.63 31.17
CA TYR C 258 18.92 7.46 30.66
C TYR C 258 19.43 6.14 31.18
N LEU C 259 19.82 5.28 30.23
CA LEU C 259 20.30 3.95 30.56
C LEU C 259 21.77 3.81 30.28
N THR C 260 22.39 2.82 30.91
CA THR C 260 23.77 2.46 30.64
C THR C 260 23.86 0.95 30.35
N ASP C 261 24.76 0.63 29.44
CA ASP C 261 25.04 -0.72 29.01
C ASP C 261 26.43 -1.03 29.50
N ASN C 262 26.56 -2.15 30.19
CA ASN C 262 27.85 -2.53 30.76
C ASN C 262 27.99 -4.04 30.83
N ASN C 263 28.82 -4.61 29.95
CA ASN C 263 29.04 -6.06 29.95
C ASN C 263 27.77 -6.88 29.83
N GLY C 264 26.88 -6.49 28.93
CA GLY C 264 25.62 -7.21 28.78
C GLY C 264 24.59 -6.96 29.88
N ASN C 265 24.85 -5.99 30.77
CA ASN C 265 23.89 -5.55 31.79
C ASN C 265 23.43 -4.13 31.50
N VAL C 266 22.13 -3.98 31.41
CA VAL C 266 21.50 -2.68 31.27
C VAL C 266 21.10 -2.17 32.64
N SER C 267 21.37 -0.90 32.88
CA SER C 267 21.07 -0.21 34.14
C SER C 267 20.36 1.12 33.92
N LEU C 268 19.62 1.54 34.93
CA LEU C 268 18.88 2.78 34.88
C LEU C 268 19.70 3.87 35.57
N ALA C 269 20.37 4.70 34.81
CA ALA C 269 21.28 5.72 35.39
C ALA C 269 20.52 6.91 35.95
N GLN C 270 19.52 7.40 35.24
CA GLN C 270 18.81 8.59 35.67
C GLN C 270 17.40 8.63 35.11
N VAL C 271 16.47 9.06 35.96
CA VAL C 271 15.10 9.40 35.58
C VAL C 271 14.96 10.91 35.75
N ALA C 272 14.69 11.61 34.65
CA ALA C 272 14.68 13.07 34.63
C ALA C 272 13.38 13.62 34.07
N ASN C 273 13.06 14.88 34.43
CA ASN C 273 11.97 15.62 33.81
C ASN C 273 10.61 14.98 34.07
N ASP C 274 10.43 14.35 35.24
CA ASP C 274 9.15 13.71 35.54
C ASP C 274 8.11 14.79 35.81
N HIS C 275 7.04 14.83 35.01
CA HIS C 275 6.03 15.86 35.15
C HIS C 275 4.69 15.39 34.58
N ILE C 276 3.61 16.07 34.96
CA ILE C 276 2.29 15.78 34.46
C ILE C 276 2.16 16.46 33.13
N VAL C 277 1.66 15.72 32.16
CA VAL C 277 1.39 16.24 30.82
C VAL C 277 -0.04 16.76 30.67
N PHE C 278 -1.00 15.99 31.19
CA PHE C 278 -2.43 16.25 30.97
C PHE C 278 -3.26 15.39 31.93
N GLU C 279 -4.32 15.96 32.49
CA GLU C 279 -5.22 15.16 33.30
C GLU C 279 -6.68 15.53 33.04
N GLY C 280 -6.95 15.98 31.82
CA GLY C 280 -8.32 16.31 31.38
C GLY C 280 -8.55 17.83 31.38
N ASP C 281 -9.46 18.27 30.53
CA ASP C 281 -9.79 19.68 30.35
C ASP C 281 -11.21 20.05 30.82
N GLY C 282 -12.17 19.14 30.68
CA GLY C 282 -13.53 19.40 31.13
C GLY C 282 -14.52 19.50 29.99
N TYR C 283 -14.03 19.92 28.81
CA TYR C 283 -14.84 19.93 27.60
C TYR C 283 -14.70 18.63 26.78
N TYR C 284 -13.51 18.36 26.25
CA TYR C 284 -13.30 17.13 25.50
C TYR C 284 -13.25 15.92 26.41
N TYR C 285 -12.56 16.05 27.56
CA TYR C 285 -12.26 14.94 28.47
C TYR C 285 -12.62 15.28 29.92
N GLN C 286 -13.19 14.30 30.62
CA GLN C 286 -13.60 14.46 32.02
C GLN C 286 -12.39 14.67 32.97
N THR C 287 -12.53 15.61 33.92
CA THR C 287 -11.48 15.90 34.89
C THR C 287 -11.76 15.19 36.17
N TYR C 288 -10.75 15.06 37.02
CA TYR C 288 -10.96 14.48 38.32
C TYR C 288 -12.05 15.25 39.10
N ASP C 289 -11.94 16.59 39.12
CA ASP C 289 -12.92 17.44 39.83
C ASP C 289 -14.34 17.20 39.35
N GLN C 290 -14.52 17.10 38.04
CA GLN C 290 -15.83 16.75 37.49
C GLN C 290 -16.35 15.40 37.97
N TRP C 291 -15.48 14.39 37.93
CA TRP C 291 -15.86 13.05 38.38
C TRP C 291 -16.27 13.07 39.83
N LYS C 292 -15.45 13.74 40.65
CA LYS C 292 -15.68 13.82 42.07
C LYS C 292 -16.97 14.55 42.42
N ALA C 293 -17.29 15.60 41.66
CA ALA C 293 -18.42 16.41 42.02
C ALA C 293 -19.73 15.62 41.93
N THR C 294 -19.82 14.66 41.01
CA THR C 294 -21.10 13.94 40.76
C THR C 294 -21.08 12.47 41.05
N ASN C 295 -19.97 11.93 41.54
CA ASN C 295 -19.86 10.51 41.72
C ASN C 295 -20.46 10.11 43.03
N LYS C 296 -21.49 9.27 42.93
CA LYS C 296 -22.12 8.64 44.07
C LYS C 296 -21.80 7.15 44.02
N GLY C 297 -20.80 6.74 43.23
CA GLY C 297 -20.26 5.40 43.27
C GLY C 297 -20.41 4.62 41.98
N ALA C 298 -21.20 5.13 41.05
CA ALA C 298 -21.47 4.40 39.81
C ALA C 298 -20.55 4.80 38.60
N ASP C 299 -19.73 5.84 38.77
CA ASP C 299 -18.96 6.42 37.66
C ASP C 299 -17.49 6.01 37.65
N ASN C 300 -17.02 5.60 36.47
CA ASN C 300 -15.60 5.27 36.33
C ASN C 300 -14.79 6.52 36.24
N ILE C 301 -13.52 6.38 36.56
CA ILE C 301 -12.58 7.45 36.34
C ILE C 301 -11.40 6.92 35.54
N ALA C 302 -11.11 7.62 34.46
CA ALA C 302 -10.15 7.16 33.47
C ALA C 302 -9.40 8.35 32.86
N MET C 303 -8.07 8.29 33.00
CA MET C 303 -7.18 9.27 32.38
C MET C 303 -5.81 8.60 32.32
N ARG C 304 -5.63 7.71 31.37
CA ARG C 304 -4.52 6.77 31.41
C ARG C 304 -4.17 6.16 30.06
N ASP C 305 -3.21 5.24 30.08
CA ASP C 305 -2.84 4.44 28.92
C ASP C 305 -2.50 5.31 27.74
N ALA C 306 -1.69 6.33 27.97
CA ALA C 306 -1.24 7.18 26.87
C ALA C 306 -0.27 6.48 25.91
N HIS C 307 -0.67 6.42 24.63
CA HIS C 307 0.14 5.87 23.53
C HIS C 307 0.71 6.98 22.67
N VAL C 308 2.03 7.13 22.73
CA VAL C 308 2.69 8.11 21.88
C VAL C 308 2.91 7.62 20.47
N ILE C 309 2.75 8.53 19.49
CA ILE C 309 2.94 8.22 18.07
C ILE C 309 3.26 9.51 17.29
N GLU C 310 4.24 9.42 16.39
CA GLU C 310 4.61 10.54 15.56
C GLU C 310 4.03 10.34 14.16
N ASP C 311 3.35 11.36 13.64
CA ASP C 311 2.77 11.32 12.30
C ASP C 311 3.79 11.70 11.21
N ASP C 312 3.33 11.63 9.94
CA ASP C 312 4.14 11.97 8.78
C ASP C 312 4.73 13.37 8.85
N ASN C 313 3.94 14.32 9.35
CA ASN C 313 4.37 15.71 9.54
C ASN C 313 5.45 15.94 10.57
N GLY C 314 5.88 14.91 11.31
CA GLY C 314 6.90 15.07 12.39
C GLY C 314 6.36 15.44 13.78
N ASP C 315 5.05 15.58 13.94
CA ASP C 315 4.46 15.91 15.23
C ASP C 315 4.13 14.68 16.05
N ARG C 316 4.41 14.75 17.35
CA ARG C 316 4.06 13.70 18.29
C ARG C 316 2.65 13.94 18.87
N TYR C 317 1.88 12.85 18.97
CA TYR C 317 0.54 12.85 19.54
C TYR C 317 0.45 11.78 20.65
N LEU C 318 -0.56 11.93 21.51
CA LEU C 318 -0.85 10.95 22.53
C LEU C 318 -2.28 10.49 22.29
N VAL C 319 -2.49 9.18 22.23
CA VAL C 319 -3.80 8.64 22.07
C VAL C 319 -4.01 7.90 23.36
N PHE C 320 -5.11 8.15 24.06
CA PHE C 320 -5.18 7.80 25.50
C PHE C 320 -6.59 7.42 25.93
N GLU C 321 -6.70 6.78 27.09
CA GLU C 321 -8.00 6.40 27.63
C GLU C 321 -8.57 7.48 28.52
N ALA C 322 -9.84 7.79 28.33
CA ALA C 322 -10.48 8.82 29.12
C ALA C 322 -12.00 8.67 29.05
N SER C 323 -12.72 9.65 29.57
CA SER C 323 -14.15 9.72 29.41
C SER C 323 -14.45 11.09 28.76
N THR C 324 -15.58 11.22 28.08
CA THR C 324 -15.95 12.50 27.48
C THR C 324 -16.14 13.57 28.56
N GLY C 325 -15.95 14.83 28.19
CA GLY C 325 -16.38 15.97 29.02
C GLY C 325 -17.71 16.55 28.53
N LEU C 326 -17.87 17.84 28.75
CA LEU C 326 -19.14 18.52 28.47
C LEU C 326 -19.46 18.63 26.98
N GLU C 327 -18.49 18.37 26.10
CA GLU C 327 -18.78 18.24 24.67
C GLU C 327 -19.91 17.24 24.41
N ASN C 328 -19.91 16.12 25.15
CA ASN C 328 -20.95 15.11 25.01
C ASN C 328 -20.92 14.20 26.23
N TYR C 329 -21.43 14.76 27.33
CA TYR C 329 -21.23 14.22 28.66
C TYR C 329 -22.20 13.10 28.99
N GLN C 330 -21.78 12.23 29.91
CA GLN C 330 -22.67 11.25 30.53
C GLN C 330 -23.91 11.95 31.09
N GLY C 331 -25.01 11.22 31.13
CA GLY C 331 -26.23 11.61 31.88
C GLY C 331 -27.41 10.73 31.44
N GLU C 332 -28.51 10.79 32.16
CA GLU C 332 -29.72 10.09 31.75
C GLU C 332 -30.16 10.54 30.36
N ASP C 333 -29.89 11.78 29.98
CA ASP C 333 -30.23 12.26 28.63
C ASP C 333 -29.68 11.40 27.49
N GLN C 334 -28.55 10.72 27.71
CA GLN C 334 -27.95 9.91 26.66
C GLN C 334 -28.85 8.73 26.30
N ILE C 335 -29.72 8.28 27.23
CA ILE C 335 -30.70 7.23 26.91
C ILE C 335 -31.68 7.66 25.80
N TYR C 336 -31.80 8.97 25.61
CA TYR C 336 -32.72 9.55 24.69
C TYR C 336 -31.99 10.22 23.53
N ASN C 337 -30.78 9.77 23.22
CA ASN C 337 -30.13 10.17 21.98
C ASN C 337 -30.10 9.00 21.04
N TRP C 338 -30.90 9.13 19.99
CA TRP C 338 -31.13 8.04 19.01
C TRP C 338 -29.82 7.55 18.39
N LEU C 339 -28.93 8.48 18.07
CA LEU C 339 -27.59 8.24 17.58
C LEU C 339 -26.86 7.10 18.27
N ASN C 340 -27.08 6.99 19.56
CA ASN C 340 -26.35 6.03 20.39
C ASN C 340 -26.71 4.57 20.15
N TYR C 341 -27.85 4.31 19.53
CA TYR C 341 -28.43 2.96 19.46
C TYR C 341 -27.88 2.21 18.26
N GLY C 342 -28.00 2.85 17.08
CA GLY C 342 -27.29 2.40 15.86
C GLY C 342 -27.80 1.12 15.20
N GLY C 343 -29.00 0.67 15.54
CA GLY C 343 -29.62 -0.46 14.86
C GLY C 343 -30.77 0.05 14.02
N ASP C 344 -31.62 -0.86 13.55
CA ASP C 344 -32.81 -0.44 12.83
C ASP C 344 -33.78 0.15 13.88
N ASP C 345 -35.01 0.45 13.46
CA ASP C 345 -36.01 1.00 14.36
C ASP C 345 -36.48 -0.01 15.42
N ALA C 346 -36.67 -1.26 15.01
CA ALA C 346 -37.15 -2.28 15.96
C ALA C 346 -36.13 -2.47 17.06
N PHE C 347 -34.86 -2.60 16.65
CA PHE C 347 -33.77 -2.79 17.59
C PHE C 347 -33.62 -1.62 18.56
N ASN C 348 -33.64 -0.39 18.06
CA ASN C 348 -33.47 0.75 18.90
C ASN C 348 -34.58 0.87 19.94
N ILE C 349 -35.82 0.63 19.52
CA ILE C 349 -36.96 0.76 20.40
C ILE C 349 -36.95 -0.34 21.45
N LYS C 350 -36.71 -1.57 20.99
CA LYS C 350 -36.63 -2.69 21.91
C LYS C 350 -35.52 -2.43 22.95
N SER C 351 -34.42 -1.82 22.49
CA SER C 351 -33.28 -1.51 23.35
C SER C 351 -33.62 -0.41 24.37
N LEU C 352 -34.28 0.64 23.93
CA LEU C 352 -34.79 1.66 24.85
C LEU C 352 -35.66 1.07 25.96
N PHE C 353 -36.60 0.20 25.60
CA PHE C 353 -37.52 -0.35 26.61
C PHE C 353 -36.80 -1.30 27.54
N ARG C 354 -35.83 -2.01 27.02
CA ARG C 354 -35.08 -2.96 27.85
C ARG C 354 -34.25 -2.17 28.88
N ILE C 355 -33.64 -1.07 28.43
CA ILE C 355 -32.86 -0.21 29.29
C ILE C 355 -33.68 0.36 30.45
N LEU C 356 -34.87 0.84 30.15
CA LEU C 356 -35.76 1.42 31.16
C LEU C 356 -36.33 0.39 32.14
N SER C 357 -36.34 -0.89 31.77
CA SER C 357 -36.96 -1.90 32.57
C SER C 357 -36.02 -2.57 33.57
N ASN C 358 -34.70 -2.29 33.49
CA ASN C 358 -33.74 -2.82 34.49
C ASN C 358 -32.93 -1.65 35.06
N ASP C 359 -33.06 -1.37 36.34
CA ASP C 359 -32.36 -0.25 36.94
C ASP C 359 -30.81 -0.32 36.82
N ASP C 360 -30.23 -1.51 36.75
CA ASP C 360 -28.80 -1.63 36.57
C ASP C 360 -28.37 -1.19 35.17
N ILE C 361 -29.17 -1.53 34.18
CA ILE C 361 -28.86 -1.15 32.80
C ILE C 361 -29.05 0.37 32.62
N LYS C 362 -30.13 0.87 33.20
CA LYS C 362 -30.43 2.27 33.14
C LYS C 362 -29.34 3.11 33.76
N SER C 363 -28.91 2.71 34.96
CA SER C 363 -27.82 3.36 35.70
C SER C 363 -26.54 3.35 34.89
N ARG C 364 -26.14 2.18 34.42
CA ARG C 364 -24.91 2.06 33.63
C ARG C 364 -24.98 2.96 32.36
N ALA C 365 -26.12 2.94 31.69
CA ALA C 365 -26.31 3.77 30.52
C ALA C 365 -26.21 5.23 30.83
N THR C 366 -26.68 5.59 32.00
CA THR C 366 -26.65 6.96 32.54
C THR C 366 -25.22 7.45 32.87
N TRP C 367 -24.30 6.52 33.16
CA TRP C 367 -22.91 6.88 33.52
C TRP C 367 -21.86 6.53 32.45
N ALA C 368 -22.24 5.84 31.39
CA ALA C 368 -21.30 5.41 30.34
C ALA C 368 -20.90 6.54 29.37
N ASN C 369 -19.60 6.80 29.30
CA ASN C 369 -19.03 7.72 28.33
C ASN C 369 -17.51 7.54 28.14
N ALA C 370 -17.08 6.29 28.01
CA ALA C 370 -15.70 6.01 27.67
C ALA C 370 -15.34 6.77 26.39
N ALA C 371 -14.08 7.22 26.36
CA ALA C 371 -13.52 7.87 25.20
C ALA C 371 -12.11 7.38 24.96
N ILE C 372 -11.75 7.33 23.68
CA ILE C 372 -10.37 7.26 23.29
C ILE C 372 -10.02 8.64 22.76
N GLY C 373 -9.15 9.33 23.48
CA GLY C 373 -8.82 10.70 23.20
C GLY C 373 -7.53 10.84 22.41
N ILE C 374 -7.37 12.03 21.83
CA ILE C 374 -6.14 12.39 21.15
C ILE C 374 -5.81 13.86 21.36
N LEU C 375 -4.52 14.12 21.51
CA LEU C 375 -3.96 15.43 21.65
C LEU C 375 -2.60 15.49 20.97
N LYS C 376 -2.22 16.70 20.56
CA LYS C 376 -0.91 16.94 19.96
C LYS C 376 0.00 17.52 21.03
N LEU C 377 1.25 17.05 21.02
CA LEU C 377 2.24 17.53 21.95
C LEU C 377 3.09 18.65 21.27
N ASN C 378 3.78 19.41 22.10
CA ASN C 378 4.80 20.35 21.66
C ASN C 378 6.03 19.63 21.10
N LYS C 379 7.00 20.40 20.62
CA LYS C 379 8.19 19.82 19.95
C LYS C 379 9.32 19.37 20.84
N ASP C 380 9.22 19.65 22.13
CA ASP C 380 10.25 19.25 23.05
C ASP C 380 10.12 17.77 23.44
N GLU C 381 10.96 16.95 22.82
CA GLU C 381 11.04 15.52 23.14
C GLU C 381 11.05 15.22 24.62
N LYS C 382 11.90 15.94 25.36
CA LYS C 382 12.20 15.57 26.73
C LYS C 382 11.32 16.25 27.75
N ASN C 383 10.55 17.22 27.33
CA ASN C 383 9.60 17.91 28.22
C ASN C 383 8.26 18.09 27.51
N PRO C 384 7.61 16.99 27.17
CA PRO C 384 6.35 17.10 26.47
C PRO C 384 5.26 17.84 27.28
N LYS C 385 4.52 18.66 26.56
CA LYS C 385 3.39 19.42 27.12
C LYS C 385 2.31 19.42 26.04
N VAL C 386 1.07 19.62 26.45
CA VAL C 386 -0.02 19.73 25.49
C VAL C 386 0.14 20.97 24.62
N ALA C 387 0.10 20.78 23.29
CA ALA C 387 0.04 21.91 22.36
C ALA C 387 -1.39 22.13 21.85
N GLU C 388 -2.15 21.04 21.64
CA GLU C 388 -3.52 21.14 21.20
C GLU C 388 -4.39 19.93 21.59
N LEU C 389 -5.63 20.18 21.97
CA LEU C 389 -6.58 19.13 22.28
C LEU C 389 -7.52 18.93 21.13
N TYR C 390 -7.97 17.68 20.95
CA TYR C 390 -9.01 17.35 19.99
C TYR C 390 -10.18 16.59 20.61
N SER C 391 -11.27 16.49 19.84
CA SER C 391 -12.38 15.62 20.19
C SER C 391 -11.91 14.18 20.13
N PRO C 392 -12.56 13.29 20.87
CA PRO C 392 -12.16 11.89 20.86
C PRO C 392 -12.24 11.25 19.47
N LEU C 393 -11.33 10.32 19.20
CA LEU C 393 -11.40 9.48 18.03
C LEU C 393 -12.61 8.55 18.13
N ILE C 394 -12.81 7.99 19.33
CA ILE C 394 -13.90 7.05 19.61
C ILE C 394 -14.54 7.40 20.92
N SER C 395 -15.85 7.24 21.00
CA SER C 395 -16.54 7.38 22.28
C SER C 395 -17.70 6.39 22.36
N ALA C 396 -18.17 6.13 23.58
CA ALA C 396 -19.20 5.11 23.80
C ALA C 396 -20.27 5.57 24.80
N PRO C 397 -20.74 6.81 24.64
CA PRO C 397 -21.82 7.29 25.49
C PRO C 397 -23.01 6.33 25.41
N MET C 398 -23.58 6.05 26.59
CA MET C 398 -24.70 5.14 26.80
C MET C 398 -24.32 3.65 26.77
N VAL C 399 -23.12 3.34 26.33
CA VAL C 399 -22.77 1.99 25.90
C VAL C 399 -21.68 1.33 26.76
N SER C 400 -20.55 2.04 26.99
CA SER C 400 -19.48 1.55 27.88
C SER C 400 -18.80 2.66 28.64
N ASP C 401 -18.35 2.35 29.86
CA ASP C 401 -17.55 3.28 30.68
C ASP C 401 -16.10 2.80 30.86
N GLU C 402 -15.65 1.81 30.10
CA GLU C 402 -14.24 1.44 30.12
C GLU C 402 -13.72 0.76 28.85
N ILE C 403 -12.80 1.47 28.19
CA ILE C 403 -12.10 0.96 27.01
C ILE C 403 -10.64 1.34 27.20
N GLU C 404 -9.75 0.35 27.19
CA GLU C 404 -8.41 0.48 27.70
C GLU C 404 -7.36 0.25 26.61
N ARG C 405 -6.12 0.54 26.95
CA ARG C 405 -4.94 0.31 26.12
C ARG C 405 -5.11 0.69 24.66
N PRO C 406 -5.52 1.91 24.39
CA PRO C 406 -5.67 2.26 22.98
C PRO C 406 -4.29 2.28 22.36
N ASN C 407 -4.23 1.93 21.09
CA ASN C 407 -2.97 1.68 20.39
C ASN C 407 -3.18 1.96 18.94
N VAL C 408 -2.26 2.69 18.33
CA VAL C 408 -2.35 2.96 16.89
C VAL C 408 -1.17 2.34 16.15
N VAL C 409 -1.52 1.57 15.12
CA VAL C 409 -0.57 0.95 14.25
C VAL C 409 -0.75 1.43 12.81
N LYS C 410 0.34 1.96 12.26
CA LYS C 410 0.38 2.46 10.89
C LYS C 410 0.70 1.28 9.97
N LEU C 411 -0.18 0.98 9.03
CA LEU C 411 0.02 -0.11 8.10
C LEU C 411 -0.32 0.40 6.72
N GLY C 412 0.65 0.32 5.82
CA GLY C 412 0.57 0.97 4.55
C GLY C 412 0.32 2.42 4.82
N ASN C 413 -0.69 2.96 4.15
CA ASN C 413 -1.06 4.36 4.31
C ASN C 413 -2.28 4.52 5.20
N LYS C 414 -2.47 3.57 6.11
CA LYS C 414 -3.60 3.65 7.02
C LYS C 414 -3.25 3.52 8.51
N TYR C 415 -4.17 4.01 9.32
CA TYR C 415 -4.03 4.02 10.74
C TYR C 415 -5.08 3.10 11.34
N TYR C 416 -4.59 2.08 12.07
CA TYR C 416 -5.46 1.12 12.75
C TYR C 416 -5.43 1.40 14.27
N LEU C 417 -6.63 1.65 14.82
CA LEU C 417 -6.79 2.02 16.22
C LEU C 417 -7.43 0.82 16.92
N PHE C 418 -6.68 0.24 17.85
CA PHE C 418 -7.10 -0.93 18.57
C PHE C 418 -7.25 -0.57 20.04
N ALA C 419 -8.09 -1.35 20.72
CA ALA C 419 -8.21 -1.18 22.15
C ALA C 419 -8.76 -2.47 22.77
N ALA C 420 -8.49 -2.65 24.07
CA ALA C 420 -8.97 -3.82 24.80
C ALA C 420 -10.11 -3.37 25.73
N THR C 421 -11.06 -4.27 25.93
CA THR C 421 -12.13 -3.98 26.84
C THR C 421 -12.70 -5.26 27.47
N ARG C 422 -13.14 -5.09 28.73
CA ARG C 422 -13.91 -6.08 29.45
CA ARG C 422 -13.91 -6.09 29.44
C ARG C 422 -15.35 -5.66 29.18
N LEU C 423 -16.14 -6.55 28.59
CA LEU C 423 -17.50 -6.19 28.21
C LEU C 423 -18.47 -5.98 29.39
N ASN C 424 -18.13 -6.51 30.53
CA ASN C 424 -18.97 -6.25 31.71
C ASN C 424 -18.82 -4.82 32.24
N TRP C 425 -18.00 -4.00 31.57
CA TRP C 425 -18.02 -2.56 31.78
C TRP C 425 -19.03 -1.84 30.88
N GLY C 426 -19.79 -2.61 30.10
CA GLY C 426 -20.84 -2.06 29.28
C GLY C 426 -22.21 -2.03 29.96
N SER C 427 -23.13 -1.27 29.35
CA SER C 427 -24.43 -1.05 29.90
C SER C 427 -25.37 -2.23 29.68
N ASN C 428 -25.17 -2.98 28.60
CA ASN C 428 -26.13 -4.04 28.21
C ASN C 428 -25.88 -5.31 29.01
N ASP C 429 -26.51 -5.39 30.19
CA ASP C 429 -26.33 -6.56 31.08
C ASP C 429 -26.60 -7.90 30.40
N ASP C 430 -27.63 -7.97 29.54
CA ASP C 430 -27.97 -9.22 28.87
C ASP C 430 -26.82 -9.71 28.02
N ALA C 431 -26.27 -8.80 27.21
CA ALA C 431 -25.23 -9.20 26.26
C ALA C 431 -23.98 -9.74 26.98
N TRP C 432 -23.44 -9.00 27.96
CA TRP C 432 -22.24 -9.46 28.68
C TRP C 432 -22.46 -10.63 29.62
N MET C 433 -23.65 -10.73 30.20
CA MET C 433 -23.97 -11.92 31.00
C MET C 433 -23.94 -13.16 30.10
N ASN C 434 -24.53 -13.03 28.91
CA ASN C 434 -24.57 -14.14 28.00
C ASN C 434 -23.19 -14.54 27.49
N ALA C 435 -22.28 -13.57 27.38
CA ALA C 435 -20.88 -13.85 27.05
C ALA C 435 -20.25 -14.65 28.16
N ASN C 436 -20.46 -14.19 29.40
CA ASN C 436 -19.99 -14.91 30.56
C ASN C 436 -20.43 -16.39 30.58
N TYR C 437 -21.72 -16.64 30.30
CA TYR C 437 -22.23 -18.04 30.35
C TYR C 437 -21.70 -18.87 29.18
N ALA C 438 -21.52 -18.26 28.02
CA ALA C 438 -21.02 -19.01 26.84
C ALA C 438 -19.56 -19.39 26.97
N VAL C 439 -18.70 -18.45 27.38
CA VAL C 439 -17.22 -18.66 27.37
C VAL C 439 -16.59 -18.77 28.79
N GLY C 440 -17.21 -18.10 29.78
CA GLY C 440 -16.59 -17.95 31.09
C GLY C 440 -15.71 -16.71 31.22
N ASP C 441 -15.69 -15.88 30.17
CA ASP C 441 -15.02 -14.56 30.18
C ASP C 441 -15.72 -13.65 29.14
N ASN C 442 -15.34 -12.36 29.12
CA ASN C 442 -16.03 -11.36 28.30
C ASN C 442 -15.08 -10.28 27.68
N VAL C 443 -13.81 -10.65 27.56
CA VAL C 443 -12.81 -9.71 27.09
C VAL C 443 -12.73 -9.71 25.56
N ALA C 444 -12.27 -8.59 25.02
CA ALA C 444 -12.17 -8.46 23.60
C ALA C 444 -11.16 -7.39 23.25
N MET C 445 -10.64 -7.49 22.02
CA MET C 445 -9.99 -6.38 21.37
C MET C 445 -10.92 -5.86 20.29
N VAL C 446 -11.09 -4.54 20.25
CA VAL C 446 -11.87 -3.89 19.19
C VAL C 446 -10.91 -3.08 18.31
N GLY C 447 -11.39 -2.65 17.14
CA GLY C 447 -10.53 -2.00 16.20
C GLY C 447 -11.22 -1.19 15.12
N TYR C 448 -10.51 -0.16 14.68
CA TYR C 448 -11.06 0.82 13.74
C TYR C 448 -9.97 1.26 12.77
N VAL C 449 -10.35 1.86 11.66
CA VAL C 449 -9.32 2.31 10.70
C VAL C 449 -9.65 3.67 10.16
N ALA C 450 -8.63 4.47 9.93
CA ALA C 450 -8.78 5.78 9.31
C ALA C 450 -7.66 6.02 8.28
N ASP C 451 -7.90 6.94 7.36
CA ASP C 451 -6.93 7.33 6.33
C ASP C 451 -5.93 8.34 6.84
N SER C 452 -6.12 8.86 8.04
CA SER C 452 -5.12 9.71 8.67
C SER C 452 -5.24 9.58 10.19
N LEU C 453 -4.17 9.93 10.90
CA LEU C 453 -4.08 9.72 12.34
C LEU C 453 -5.23 10.35 13.08
N THR C 454 -5.59 11.56 12.72
CA THR C 454 -6.63 12.33 13.38
C THR C 454 -7.95 12.16 12.66
N GLY C 455 -8.04 11.21 11.72
CA GLY C 455 -9.09 11.22 10.66
C GLY C 455 -10.31 10.63 11.27
N SER C 456 -11.32 10.34 10.46
CA SER C 456 -12.49 9.70 10.98
C SER C 456 -12.29 8.18 10.97
N TYR C 457 -12.34 7.57 12.14
CA TYR C 457 -12.17 6.13 12.29
C TYR C 457 -13.47 5.35 12.05
N LYS C 458 -13.34 4.27 11.28
CA LYS C 458 -14.44 3.34 10.98
C LYS C 458 -14.19 1.94 11.52
N PRO C 459 -15.25 1.28 12.02
CA PRO C 459 -15.06 -0.03 12.67
C PRO C 459 -14.65 -1.14 11.70
N LEU C 460 -13.76 -2.02 12.16
CA LEU C 460 -13.40 -3.26 11.45
C LEU C 460 -14.42 -4.35 11.71
N ASN C 461 -14.54 -5.31 10.78
CA ASN C 461 -15.49 -6.42 10.93
C ASN C 461 -16.87 -5.96 11.35
N ASP C 462 -17.33 -4.92 10.66
CA ASP C 462 -18.60 -4.27 10.83
C ASP C 462 -18.82 -3.60 12.21
N SER C 463 -18.72 -4.39 13.29
CA SER C 463 -19.07 -3.92 14.65
C SER C 463 -17.93 -3.26 15.41
N GLY C 464 -16.72 -3.50 14.98
CA GLY C 464 -15.55 -3.14 15.72
C GLY C 464 -14.87 -4.34 16.31
N VAL C 465 -15.54 -5.50 16.31
CA VAL C 465 -14.91 -6.70 16.87
C VAL C 465 -13.63 -7.06 16.11
N VAL C 466 -12.59 -7.45 16.85
CA VAL C 466 -11.37 -8.03 16.27
C VAL C 466 -10.94 -9.35 16.95
N LEU C 467 -10.80 -9.33 18.28
CA LEU C 467 -10.49 -10.55 19.05
C LEU C 467 -11.53 -10.75 20.11
N THR C 468 -11.90 -12.01 20.32
CA THR C 468 -12.85 -12.36 21.41
C THR C 468 -12.29 -13.45 22.32
N ALA C 469 -12.59 -13.31 23.62
CA ALA C 469 -12.20 -14.31 24.62
C ALA C 469 -12.61 -15.73 24.19
N SER C 470 -11.74 -16.69 24.48
CA SER C 470 -12.02 -18.08 24.15
C SER C 470 -11.97 -19.09 25.34
N VAL C 471 -11.50 -18.68 26.52
CA VAL C 471 -11.49 -19.57 27.68
C VAL C 471 -11.87 -18.79 28.94
N PRO C 472 -12.29 -19.49 29.99
CA PRO C 472 -12.74 -18.81 31.22
C PRO C 472 -11.68 -17.92 31.88
N ALA C 473 -12.13 -16.79 32.47
CA ALA C 473 -11.24 -15.80 33.11
C ALA C 473 -10.35 -16.40 34.20
N ASN C 474 -10.80 -17.47 34.84
CA ASN C 474 -10.02 -18.05 35.93
C ASN C 474 -9.08 -19.18 35.53
N TRP C 475 -9.02 -19.53 34.23
CA TRP C 475 -8.03 -20.50 33.81
C TRP C 475 -6.64 -19.88 33.71
N ARG C 476 -5.63 -20.74 33.81
CA ARG C 476 -4.24 -20.40 33.54
C ARG C 476 -4.04 -19.67 32.20
N THR C 477 -4.70 -20.14 31.13
CA THR C 477 -4.48 -19.58 29.80
C THR C 477 -5.41 -18.40 29.45
N ALA C 478 -6.17 -17.90 30.41
CA ALA C 478 -6.93 -16.67 30.17
C ALA C 478 -5.96 -15.55 29.80
N THR C 479 -6.44 -14.56 29.03
CA THR C 479 -5.61 -13.44 28.61
C THR C 479 -6.37 -12.13 28.70
N TYR C 480 -5.64 -11.02 28.77
CA TYR C 480 -6.21 -9.68 28.68
C TYR C 480 -5.12 -8.69 28.26
N SER C 481 -5.57 -7.50 27.85
CA SER C 481 -4.68 -6.36 27.58
C SER C 481 -3.93 -6.60 26.29
N TYR C 482 -4.70 -7.06 25.31
CA TYR C 482 -4.21 -7.32 23.97
C TYR C 482 -3.55 -6.03 23.50
N TYR C 483 -2.34 -6.17 23.00
CA TYR C 483 -1.53 -5.07 22.50
C TYR C 483 -0.77 -5.51 21.24
N ALA C 484 -1.14 -4.92 20.11
CA ALA C 484 -0.60 -5.32 18.83
C ALA C 484 0.67 -4.55 18.44
N VAL C 485 1.62 -5.26 17.89
CA VAL C 485 2.94 -4.71 17.56
C VAL C 485 3.20 -4.96 16.07
N PRO C 486 3.75 -3.95 15.36
CA PRO C 486 4.05 -4.19 13.96
C PRO C 486 5.10 -5.25 13.79
N VAL C 487 5.11 -5.79 12.57
CA VAL C 487 6.02 -6.87 12.18
C VAL C 487 6.85 -6.37 11.01
N ALA C 488 8.16 -6.39 11.17
CA ALA C 488 9.08 -5.88 10.14
C ALA C 488 8.80 -6.48 8.79
N GLY C 489 8.70 -5.65 7.75
CA GLY C 489 8.49 -6.10 6.38
C GLY C 489 7.07 -6.51 5.99
N LYS C 490 6.09 -6.29 6.88
CA LYS C 490 4.72 -6.73 6.58
C LYS C 490 3.79 -5.58 6.80
N ASP C 491 3.00 -5.25 5.77
CA ASP C 491 2.02 -4.17 5.87
C ASP C 491 0.63 -4.68 6.18
N ASP C 492 0.49 -5.97 6.41
CA ASP C 492 -0.81 -6.61 6.64
C ASP C 492 -0.84 -7.63 7.78
N GLN C 493 0.06 -7.47 8.73
CA GLN C 493 0.10 -8.33 9.91
C GLN C 493 0.51 -7.49 11.13
N VAL C 494 -0.07 -7.81 12.27
CA VAL C 494 0.46 -7.37 13.54
C VAL C 494 0.66 -8.59 14.43
N LEU C 495 1.61 -8.48 15.36
CA LEU C 495 1.82 -9.47 16.40
C LEU C 495 1.01 -9.04 17.64
N VAL C 496 0.09 -9.90 18.06
CA VAL C 496 -0.73 -9.60 19.24
C VAL C 496 -0.07 -10.18 20.51
N THR C 497 0.33 -9.27 21.39
CA THR C 497 0.86 -9.61 22.68
C THR C 497 -0.24 -9.40 23.70
N SER C 498 -0.07 -10.02 24.86
CA SER C 498 -1.03 -9.93 25.95
C SER C 498 -0.41 -10.46 27.21
N TYR C 499 -1.10 -10.22 28.33
CA TYR C 499 -0.71 -10.91 29.56
C TYR C 499 -1.67 -12.05 29.78
N MET C 500 -1.17 -13.04 30.51
CA MET C 500 -1.85 -14.36 30.66
C MET C 500 -1.93 -14.72 32.11
N THR C 501 -3.05 -15.30 32.47
CA THR C 501 -3.40 -15.62 33.84
C THR C 501 -3.82 -14.36 34.52
N ASN C 502 -5.08 -14.32 34.94
CA ASN C 502 -5.58 -13.16 35.69
C ASN C 502 -4.93 -13.05 37.06
N ARG C 503 -4.93 -11.82 37.56
CA ARG C 503 -4.11 -11.47 38.76
C ARG C 503 -4.67 -12.01 40.06
N ASN C 504 -3.84 -11.92 41.09
CA ASN C 504 -4.27 -12.18 42.47
C ASN C 504 -4.68 -13.61 42.71
N GLY C 505 -4.04 -14.54 42.03
CA GLY C 505 -4.15 -15.93 42.40
C GLY C 505 -5.46 -16.56 42.04
N VAL C 506 -6.30 -15.91 41.23
CA VAL C 506 -7.59 -16.55 40.83
C VAL C 506 -7.45 -17.87 40.09
N ALA C 507 -6.32 -18.13 39.45
CA ALA C 507 -6.08 -19.45 38.85
C ALA C 507 -5.42 -20.45 39.80
N GLY C 508 -5.08 -20.06 41.02
CA GLY C 508 -4.40 -20.97 41.94
C GLY C 508 -3.20 -20.30 42.55
N LYS C 509 -2.83 -20.68 43.76
CA LYS C 509 -1.74 -20.01 44.45
C LYS C 509 -0.43 -20.27 43.66
N GLY C 510 0.35 -19.22 43.45
CA GLY C 510 1.56 -19.33 42.67
C GLY C 510 1.38 -19.33 41.16
N MET C 511 0.14 -19.29 40.66
CA MET C 511 -0.08 -18.99 39.26
C MET C 511 -0.14 -17.47 39.02
N ASP C 512 1.01 -16.90 38.77
CA ASP C 512 1.15 -15.46 38.61
C ASP C 512 0.80 -15.03 37.16
N SER C 513 0.29 -13.80 37.03
CA SER C 513 0.11 -13.20 35.75
C SER C 513 1.48 -13.14 35.10
N THR C 514 1.53 -13.54 33.83
CA THR C 514 2.77 -13.73 33.10
C THR C 514 2.54 -13.22 31.67
N TRP C 515 3.55 -13.35 30.85
CA TRP C 515 3.47 -12.89 29.46
C TRP C 515 2.90 -14.01 28.62
N ALA C 516 1.87 -13.70 27.85
CA ALA C 516 1.35 -14.72 26.96
C ALA C 516 2.32 -15.05 25.81
N PRO C 517 2.13 -16.25 25.22
CA PRO C 517 2.56 -16.46 23.85
C PRO C 517 1.85 -15.42 22.95
N SER C 518 2.57 -14.94 21.94
CA SER C 518 2.05 -13.93 21.02
C SER C 518 1.57 -14.64 19.72
N PHE C 519 0.67 -14.03 18.96
CA PHE C 519 0.15 -14.65 17.77
C PHE C 519 -0.16 -13.59 16.71
N LEU C 520 -0.03 -13.99 15.45
CA LEU C 520 -0.24 -13.10 14.35
C LEU C 520 -1.72 -12.89 14.04
N LEU C 521 -2.01 -11.68 13.59
CA LEU C 521 -3.35 -11.24 13.24
C LEU C 521 -3.17 -10.57 11.89
N GLN C 522 -3.96 -11.02 10.93
CA GLN C 522 -3.84 -10.51 9.58
C GLN C 522 -4.86 -9.41 9.41
N ILE C 523 -4.46 -8.37 8.69
CA ILE C 523 -5.27 -7.20 8.47
C ILE C 523 -5.57 -7.12 6.97
N ASN C 524 -6.85 -7.23 6.61
CA ASN C 524 -7.24 -7.38 5.23
C ASN C 524 -7.65 -6.07 4.63
N PRO C 525 -7.47 -5.92 3.31
CA PRO C 525 -7.70 -4.59 2.72
C PRO C 525 -9.17 -4.18 2.66
N ASP C 526 -10.10 -5.07 2.96
CA ASP C 526 -11.53 -4.71 3.03
C ASP C 526 -12.03 -4.40 4.47
N ASN C 527 -11.11 -4.05 5.38
CA ASN C 527 -11.48 -3.66 6.74
C ASN C 527 -12.02 -4.79 7.58
N THR C 528 -11.55 -6.00 7.26
CA THR C 528 -11.72 -7.15 8.11
C THR C 528 -10.39 -7.62 8.63
N THR C 529 -10.44 -8.52 9.61
CA THR C 529 -9.23 -9.11 10.18
C THR C 529 -9.38 -10.62 10.31
N THR C 530 -8.25 -11.31 10.36
CA THR C 530 -8.23 -12.76 10.51
C THR C 530 -7.11 -13.22 11.44
N VAL C 531 -7.49 -13.83 12.55
CA VAL C 531 -6.55 -14.43 13.46
C VAL C 531 -5.79 -15.52 12.73
N LEU C 532 -4.48 -15.51 12.83
CA LEU C 532 -3.68 -16.59 12.26
C LEU C 532 -3.14 -17.50 13.37
N ALA C 533 -3.00 -18.77 13.02
CA ALA C 533 -2.54 -19.76 13.97
C ALA C 533 -1.02 -19.76 14.17
N LYS C 534 -0.38 -18.66 13.89
CA LYS C 534 1.05 -18.56 14.02
C LYS C 534 1.35 -18.02 15.39
N MET C 535 2.20 -18.71 16.14
CA MET C 535 2.36 -18.42 17.57
C MET C 535 3.80 -18.50 18.04
N THR C 536 4.15 -17.66 19.01
CA THR C 536 5.55 -17.56 19.51
C THR C 536 5.70 -18.22 20.89
N ASN C 537 6.92 -18.21 21.43
CA ASN C 537 7.12 -18.42 22.85
C ASN C 537 6.44 -17.33 23.67
N GLN C 538 6.35 -17.57 24.98
CA GLN C 538 5.83 -16.57 25.88
C GLN C 538 6.73 -15.35 25.83
N GLY C 539 6.12 -14.16 25.75
CA GLY C 539 6.86 -12.92 25.93
C GLY C 539 7.70 -12.48 24.75
N ASP C 540 7.35 -13.00 23.57
CA ASP C 540 7.96 -12.57 22.32
C ASP C 540 7.23 -11.32 21.78
N TRP C 541 8.00 -10.24 21.65
CA TRP C 541 7.55 -8.95 21.10
C TRP C 541 7.94 -8.76 19.64
N ILE C 542 8.76 -9.68 19.12
CA ILE C 542 9.38 -9.50 17.81
C ILE C 542 9.15 -10.73 16.95
N TRP C 543 8.24 -10.64 16.01
CA TRP C 543 7.98 -11.75 15.13
C TRP C 543 9.02 -11.81 14.02
N ASP C 544 9.55 -13.00 13.78
CA ASP C 544 10.32 -13.29 12.57
C ASP C 544 10.22 -14.81 12.30
N ASP C 545 10.93 -15.27 11.29
CA ASP C 545 10.87 -16.67 10.83
C ASP C 545 11.23 -17.60 12.00
N SER C 546 12.39 -17.29 12.62
CA SER C 546 12.91 -17.94 13.81
C SER C 546 11.96 -18.01 15.03
N SER C 547 10.91 -17.20 15.09
CA SER C 547 10.15 -17.05 16.34
C SER C 547 9.01 -18.06 16.60
N GLU C 548 8.59 -18.77 15.55
CA GLU C 548 7.40 -19.62 15.67
C GLU C 548 7.69 -20.84 16.53
N ASN C 549 6.75 -21.17 17.43
CA ASN C 549 6.86 -22.35 18.27
C ASN C 549 5.56 -23.14 18.36
N LEU C 550 5.51 -24.20 17.59
CA LEU C 550 4.33 -24.99 17.45
C LEU C 550 3.99 -25.71 18.73
N ASP C 551 4.97 -25.95 19.59
CA ASP C 551 4.67 -26.52 20.92
C ASP C 551 3.67 -25.71 21.75
N MET C 552 3.58 -24.40 21.53
CA MET C 552 2.68 -23.55 22.35
C MET C 552 1.21 -23.61 21.94
N ILE C 553 0.91 -24.17 20.76
CA ILE C 553 -0.46 -24.15 20.26
C ILE C 553 -1.27 -25.16 21.03
N GLY C 554 -2.44 -24.72 21.49
CA GLY C 554 -3.39 -25.59 22.17
C GLY C 554 -4.65 -25.89 21.37
N ASP C 555 -5.50 -26.74 21.95
CA ASP C 555 -6.88 -26.92 21.53
C ASP C 555 -7.73 -26.83 22.77
N LEU C 556 -9.05 -26.94 22.61
CA LEU C 556 -9.95 -26.75 23.74
C LEU C 556 -9.57 -27.64 24.92
N ASP C 557 -9.21 -28.88 24.64
CA ASP C 557 -8.82 -29.82 25.67
C ASP C 557 -7.53 -29.39 26.42
N SER C 558 -6.45 -29.10 25.68
CA SER C 558 -5.17 -28.85 26.32
C SER C 558 -5.04 -27.38 26.76
N ALA C 559 -6.10 -26.60 26.54
CA ALA C 559 -6.13 -25.22 26.99
C ALA C 559 -6.31 -25.08 28.48
N ALA C 560 -6.83 -26.14 29.10
CA ALA C 560 -7.00 -26.21 30.56
C ALA C 560 -5.99 -27.16 31.18
N LEU C 561 -5.42 -26.79 32.33
CA LEU C 561 -4.71 -27.73 33.17
C LEU C 561 -5.70 -28.73 33.81
N PRO C 562 -5.20 -29.92 34.22
CA PRO C 562 -6.12 -30.88 34.87
C PRO C 562 -6.78 -30.28 36.10
N GLY C 563 -8.08 -30.51 36.25
CA GLY C 563 -8.83 -29.97 37.35
C GLY C 563 -9.49 -28.60 37.12
N GLU C 564 -9.03 -27.87 36.09
CA GLU C 564 -9.53 -26.50 35.85
C GLU C 564 -10.99 -26.42 35.35
N ARG C 565 -11.43 -27.41 34.59
CA ARG C 565 -12.81 -27.47 34.21
C ARG C 565 -13.76 -27.58 35.42
N ASP C 566 -13.34 -28.23 36.50
CA ASP C 566 -14.20 -28.46 37.69
C ASP C 566 -14.07 -27.36 38.77
N LYS C 567 -13.35 -26.29 38.46
CA LYS C 567 -13.04 -25.25 39.45
C LYS C 567 -14.12 -24.19 39.51
N PRO C 568 -14.44 -23.70 40.73
CA PRO C 568 -15.55 -22.75 40.88
C PRO C 568 -15.29 -21.31 40.38
N VAL C 569 -16.21 -20.85 39.54
CA VAL C 569 -16.07 -19.61 38.79
C VAL C 569 -16.02 -18.37 39.72
N ASP C 570 -15.35 -17.32 39.24
CA ASP C 570 -15.19 -16.11 39.98
C ASP C 570 -16.00 -15.00 39.30
N TRP C 571 -17.14 -14.59 39.88
CA TRP C 571 -17.79 -13.36 39.31
C TRP C 571 -17.24 -12.02 39.80
N ASP C 572 -16.29 -11.99 40.72
CA ASP C 572 -15.67 -10.71 41.14
C ASP C 572 -15.00 -9.99 39.97
N LEU C 573 -14.37 -10.75 39.10
CA LEU C 573 -13.69 -10.14 37.95
C LEU C 573 -14.64 -9.89 36.76
N ILE C 574 -15.49 -10.89 36.46
CA ILE C 574 -16.26 -10.87 35.20
C ILE C 574 -17.69 -10.31 35.29
N GLY C 575 -18.25 -10.23 36.49
CA GLY C 575 -19.57 -9.62 36.69
C GLY C 575 -19.51 -8.33 37.45
N TYR C 576 -18.34 -7.68 37.43
CA TYR C 576 -18.13 -6.42 38.15
C TYR C 576 -18.77 -5.18 37.45
N GLY C 577 -19.22 -4.26 38.27
CA GLY C 577 -19.68 -2.97 37.78
C GLY C 577 -19.80 -2.09 39.00
N LEU C 578 -19.48 -0.81 38.85
CA LEU C 578 -19.64 0.11 39.95
C LEU C 578 -21.16 0.35 40.19
N LYS C 579 -21.52 0.40 41.46
CA LYS C 579 -22.89 0.57 41.93
C LYS C 579 -23.02 1.82 42.77
N PRO C 580 -24.04 2.64 42.50
CA PRO C 580 -24.19 3.89 43.25
C PRO C 580 -24.82 3.72 44.63
N HIS C 581 -24.74 4.74 45.46
CA HIS C 581 -25.30 4.69 46.80
C HIS C 581 -26.24 5.82 47.11
N ASP C 582 -26.65 6.58 46.12
CA ASP C 582 -27.50 7.74 46.40
C ASP C 582 -28.87 7.48 47.00
N HIS C 583 -29.43 6.36 46.58
CA HIS C 583 -30.66 5.83 47.13
C HIS C 583 -30.58 4.32 47.54
N LYS D 59 -8.29 2.94 -37.23
CA LYS D 59 -9.65 2.79 -37.84
C LYS D 59 -10.74 2.21 -36.88
N LEU D 60 -10.64 2.49 -35.58
CA LEU D 60 -11.55 1.89 -34.55
C LEU D 60 -13.01 2.04 -34.85
N ASN D 61 -13.82 1.01 -34.59
CA ASN D 61 -15.27 1.16 -34.67
C ASN D 61 -15.73 1.74 -33.36
N LYS D 62 -17.03 1.99 -33.19
CA LYS D 62 -17.45 2.87 -32.10
C LYS D 62 -17.55 2.19 -30.72
N ASP D 63 -17.92 0.92 -30.68
CA ASP D 63 -17.89 0.16 -29.42
C ASP D 63 -16.45 0.03 -28.89
N ALA D 64 -15.50 -0.22 -29.79
CA ALA D 64 -14.09 -0.32 -29.42
C ALA D 64 -13.54 1.03 -28.99
N GLU D 65 -13.86 2.06 -29.77
CA GLU D 65 -13.58 3.45 -29.40
C GLU D 65 -13.98 3.69 -27.94
N ASN D 66 -15.22 3.34 -27.65
CA ASN D 66 -15.81 3.49 -26.34
C ASN D 66 -14.97 2.91 -25.19
N VAL D 67 -14.54 1.66 -25.31
CA VAL D 67 -13.81 1.00 -24.22
C VAL D 67 -12.34 1.42 -24.13
N VAL D 68 -11.78 1.86 -25.25
CA VAL D 68 -10.41 2.40 -25.25
C VAL D 68 -10.37 3.71 -24.45
N LYS D 69 -11.39 4.54 -24.63
CA LYS D 69 -11.44 5.81 -23.91
C LYS D 69 -11.64 5.53 -22.43
N LYS D 70 -12.63 4.72 -22.09
CA LYS D 70 -12.89 4.42 -20.67
C LYS D 70 -11.66 3.82 -19.98
N ALA D 71 -10.84 3.09 -20.73
CA ALA D 71 -9.60 2.52 -20.22
C ALA D 71 -8.47 3.52 -20.05
N GLY D 72 -8.66 4.74 -20.57
CA GLY D 72 -7.65 5.79 -20.48
C GLY D 72 -6.52 5.59 -21.45
N ILE D 73 -6.80 5.00 -22.60
CA ILE D 73 -5.77 4.75 -23.60
C ILE D 73 -5.95 5.73 -24.75
N ASP D 74 -4.83 6.30 -25.16
CA ASP D 74 -4.76 7.16 -26.34
C ASP D 74 -4.93 6.28 -27.58
N PRO D 75 -6.04 6.46 -28.33
CA PRO D 75 -6.20 5.69 -29.56
C PRO D 75 -5.00 5.69 -30.52
N ASN D 76 -4.22 6.77 -30.53
CA ASN D 76 -3.08 6.92 -31.45
C ASN D 76 -1.87 6.07 -31.08
N SER D 77 -1.87 5.49 -29.88
CA SER D 77 -0.79 4.60 -29.44
C SER D 77 -0.98 3.13 -29.85
N LEU D 78 -2.01 2.83 -30.64
CA LEU D 78 -2.40 1.44 -30.97
C LEU D 78 -1.91 0.99 -32.35
N THR D 79 -1.35 -0.22 -32.46
CA THR D 79 -0.92 -0.77 -33.77
C THR D 79 -2.16 -1.08 -34.64
N ASP D 80 -1.93 -1.39 -35.92
CA ASP D 80 -3.02 -1.79 -36.83
C ASP D 80 -3.69 -3.09 -36.32
N ASP D 81 -2.85 -4.02 -35.86
CA ASP D 81 -3.28 -5.31 -35.36
C ASP D 81 -4.13 -5.20 -34.10
N GLN D 82 -3.72 -4.31 -33.20
CA GLN D 82 -4.51 -4.01 -31.99
C GLN D 82 -5.88 -3.45 -32.31
N ILE D 83 -5.94 -2.54 -33.28
CA ILE D 83 -7.21 -1.95 -33.69
C ILE D 83 -8.09 -3.02 -34.34
N LYS D 84 -7.52 -3.81 -35.25
CA LYS D 84 -8.27 -4.87 -35.93
C LYS D 84 -8.86 -5.89 -34.95
N ALA D 85 -8.11 -6.19 -33.89
CA ALA D 85 -8.53 -7.13 -32.84
C ALA D 85 -9.68 -6.54 -32.03
N LEU D 86 -9.49 -5.33 -31.52
CA LEU D 86 -10.58 -4.65 -30.81
C LEU D 86 -11.84 -4.51 -31.67
N ASN D 87 -11.68 -4.35 -32.98
CA ASN D 87 -12.85 -4.31 -33.88
C ASN D 87 -13.58 -5.64 -34.07
N LYS D 88 -12.94 -6.77 -33.78
CA LYS D 88 -13.60 -8.06 -33.83
C LYS D 88 -14.37 -8.38 -32.54
N MET D 89 -14.15 -7.59 -31.50
CA MET D 89 -14.58 -7.98 -30.17
C MET D 89 -16.09 -7.99 -30.13
N ASN D 90 -16.63 -9.09 -29.63
CA ASN D 90 -18.04 -9.22 -29.41
C ASN D 90 -18.39 -8.82 -28.00
N PHE D 91 -19.26 -7.83 -27.86
CA PHE D 91 -19.65 -7.32 -26.54
C PHE D 91 -20.98 -7.87 -26.01
N SER D 92 -21.48 -8.95 -26.56
CA SER D 92 -22.68 -9.54 -26.01
C SER D 92 -22.53 -9.83 -24.49
N LYS D 93 -23.58 -9.63 -23.71
CA LYS D 93 -23.59 -9.96 -22.28
C LYS D 93 -24.30 -11.28 -21.92
N ALA D 94 -24.90 -11.96 -22.89
CA ALA D 94 -25.60 -13.21 -22.66
C ALA D 94 -24.69 -14.40 -22.23
N ALA D 95 -24.90 -14.90 -21.03
CA ALA D 95 -24.22 -16.12 -20.55
C ALA D 95 -24.74 -17.36 -21.27
N LYS D 96 -23.86 -18.11 -21.92
CA LYS D 96 -24.33 -19.28 -22.69
C LYS D 96 -24.16 -20.62 -21.99
N SER D 97 -23.23 -20.68 -21.03
CA SER D 97 -22.84 -21.95 -20.42
C SER D 97 -22.58 -21.79 -18.91
N GLY D 98 -23.60 -21.25 -18.23
CA GLY D 98 -23.56 -21.05 -16.78
C GLY D 98 -22.63 -19.96 -16.31
N THR D 99 -22.32 -19.97 -15.03
CA THR D 99 -21.41 -19.01 -14.47
C THR D 99 -19.97 -19.30 -14.95
N GLN D 100 -19.25 -18.25 -15.32
CA GLN D 100 -17.90 -18.44 -15.87
C GLN D 100 -16.83 -18.06 -14.87
N MET D 101 -15.75 -18.83 -14.84
CA MET D 101 -14.48 -18.38 -14.27
C MET D 101 -13.87 -17.50 -15.37
N THR D 102 -13.87 -16.20 -15.13
CA THR D 102 -13.38 -15.25 -16.12
C THR D 102 -11.84 -15.15 -16.05
N TYR D 103 -11.26 -14.56 -17.09
CA TYR D 103 -9.83 -14.33 -17.14
C TYR D 103 -9.37 -13.52 -15.90
N ASN D 104 -10.17 -12.56 -15.49
CA ASN D 104 -9.93 -11.79 -14.28
C ASN D 104 -10.03 -12.64 -13.00
N ASP D 105 -11.07 -13.48 -12.89
CA ASP D 105 -11.17 -14.40 -11.74
C ASP D 105 -9.89 -15.24 -11.61
N PHE D 106 -9.42 -15.77 -12.72
CA PHE D 106 -8.28 -16.66 -12.71
C PHE D 106 -7.06 -15.91 -12.24
N GLN D 107 -6.87 -14.71 -12.77
CA GLN D 107 -5.72 -13.94 -12.39
C GLN D 107 -5.78 -13.61 -10.92
N LYS D 108 -6.97 -13.26 -10.43
CA LYS D 108 -7.19 -13.01 -9.01
C LYS D 108 -6.89 -14.25 -8.13
N ILE D 109 -7.29 -15.44 -8.61
CA ILE D 109 -6.99 -16.66 -7.88
C ILE D 109 -5.48 -16.90 -7.80
N ALA D 110 -4.80 -16.72 -8.92
CA ALA D 110 -3.35 -16.83 -8.91
C ALA D 110 -2.71 -15.79 -7.97
N ASP D 111 -3.12 -14.53 -8.05
CA ASP D 111 -2.53 -13.51 -7.20
C ASP D 111 -2.75 -13.82 -5.71
N THR D 112 -3.96 -14.24 -5.35
CA THR D 112 -4.24 -14.69 -3.99
C THR D 112 -3.30 -15.86 -3.55
N LEU D 113 -3.07 -16.83 -4.44
CA LEU D 113 -2.15 -17.91 -4.11
C LEU D 113 -0.77 -17.34 -3.86
N ILE D 114 -0.37 -16.37 -4.67
CA ILE D 114 0.96 -15.74 -4.53
C ILE D 114 1.14 -14.97 -3.23
N LYS D 115 0.11 -14.23 -2.81
CA LYS D 115 0.11 -13.55 -1.52
C LYS D 115 0.18 -14.48 -0.32
N GLN D 116 -0.17 -15.76 -0.48
CA GLN D 116 -0.14 -16.69 0.64
C GLN D 116 -0.99 -16.17 1.82
N ASP D 117 -2.21 -15.72 1.50
CA ASP D 117 -3.16 -15.16 2.46
C ASP D 117 -3.73 -16.26 3.39
N GLY D 118 -3.61 -16.03 4.70
CA GLY D 118 -3.99 -17.00 5.74
C GLY D 118 -5.43 -17.50 5.67
N ARG D 119 -6.32 -16.68 5.14
CA ARG D 119 -7.70 -17.11 4.93
C ARG D 119 -7.86 -18.30 3.97
N TYR D 120 -6.93 -18.46 3.03
CA TYR D 120 -7.08 -19.42 1.93
C TYR D 120 -5.98 -20.46 1.79
N THR D 121 -4.80 -20.22 2.35
CA THR D 121 -3.69 -21.15 2.17
C THR D 121 -3.93 -22.48 2.83
N VAL D 122 -3.53 -23.56 2.16
CA VAL D 122 -3.53 -24.87 2.78
C VAL D 122 -2.55 -24.76 3.96
N PRO D 123 -2.96 -25.24 5.15
CA PRO D 123 -2.04 -25.21 6.27
C PRO D 123 -0.84 -26.06 5.98
N PHE D 124 0.26 -25.64 6.60
CA PHE D 124 1.46 -26.42 6.63
C PHE D 124 1.28 -27.70 7.44
N PHE D 125 1.86 -28.79 6.94
CA PHE D 125 1.79 -30.09 7.58
C PHE D 125 3.17 -30.48 8.09
N LYS D 126 3.29 -31.00 9.31
CA LYS D 126 4.58 -31.45 9.81
C LYS D 126 5.05 -32.70 9.01
N ALA D 127 6.04 -32.47 8.15
CA ALA D 127 6.53 -33.49 7.24
C ALA D 127 6.98 -34.80 7.91
N SER D 128 7.68 -34.69 9.05
CA SER D 128 8.19 -35.85 9.80
C SER D 128 7.10 -36.81 10.29
N GLU D 129 5.85 -36.35 10.34
CA GLU D 129 4.76 -37.23 10.78
C GLU D 129 4.15 -38.08 9.66
N ILE D 130 4.56 -37.81 8.41
CA ILE D 130 3.82 -38.31 7.26
C ILE D 130 4.27 -39.72 6.83
N LYS D 131 3.30 -40.62 6.63
CA LYS D 131 3.55 -42.00 6.27
C LYS D 131 2.77 -42.42 5.01
N ASN D 132 3.38 -43.32 4.25
CA ASN D 132 2.61 -44.14 3.33
C ASN D 132 1.52 -44.87 4.06
N MET D 133 0.34 -44.99 3.43
CA MET D 133 -0.75 -45.72 4.03
C MET D 133 -0.47 -47.23 3.99
N PRO D 134 -0.51 -47.90 5.15
CA PRO D 134 -0.21 -49.33 5.07
C PRO D 134 -1.12 -50.13 4.11
N ALA D 135 -2.41 -49.80 4.05
CA ALA D 135 -3.32 -50.48 3.12
C ALA D 135 -3.06 -50.21 1.63
N ALA D 136 -2.16 -49.28 1.33
CA ALA D 136 -1.77 -49.04 -0.06
C ALA D 136 -0.65 -49.97 -0.48
N THR D 137 -0.13 -50.76 0.46
CA THR D 137 0.70 -51.92 0.12
C THR D 137 -0.25 -53.12 0.00
N THR D 138 -0.45 -53.60 -1.22
CA THR D 138 -1.56 -54.51 -1.53
C THR D 138 -1.35 -55.21 -2.88
N LYS D 139 -2.12 -56.25 -3.15
CA LYS D 139 -1.99 -56.95 -4.42
C LYS D 139 -2.42 -56.00 -5.57
N ASP D 140 -1.51 -55.73 -6.49
CA ASP D 140 -1.80 -54.81 -7.58
C ASP D 140 -2.83 -55.35 -8.57
N ALA D 141 -3.73 -54.48 -9.03
CA ALA D 141 -4.77 -54.92 -9.98
C ALA D 141 -4.24 -55.50 -11.29
N GLN D 142 -3.07 -55.01 -11.75
CA GLN D 142 -2.52 -55.44 -13.05
C GLN D 142 -1.41 -56.52 -12.97
N THR D 143 -0.44 -56.32 -12.09
CA THR D 143 0.68 -57.25 -12.00
C THR D 143 0.34 -58.49 -11.16
N ASN D 144 -0.79 -58.43 -10.46
CA ASN D 144 -1.18 -59.43 -9.46
C ASN D 144 -0.15 -59.71 -8.37
N THR D 145 0.73 -58.76 -8.07
CA THR D 145 1.76 -58.96 -7.05
C THR D 145 1.63 -57.87 -5.99
N ILE D 146 1.88 -58.19 -4.71
CA ILE D 146 1.82 -57.21 -3.64
C ILE D 146 2.90 -56.16 -3.84
N GLU D 147 2.47 -54.90 -3.97
CA GLU D 147 3.40 -53.77 -4.14
C GLU D 147 2.94 -52.59 -3.29
N PRO D 148 3.88 -51.70 -2.91
CA PRO D 148 3.50 -50.37 -2.38
C PRO D 148 3.00 -49.44 -3.47
N LEU D 149 1.74 -49.06 -3.38
CA LEU D 149 1.08 -48.24 -4.41
C LEU D 149 0.99 -46.74 -4.03
N ASP D 150 1.07 -45.90 -5.05
CA ASP D 150 0.60 -44.52 -4.94
C ASP D 150 -0.90 -44.67 -4.69
N VAL D 151 -1.42 -43.93 -3.71
CA VAL D 151 -2.85 -43.73 -3.58
C VAL D 151 -3.12 -42.27 -3.73
N TRP D 152 -4.04 -41.93 -4.64
CA TRP D 152 -4.44 -40.55 -4.88
C TRP D 152 -5.98 -40.34 -4.68
N ASP D 153 -6.66 -39.75 -5.66
CA ASP D 153 -8.10 -39.43 -5.55
C ASP D 153 -8.83 -40.50 -4.80
N SER D 154 -9.45 -40.11 -3.69
CA SER D 154 -10.20 -41.03 -2.82
C SER D 154 -11.50 -40.38 -2.34
N TRP D 155 -12.50 -41.18 -2.02
CA TRP D 155 -13.76 -40.63 -1.54
C TRP D 155 -14.48 -41.63 -0.62
N PRO D 156 -15.13 -41.12 0.43
CA PRO D 156 -15.89 -42.00 1.28
C PRO D 156 -17.24 -42.33 0.65
N VAL D 157 -17.83 -43.43 1.06
CA VAL D 157 -19.22 -43.67 0.77
C VAL D 157 -20.02 -42.72 1.63
N GLN D 158 -20.90 -41.96 0.98
CA GLN D 158 -21.62 -40.88 1.63
C GLN D 158 -23.13 -41.14 1.59
N ASP D 159 -23.84 -40.54 2.52
CA ASP D 159 -25.29 -40.44 2.43
C ASP D 159 -25.62 -39.60 1.21
N VAL D 160 -26.47 -40.14 0.35
CA VAL D 160 -26.80 -39.48 -0.93
C VAL D 160 -27.49 -38.14 -0.79
N ARG D 161 -28.16 -37.93 0.34
CA ARG D 161 -28.85 -36.68 0.65
C ARG D 161 -27.99 -35.65 1.36
N THR D 162 -27.36 -36.05 2.47
CA THR D 162 -26.66 -35.11 3.36
C THR D 162 -25.18 -35.00 3.04
N GLY D 163 -24.63 -35.98 2.31
CA GLY D 163 -23.21 -36.01 2.04
C GLY D 163 -22.35 -36.49 3.22
N GLN D 164 -22.95 -36.90 4.33
CA GLN D 164 -22.18 -37.28 5.50
C GLN D 164 -21.51 -38.63 5.20
N VAL D 165 -20.38 -38.88 5.85
CA VAL D 165 -19.73 -40.15 5.71
C VAL D 165 -20.69 -41.19 6.26
N ALA D 166 -20.97 -42.20 5.47
CA ALA D 166 -22.01 -43.14 5.84
C ALA D 166 -21.48 -44.12 6.87
N ASN D 167 -22.37 -44.61 7.71
CA ASN D 167 -22.05 -45.68 8.65
C ASN D 167 -22.69 -46.92 8.13
N TRP D 168 -21.87 -47.84 7.66
CA TRP D 168 -22.34 -49.08 7.06
C TRP D 168 -21.99 -50.19 8.04
N ASN D 169 -23.00 -50.65 8.79
CA ASN D 169 -22.83 -51.69 9.79
C ASN D 169 -21.67 -51.46 10.73
N GLY D 170 -21.45 -50.21 11.14
CA GLY D 170 -20.34 -49.86 12.03
C GLY D 170 -19.02 -49.62 11.35
N TYR D 171 -18.96 -49.72 10.02
CA TYR D 171 -17.79 -49.31 9.24
C TYR D 171 -17.95 -47.96 8.48
N GLN D 172 -16.81 -47.33 8.23
CA GLN D 172 -16.68 -46.31 7.18
C GLN D 172 -16.01 -46.97 5.96
N LEU D 173 -16.44 -46.55 4.79
CA LEU D 173 -16.01 -47.14 3.52
C LEU D 173 -15.48 -46.05 2.63
N VAL D 174 -14.33 -46.32 2.02
CA VAL D 174 -13.67 -45.41 1.11
C VAL D 174 -13.29 -46.11 -0.18
N ILE D 175 -13.32 -45.37 -1.29
CA ILE D 175 -12.90 -45.90 -2.55
C ILE D 175 -11.77 -45.03 -3.03
N ALA D 176 -10.71 -45.66 -3.56
CA ALA D 176 -9.47 -44.97 -3.84
C ALA D 176 -8.81 -45.43 -5.13
N MET D 177 -8.34 -44.47 -5.89
CA MET D 177 -7.46 -44.78 -6.98
C MET D 177 -6.10 -45.11 -6.47
N MET D 178 -5.59 -46.29 -6.86
CA MET D 178 -4.19 -46.66 -6.59
C MET D 178 -3.55 -47.32 -7.82
N GLY D 179 -2.23 -47.34 -7.77
CA GLY D 179 -1.38 -47.87 -8.82
C GLY D 179 0.10 -47.76 -8.49
N ILE D 180 0.89 -48.55 -9.20
CA ILE D 180 2.33 -48.62 -8.98
C ILE D 180 2.95 -47.34 -9.50
N PRO D 181 3.80 -46.68 -8.68
CA PRO D 181 4.51 -45.52 -9.14
C PRO D 181 5.22 -45.77 -10.46
N ASN D 182 5.09 -44.81 -11.37
CA ASN D 182 5.78 -44.83 -12.68
C ASN D 182 5.27 -45.89 -13.66
N GLN D 183 4.07 -46.37 -13.41
CA GLN D 183 3.42 -47.22 -14.36
C GLN D 183 2.05 -46.65 -14.65
N ASN D 184 1.55 -47.04 -15.79
CA ASN D 184 0.20 -46.75 -16.18
C ASN D 184 -0.72 -47.81 -15.58
N ASP D 185 -1.32 -47.46 -14.44
CA ASP D 185 -1.94 -48.45 -13.57
C ASP D 185 -3.08 -47.78 -12.78
N ASN D 186 -4.18 -47.51 -13.48
CA ASN D 186 -5.25 -46.70 -12.96
C ASN D 186 -6.50 -47.52 -12.71
N HIS D 187 -6.67 -47.89 -11.44
CA HIS D 187 -7.80 -48.72 -10.99
C HIS D 187 -8.21 -48.30 -9.59
N ILE D 188 -9.44 -48.65 -9.23
CA ILE D 188 -10.01 -48.27 -7.94
C ILE D 188 -10.12 -49.44 -6.99
N TYR D 189 -9.91 -49.15 -5.72
CA TYR D 189 -9.85 -50.15 -4.66
C TYR D 189 -10.82 -49.77 -3.54
N LEU D 190 -11.39 -50.77 -2.87
CA LEU D 190 -12.34 -50.56 -1.74
C LEU D 190 -11.63 -50.74 -0.42
N LEU D 191 -11.75 -49.76 0.48
CA LEU D 191 -11.16 -49.82 1.83
C LEU D 191 -12.20 -49.65 2.94
N TYR D 192 -11.88 -50.19 4.11
CA TYR D 192 -12.75 -50.04 5.27
C TYR D 192 -11.97 -49.83 6.55
N ASN D 193 -12.65 -49.23 7.53
CA ASN D 193 -12.16 -49.04 8.87
C ASN D 193 -13.39 -48.98 9.76
N LYS D 194 -13.21 -49.07 11.07
CA LYS D 194 -14.34 -48.89 11.98
C LYS D 194 -14.79 -47.44 11.93
N TYR D 195 -16.10 -47.22 11.89
CA TYR D 195 -16.62 -45.87 11.84
C TYR D 195 -16.06 -45.05 12.99
N GLY D 196 -15.46 -43.89 12.68
CA GLY D 196 -14.94 -42.97 13.71
C GLY D 196 -13.50 -43.24 14.14
N ASP D 197 -12.94 -44.36 13.68
CA ASP D 197 -11.56 -44.71 13.96
C ASP D 197 -10.68 -43.69 13.25
N ASN D 198 -9.64 -43.23 13.95
CA ASN D 198 -8.82 -42.11 13.51
C ASN D 198 -7.42 -42.46 13.01
N GLU D 199 -7.11 -43.75 12.91
CA GLU D 199 -5.73 -44.16 12.63
C GLU D 199 -5.56 -44.55 11.17
N LEU D 200 -4.64 -43.88 10.51
CA LEU D 200 -4.30 -44.23 9.13
C LEU D 200 -4.07 -45.73 8.96
N SER D 201 -3.40 -46.31 9.95
CA SER D 201 -2.95 -47.66 9.80
C SER D 201 -4.06 -48.71 10.08
N HIS D 202 -5.26 -48.28 10.47
CA HIS D 202 -6.32 -49.23 10.74
C HIS D 202 -7.19 -49.46 9.52
N TRP D 203 -6.91 -48.72 8.44
CA TRP D 203 -7.64 -48.96 7.18
C TRP D 203 -7.19 -50.26 6.57
N LYS D 204 -8.12 -50.94 5.98
CA LYS D 204 -7.79 -52.17 5.26
C LYS D 204 -8.29 -52.12 3.83
N ASN D 205 -7.50 -52.72 2.94
CA ASN D 205 -7.78 -52.77 1.52
C ASN D 205 -8.40 -54.11 1.12
N VAL D 206 -9.65 -54.06 0.67
CA VAL D 206 -10.33 -55.25 0.17
C VAL D 206 -9.74 -55.68 -1.16
N GLY D 207 -9.20 -54.76 -1.94
CA GLY D 207 -8.66 -55.10 -3.24
C GLY D 207 -9.37 -54.30 -4.35
N PRO D 208 -8.96 -54.51 -5.60
CA PRO D 208 -9.57 -53.76 -6.73
C PRO D 208 -11.04 -54.15 -6.94
N ILE D 209 -11.91 -53.15 -7.05
CA ILE D 209 -13.33 -53.39 -7.22
C ILE D 209 -13.62 -54.24 -8.46
N PHE D 210 -12.89 -53.96 -9.54
CA PHE D 210 -13.03 -54.70 -10.80
C PHE D 210 -12.01 -55.84 -10.97
N GLY D 211 -11.41 -56.30 -9.87
CA GLY D 211 -10.71 -57.55 -9.84
C GLY D 211 -9.27 -57.48 -10.32
N TYR D 212 -8.59 -58.61 -10.13
CA TYR D 212 -7.21 -58.80 -10.55
C TYR D 212 -7.17 -59.10 -12.04
N ASN D 213 -5.99 -59.29 -12.62
CA ASN D 213 -5.85 -59.52 -14.06
C ASN D 213 -6.46 -58.40 -14.86
N SER D 214 -6.29 -57.18 -14.36
CA SER D 214 -6.72 -56.00 -15.07
C SER D 214 -5.57 -55.51 -15.94
N THR D 215 -5.90 -54.65 -16.89
CA THR D 215 -4.91 -54.10 -17.79
C THR D 215 -5.19 -52.61 -17.98
N ALA D 216 -4.23 -51.94 -18.59
CA ALA D 216 -4.32 -50.54 -18.95
C ALA D 216 -5.32 -50.27 -20.11
N VAL D 217 -5.83 -51.30 -20.76
CA VAL D 217 -6.80 -51.13 -21.88
C VAL D 217 -8.15 -50.60 -21.35
N SER D 218 -8.50 -51.02 -20.15
CA SER D 218 -9.74 -50.62 -19.50
C SER D 218 -9.44 -50.20 -18.05
N GLN D 219 -9.51 -48.90 -17.80
CA GLN D 219 -9.16 -48.29 -16.53
C GLN D 219 -10.38 -47.72 -15.79
N GLU D 220 -10.22 -47.52 -14.48
CA GLU D 220 -11.22 -46.82 -13.66
C GLU D 220 -10.59 -45.56 -13.06
N TRP D 221 -11.22 -44.42 -13.33
CA TRP D 221 -10.83 -43.13 -12.72
C TRP D 221 -11.97 -42.67 -11.79
N SER D 222 -11.82 -41.48 -11.22
CA SER D 222 -12.58 -41.11 -10.04
C SER D 222 -14.05 -40.94 -10.26
N GLY D 223 -14.79 -41.04 -9.17
CA GLY D 223 -16.18 -40.66 -9.08
C GLY D 223 -16.67 -40.41 -7.66
N SER D 224 -17.71 -41.14 -7.24
CA SER D 224 -18.34 -40.96 -5.93
C SER D 224 -19.12 -42.24 -5.59
N ALA D 225 -19.69 -42.30 -4.39
CA ALA D 225 -20.39 -43.49 -3.95
C ALA D 225 -21.31 -43.21 -2.78
N VAL D 226 -22.48 -43.84 -2.79
CA VAL D 226 -23.50 -43.64 -1.78
C VAL D 226 -24.19 -44.95 -1.40
N LEU D 227 -25.01 -44.88 -0.35
CA LEU D 227 -25.79 -46.05 0.03
C LEU D 227 -27.12 -46.10 -0.72
N ASN D 228 -27.49 -47.29 -1.20
CA ASN D 228 -28.85 -47.52 -1.70
C ASN D 228 -29.77 -47.88 -0.53
N SER D 229 -31.08 -47.87 -0.76
CA SER D 229 -32.08 -48.32 0.24
C SER D 229 -31.81 -49.61 1.00
N ASP D 230 -31.32 -50.61 0.29
CA ASP D 230 -31.08 -51.94 0.85
C ASP D 230 -29.67 -52.08 1.44
N ASN D 231 -28.95 -50.96 1.54
CA ASN D 231 -27.60 -50.96 2.11
C ASN D 231 -26.51 -51.60 1.19
N SER D 232 -26.85 -51.78 -0.10
CA SER D 232 -25.85 -51.90 -1.14
C SER D 232 -25.28 -50.51 -1.41
N ILE D 233 -24.15 -50.48 -2.12
CA ILE D 233 -23.46 -49.25 -2.48
C ILE D 233 -23.65 -49.02 -3.96
N GLN D 234 -23.99 -47.79 -4.32
CA GLN D 234 -24.05 -47.40 -5.71
C GLN D 234 -22.80 -46.59 -5.99
N LEU D 235 -21.95 -47.16 -6.83
CA LEU D 235 -20.69 -46.58 -7.20
C LEU D 235 -20.88 -45.80 -8.50
N PHE D 236 -20.38 -44.57 -8.49
CA PHE D 236 -20.19 -43.84 -9.72
C PHE D 236 -18.71 -43.63 -9.93
N TYR D 237 -18.25 -43.95 -11.14
CA TYR D 237 -16.85 -43.89 -11.50
C TYR D 237 -16.68 -43.53 -12.97
N THR D 238 -15.43 -43.52 -13.41
CA THR D 238 -15.11 -43.17 -14.78
C THR D 238 -14.51 -44.41 -15.44
N ARG D 239 -15.18 -44.93 -16.45
CA ARG D 239 -14.64 -46.03 -17.24
C ARG D 239 -13.80 -45.42 -18.34
N VAL D 240 -12.54 -45.84 -18.46
CA VAL D 240 -11.65 -45.32 -19.48
C VAL D 240 -11.20 -46.44 -20.42
N ASP D 241 -11.53 -46.29 -21.69
CA ASP D 241 -11.15 -47.26 -22.72
C ASP D 241 -10.01 -46.65 -23.52
N THR D 242 -8.87 -47.33 -23.51
CA THR D 242 -7.67 -46.84 -24.20
C THR D 242 -7.34 -47.61 -25.48
N SER D 243 -8.31 -48.33 -26.04
CA SER D 243 -8.05 -49.22 -27.20
C SER D 243 -7.95 -48.50 -28.53
N ASP D 244 -8.50 -47.29 -28.63
CA ASP D 244 -8.32 -46.46 -29.83
C ASP D 244 -7.00 -45.71 -29.72
N ASN D 245 -5.93 -46.41 -30.03
CA ASN D 245 -4.61 -45.77 -30.06
C ASN D 245 -4.20 -45.09 -28.74
N ASN D 246 -4.50 -45.73 -27.61
CA ASN D 246 -4.18 -45.26 -26.24
C ASN D 246 -4.73 -43.91 -25.80
N THR D 247 -5.81 -43.45 -26.44
CA THR D 247 -6.42 -42.23 -25.97
C THR D 247 -7.18 -42.56 -24.69
N ASN D 248 -7.31 -41.58 -23.81
CA ASN D 248 -8.10 -41.71 -22.58
C ASN D 248 -9.57 -41.37 -22.84
N HIS D 249 -10.26 -42.29 -23.50
CA HIS D 249 -11.66 -42.12 -23.84
C HIS D 249 -12.47 -42.39 -22.56
N GLN D 250 -12.98 -41.31 -22.00
CA GLN D 250 -13.57 -41.36 -20.67
C GLN D 250 -15.08 -41.42 -20.72
N LYS D 251 -15.67 -42.22 -19.84
CA LYS D 251 -17.12 -42.39 -19.74
C LYS D 251 -17.57 -42.48 -18.28
N ILE D 252 -18.67 -41.83 -17.94
CA ILE D 252 -19.26 -41.94 -16.63
C ILE D 252 -20.02 -43.24 -16.58
N ALA D 253 -19.64 -44.06 -15.61
CA ALA D 253 -20.20 -45.40 -15.45
C ALA D 253 -20.70 -45.60 -14.03
N SER D 254 -21.52 -46.61 -13.86
CA SER D 254 -21.99 -46.92 -12.52
C SER D 254 -22.11 -48.41 -12.32
N ALA D 255 -21.99 -48.83 -11.08
CA ALA D 255 -22.21 -50.23 -10.72
C ALA D 255 -22.68 -50.32 -9.28
N THR D 256 -23.39 -51.40 -8.96
CA THR D 256 -23.85 -51.66 -7.60
C THR D 256 -22.89 -52.62 -6.89
N LEU D 257 -22.44 -52.26 -5.71
CA LEU D 257 -21.57 -53.15 -4.93
C LEU D 257 -22.31 -53.79 -3.76
N TYR D 258 -22.20 -55.12 -3.63
CA TYR D 258 -22.77 -55.85 -2.50
C TYR D 258 -21.62 -56.31 -1.63
N LEU D 259 -21.65 -55.89 -0.37
CA LEU D 259 -20.61 -56.25 0.57
C LEU D 259 -21.13 -57.18 1.64
N THR D 260 -20.21 -57.93 2.26
CA THR D 260 -20.54 -58.75 3.42
C THR D 260 -19.60 -58.41 4.58
N ASP D 261 -20.14 -58.61 5.76
CA ASP D 261 -19.56 -58.22 7.02
C ASP D 261 -19.45 -59.51 7.82
N ASN D 262 -18.24 -59.90 8.17
CA ASN D 262 -18.06 -61.12 8.94
C ASN D 262 -16.99 -60.93 10.00
N ASN D 263 -17.39 -60.75 11.26
CA ASN D 263 -16.43 -60.68 12.37
C ASN D 263 -15.36 -59.65 12.19
N GLY D 264 -15.76 -58.44 11.82
CA GLY D 264 -14.78 -57.38 11.63
C GLY D 264 -14.08 -57.43 10.27
N ASN D 265 -14.44 -58.38 9.40
CA ASN D 265 -13.88 -58.48 8.04
C ASN D 265 -14.92 -58.12 6.98
N VAL D 266 -14.62 -57.09 6.20
CA VAL D 266 -15.51 -56.71 5.12
C VAL D 266 -15.01 -57.31 3.82
N SER D 267 -15.93 -57.83 3.02
CA SER D 267 -15.68 -58.41 1.71
C SER D 267 -16.55 -57.84 0.61
N LEU D 268 -16.04 -57.85 -0.62
CA LEU D 268 -16.79 -57.51 -1.79
C LEU D 268 -17.41 -58.78 -2.40
N ALA D 269 -18.69 -59.01 -2.14
CA ALA D 269 -19.36 -60.22 -2.60
C ALA D 269 -19.70 -60.16 -4.09
N GLN D 270 -20.21 -59.03 -4.58
CA GLN D 270 -20.66 -58.96 -5.97
C GLN D 270 -20.64 -57.53 -6.49
N VAL D 271 -20.23 -57.40 -7.76
CA VAL D 271 -20.35 -56.17 -8.54
C VAL D 271 -21.40 -56.41 -9.63
N ALA D 272 -22.49 -55.66 -9.60
CA ALA D 272 -23.61 -55.87 -10.53
C ALA D 272 -23.96 -54.58 -11.29
N ASN D 273 -24.61 -54.73 -12.44
CA ASN D 273 -25.24 -53.62 -13.15
C ASN D 273 -24.20 -52.61 -13.67
N ASP D 274 -23.00 -53.07 -14.01
CA ASP D 274 -21.97 -52.16 -14.52
C ASP D 274 -22.32 -51.67 -15.92
N HIS D 275 -22.50 -50.37 -16.09
CA HIS D 275 -22.91 -49.83 -17.40
C HIS D 275 -22.49 -48.36 -17.55
N ILE D 276 -22.46 -47.90 -18.80
CA ILE D 276 -22.18 -46.51 -19.09
C ILE D 276 -23.45 -45.72 -18.88
N VAL D 277 -23.32 -44.61 -18.18
CA VAL D 277 -24.41 -43.68 -17.96
C VAL D 277 -24.41 -42.56 -19.01
N PHE D 278 -23.24 -41.98 -19.28
CA PHE D 278 -23.13 -40.75 -20.09
C PHE D 278 -21.68 -40.51 -20.49
N GLU D 279 -21.43 -40.10 -21.72
CA GLU D 279 -20.09 -39.75 -22.13
C GLU D 279 -20.04 -38.50 -22.99
N GLY D 280 -21.02 -37.62 -22.77
CA GLY D 280 -21.11 -36.35 -23.50
C GLY D 280 -22.14 -36.42 -24.62
N ASP D 281 -22.72 -35.27 -24.93
CA ASP D 281 -23.81 -35.15 -25.91
C ASP D 281 -23.42 -34.38 -27.16
N GLY D 282 -22.53 -33.37 -27.05
CA GLY D 282 -22.09 -32.61 -28.21
C GLY D 282 -22.55 -31.18 -28.19
N TYR D 283 -23.66 -30.94 -27.51
CA TYR D 283 -24.18 -29.58 -27.32
C TYR D 283 -23.72 -29.00 -25.96
N TYR D 284 -24.19 -29.57 -24.85
CA TYR D 284 -23.79 -29.07 -23.53
C TYR D 284 -22.33 -29.45 -23.24
N TYR D 285 -21.96 -30.68 -23.57
CA TYR D 285 -20.66 -31.28 -23.21
C TYR D 285 -19.96 -31.93 -24.41
N GLN D 286 -18.64 -31.74 -24.49
CA GLN D 286 -17.83 -32.28 -25.58
C GLN D 286 -17.81 -33.84 -25.59
N THR D 287 -17.91 -34.43 -26.78
CA THR D 287 -17.88 -35.88 -26.92
C THR D 287 -16.48 -36.30 -27.34
N TYR D 288 -16.18 -37.58 -27.16
CA TYR D 288 -14.98 -38.14 -27.64
C TYR D 288 -14.77 -37.86 -29.13
N ASP D 289 -15.77 -38.16 -29.96
CA ASP D 289 -15.68 -37.92 -31.42
C ASP D 289 -15.33 -36.48 -31.76
N GLN D 290 -15.98 -35.55 -31.08
CA GLN D 290 -15.62 -34.13 -31.25
C GLN D 290 -14.15 -33.81 -30.90
N TRP D 291 -13.69 -34.34 -29.77
CA TRP D 291 -12.31 -34.12 -29.34
C TRP D 291 -11.34 -34.69 -30.34
N LYS D 292 -11.62 -35.91 -30.78
CA LYS D 292 -10.78 -36.62 -31.73
C LYS D 292 -10.71 -35.93 -33.10
N ALA D 293 -11.82 -35.34 -33.52
CA ALA D 293 -11.86 -34.76 -34.84
C ALA D 293 -10.88 -33.60 -34.97
N THR D 294 -10.64 -32.85 -33.89
CA THR D 294 -9.82 -31.62 -33.97
C THR D 294 -8.54 -31.64 -33.17
N ASN D 295 -8.23 -32.75 -32.51
CA ASN D 295 -7.09 -32.74 -31.63
C ASN D 295 -5.82 -33.01 -32.39
N LYS D 296 -4.92 -32.03 -32.39
CA LYS D 296 -3.56 -32.22 -32.90
C LYS D 296 -2.59 -32.11 -31.72
N GLY D 297 -3.11 -32.24 -30.49
CA GLY D 297 -2.26 -32.40 -29.30
C GLY D 297 -2.42 -31.31 -28.26
N ALA D 298 -3.13 -30.25 -28.59
CA ALA D 298 -3.30 -29.14 -27.64
C ALA D 298 -4.59 -29.20 -26.77
N ASP D 299 -5.50 -30.14 -27.06
CA ASP D 299 -6.83 -30.17 -26.42
C ASP D 299 -6.96 -31.24 -25.34
N ASN D 300 -7.48 -30.84 -24.18
CA ASN D 300 -7.74 -31.81 -23.13
C ASN D 300 -8.98 -32.62 -23.45
N ILE D 301 -9.08 -33.77 -22.83
CA ILE D 301 -10.30 -34.55 -22.89
C ILE D 301 -10.74 -34.92 -21.47
N ALA D 302 -12.00 -34.61 -21.16
CA ALA D 302 -12.53 -34.71 -19.84
C ALA D 302 -13.99 -35.13 -19.85
N MET D 303 -14.26 -36.26 -19.15
CA MET D 303 -15.61 -36.76 -18.95
C MET D 303 -15.56 -37.68 -17.75
N ARG D 304 -15.53 -37.08 -16.57
CA ARG D 304 -15.11 -37.84 -15.38
C ARG D 304 -15.55 -37.23 -14.07
N ASP D 305 -15.13 -37.88 -12.97
CA ASP D 305 -15.33 -37.36 -11.62
C ASP D 305 -16.79 -37.04 -11.37
N ALA D 306 -17.68 -37.97 -11.72
CA ALA D 306 -19.08 -37.80 -11.41
C ALA D 306 -19.39 -37.87 -9.89
N HIS D 307 -19.97 -36.79 -9.36
CA HIS D 307 -20.46 -36.68 -7.98
C HIS D 307 -21.97 -36.78 -7.89
N VAL D 308 -22.44 -37.86 -7.27
CA VAL D 308 -23.87 -38.05 -7.07
C VAL D 308 -24.42 -37.28 -5.87
N ILE D 309 -25.62 -36.73 -6.03
CA ILE D 309 -26.31 -35.99 -4.99
C ILE D 309 -27.83 -35.99 -5.21
N GLU D 310 -28.58 -36.22 -4.15
CA GLU D 310 -30.04 -36.24 -4.23
C GLU D 310 -30.58 -34.97 -3.61
N ASP D 311 -31.48 -34.29 -4.34
CA ASP D 311 -32.18 -33.08 -3.85
C ASP D 311 -33.34 -33.42 -2.90
N ASP D 312 -33.92 -32.38 -2.33
CA ASP D 312 -35.09 -32.42 -1.46
C ASP D 312 -36.26 -33.17 -2.12
N ASN D 313 -36.48 -32.97 -3.42
CA ASN D 313 -37.57 -33.65 -4.14
C ASN D 313 -37.36 -35.16 -4.33
N GLY D 314 -36.22 -35.72 -3.92
CA GLY D 314 -35.93 -37.15 -4.21
C GLY D 314 -35.26 -37.45 -5.55
N ASP D 315 -34.87 -36.44 -6.31
CA ASP D 315 -34.18 -36.69 -7.60
C ASP D 315 -32.67 -36.76 -7.43
N ARG D 316 -32.02 -37.77 -8.04
CA ARG D 316 -30.58 -37.89 -8.04
C ARG D 316 -29.99 -37.15 -9.25
N TYR D 317 -28.89 -36.44 -9.01
CA TYR D 317 -28.13 -35.75 -10.04
C TYR D 317 -26.68 -36.17 -9.99
N LEU D 318 -25.98 -35.96 -11.11
CA LEU D 318 -24.56 -36.16 -11.20
C LEU D 318 -23.94 -34.83 -11.57
N VAL D 319 -22.95 -34.41 -10.82
CA VAL D 319 -22.25 -33.17 -11.11
C VAL D 319 -20.87 -33.67 -11.48
N PHE D 320 -20.35 -33.25 -12.63
CA PHE D 320 -19.22 -33.99 -13.21
C PHE D 320 -18.24 -33.06 -13.97
N GLU D 321 -17.06 -33.57 -14.26
CA GLU D 321 -16.06 -32.79 -14.99
C GLU D 321 -16.17 -33.03 -16.49
N ALA D 322 -16.15 -31.97 -17.27
CA ALA D 322 -16.23 -32.09 -18.70
C ALA D 322 -15.68 -30.85 -19.40
N SER D 323 -15.89 -30.76 -20.71
CA SER D 323 -15.63 -29.52 -21.45
C SER D 323 -16.94 -29.12 -22.12
N THR D 324 -17.13 -27.84 -22.45
CA THR D 324 -18.33 -27.41 -23.17
C THR D 324 -18.44 -28.07 -24.53
N GLY D 325 -19.67 -28.22 -25.01
CA GLY D 325 -19.92 -28.57 -26.42
C GLY D 325 -20.24 -27.32 -27.24
N LEU D 326 -21.04 -27.54 -28.29
CA LEU D 326 -21.31 -26.46 -29.22
C LEU D 326 -22.21 -25.36 -28.67
N GLU D 327 -22.82 -25.58 -27.51
CA GLU D 327 -23.49 -24.47 -26.78
C GLU D 327 -22.58 -23.26 -26.63
N ASN D 328 -21.31 -23.50 -26.32
CA ASN D 328 -20.32 -22.43 -26.19
C ASN D 328 -18.91 -23.02 -26.27
N TYR D 329 -18.54 -23.36 -27.51
CA TYR D 329 -17.40 -24.26 -27.77
C TYR D 329 -16.07 -23.51 -27.74
N GLN D 330 -15.00 -24.24 -27.48
CA GLN D 330 -13.65 -23.75 -27.67
C GLN D 330 -13.48 -23.20 -29.08
N GLY D 331 -12.59 -22.23 -29.24
CA GLY D 331 -12.13 -21.76 -30.55
C GLY D 331 -11.35 -20.46 -30.42
N GLU D 332 -10.66 -20.05 -31.47
CA GLU D 332 -10.04 -18.72 -31.50
C GLU D 332 -11.06 -17.61 -31.26
N ASP D 333 -12.31 -17.85 -31.67
CA ASP D 333 -13.39 -16.88 -31.44
C ASP D 333 -13.54 -16.46 -29.96
N GLN D 334 -13.23 -17.36 -29.03
CA GLN D 334 -13.41 -17.06 -27.63
C GLN D 334 -12.49 -15.93 -27.15
N ILE D 335 -11.37 -15.71 -27.86
CA ILE D 335 -10.50 -14.56 -27.56
C ILE D 335 -11.20 -13.22 -27.77
N TYR D 336 -12.28 -13.24 -28.56
CA TYR D 336 -13.02 -12.06 -28.90
C TYR D 336 -14.41 -12.07 -28.28
N ASN D 337 -14.57 -12.77 -27.17
CA ASN D 337 -15.82 -12.64 -26.40
C ASN D 337 -15.54 -11.89 -25.12
N TRP D 338 -16.02 -10.66 -25.07
CA TRP D 338 -15.76 -9.72 -23.98
C TRP D 338 -16.13 -10.32 -22.62
N LEU D 339 -17.28 -10.97 -22.56
CA LEU D 339 -17.77 -11.66 -21.36
C LEU D 339 -16.72 -12.50 -20.64
N ASN D 340 -15.79 -13.08 -21.40
CA ASN D 340 -14.82 -13.98 -20.83
C ASN D 340 -13.73 -13.32 -19.99
N TYR D 341 -13.57 -12.00 -20.11
CA TYR D 341 -12.43 -11.30 -19.53
C TYR D 341 -12.75 -10.91 -18.09
N GLY D 342 -13.88 -10.22 -17.90
CA GLY D 342 -14.46 -9.97 -16.59
C GLY D 342 -13.79 -8.99 -15.68
N GLY D 343 -12.91 -8.15 -16.22
CA GLY D 343 -12.29 -7.07 -15.45
C GLY D 343 -12.83 -5.75 -15.94
N ASP D 344 -12.19 -4.66 -15.56
CA ASP D 344 -12.59 -3.36 -16.09
C ASP D 344 -12.12 -3.30 -17.56
N ASP D 345 -12.28 -2.14 -18.19
CA ASP D 345 -11.85 -1.97 -19.58
C ASP D 345 -10.32 -2.04 -19.74
N ALA D 346 -9.58 -1.43 -18.82
CA ALA D 346 -8.11 -1.44 -18.93
C ALA D 346 -7.59 -2.87 -18.85
N PHE D 347 -8.11 -3.61 -17.86
CA PHE D 347 -7.70 -4.99 -17.65
C PHE D 347 -8.03 -5.88 -18.87
N ASN D 348 -9.26 -5.77 -19.37
CA ASN D 348 -9.66 -6.59 -20.50
C ASN D 348 -8.80 -6.35 -21.73
N ILE D 349 -8.52 -5.07 -22.01
CA ILE D 349 -7.76 -4.72 -23.18
C ILE D 349 -6.33 -5.17 -23.04
N LYS D 350 -5.74 -4.90 -21.88
CA LYS D 350 -4.36 -5.32 -21.62
C LYS D 350 -4.28 -6.87 -21.80
N SER D 351 -5.33 -7.56 -21.33
CA SER D 351 -5.38 -9.01 -21.39
C SER D 351 -5.52 -9.51 -22.84
N LEU D 352 -6.41 -8.90 -23.62
CA LEU D 352 -6.49 -9.16 -25.05
C LEU D 352 -5.16 -9.05 -25.76
N PHE D 353 -4.43 -7.95 -25.54
CA PHE D 353 -3.17 -7.73 -26.25
C PHE D 353 -2.11 -8.71 -25.80
N ARG D 354 -2.13 -9.08 -24.53
CA ARG D 354 -1.15 -10.01 -24.01
C ARG D 354 -1.37 -11.38 -24.63
N ILE D 355 -2.63 -11.78 -24.69
CA ILE D 355 -3.00 -13.05 -25.24
C ILE D 355 -2.57 -13.18 -26.71
N LEU D 356 -2.83 -12.15 -27.51
CA LEU D 356 -2.48 -12.18 -28.93
C LEU D 356 -0.98 -12.09 -29.20
N SER D 357 -0.20 -11.61 -28.24
CA SER D 357 1.21 -11.39 -28.47
C SER D 357 2.09 -12.57 -28.04
N ASN D 358 1.51 -13.58 -27.38
CA ASN D 358 2.24 -14.78 -26.91
C ASN D 358 1.56 -16.03 -27.46
N ASP D 359 2.26 -16.74 -28.32
CA ASP D 359 1.68 -17.90 -29.01
C ASP D 359 1.16 -18.98 -28.05
N ASP D 360 1.82 -19.16 -26.89
CA ASP D 360 1.41 -20.20 -25.99
C ASP D 360 0.07 -19.87 -25.33
N ILE D 361 -0.10 -18.60 -25.00
CA ILE D 361 -1.31 -18.13 -24.36
C ILE D 361 -2.46 -18.14 -25.34
N LYS D 362 -2.18 -17.70 -26.56
CA LYS D 362 -3.18 -17.66 -27.60
C LYS D 362 -3.72 -19.05 -27.90
N SER D 363 -2.79 -20.00 -28.05
CA SER D 363 -3.13 -21.39 -28.29
C SER D 363 -3.98 -21.94 -27.15
N ARG D 364 -3.52 -21.79 -25.92
CA ARG D 364 -4.25 -22.27 -24.76
C ARG D 364 -5.66 -21.65 -24.70
N ALA D 365 -5.75 -20.35 -24.93
CA ALA D 365 -7.03 -19.66 -24.90
C ALA D 365 -7.97 -20.18 -25.97
N THR D 366 -7.38 -20.56 -27.10
CA THR D 366 -8.07 -21.15 -28.23
C THR D 366 -8.65 -22.54 -27.96
N TRP D 367 -8.04 -23.29 -27.02
CA TRP D 367 -8.48 -24.63 -26.67
C TRP D 367 -9.18 -24.77 -25.29
N ALA D 368 -9.24 -23.70 -24.51
CA ALA D 368 -9.79 -23.75 -23.15
C ALA D 368 -11.32 -23.68 -23.10
N ASN D 369 -11.92 -24.72 -22.51
CA ASN D 369 -13.36 -24.74 -22.27
C ASN D 369 -13.78 -25.78 -21.21
N ALA D 370 -13.05 -25.84 -20.11
CA ALA D 370 -13.45 -26.68 -19.01
C ALA D 370 -14.86 -26.35 -18.59
N ALA D 371 -15.57 -27.38 -18.16
CA ALA D 371 -16.93 -27.22 -17.62
C ALA D 371 -17.12 -28.11 -16.41
N ILE D 372 -17.97 -27.65 -15.50
CA ILE D 372 -18.57 -28.51 -14.52
C ILE D 372 -20.02 -28.69 -14.95
N GLY D 373 -20.36 -29.93 -15.27
CA GLY D 373 -21.66 -30.24 -15.78
C GLY D 373 -22.62 -30.78 -14.74
N ILE D 374 -23.90 -30.79 -15.10
CA ILE D 374 -24.93 -31.44 -14.29
C ILE D 374 -25.98 -32.09 -15.18
N LEU D 375 -26.43 -33.24 -14.70
CA LEU D 375 -27.50 -33.98 -15.30
C LEU D 375 -28.35 -34.64 -14.21
N LYS D 376 -29.62 -34.86 -14.54
CA LYS D 376 -30.54 -35.56 -13.66
C LYS D 376 -30.65 -37.02 -14.09
N LEU D 377 -30.68 -37.91 -13.11
CA LEU D 377 -30.84 -39.33 -13.36
C LEU D 377 -32.30 -39.74 -13.22
N ASN D 378 -32.64 -40.90 -13.77
CA ASN D 378 -33.95 -41.53 -13.58
C ASN D 378 -34.10 -42.08 -12.16
N LYS D 379 -35.22 -42.69 -11.84
CA LYS D 379 -35.50 -43.14 -10.47
C LYS D 379 -34.98 -44.56 -10.14
N ASP D 380 -34.36 -45.24 -11.08
CA ASP D 380 -33.81 -46.55 -10.84
C ASP D 380 -32.45 -46.45 -10.10
N GLU D 381 -32.49 -46.66 -8.79
CA GLU D 381 -31.30 -46.63 -7.95
C GLU D 381 -30.15 -47.43 -8.52
N LYS D 382 -30.45 -48.67 -8.90
CA LYS D 382 -29.41 -49.63 -9.18
C LYS D 382 -28.98 -49.66 -10.62
N ASN D 383 -29.75 -49.02 -11.48
CA ASN D 383 -29.40 -48.95 -12.91
C ASN D 383 -29.65 -47.54 -13.43
N PRO D 384 -28.91 -46.57 -12.90
CA PRO D 384 -29.12 -45.21 -13.26
C PRO D 384 -28.91 -44.94 -14.76
N LYS D 385 -29.78 -44.10 -15.31
CA LYS D 385 -29.65 -43.64 -16.70
C LYS D 385 -29.97 -42.16 -16.74
N VAL D 386 -29.43 -41.44 -17.71
CA VAL D 386 -29.73 -40.02 -17.86
C VAL D 386 -31.25 -39.80 -18.11
N ALA D 387 -31.86 -38.94 -17.30
CA ALA D 387 -33.23 -38.46 -17.51
C ALA D 387 -33.26 -37.08 -18.14
N GLU D 388 -32.32 -36.22 -17.79
CA GLU D 388 -32.23 -34.87 -18.35
C GLU D 388 -30.79 -34.30 -18.33
N LEU D 389 -30.44 -33.60 -19.39
CA LEU D 389 -29.17 -32.87 -19.42
C LEU D 389 -29.44 -31.39 -19.18
N TYR D 390 -28.48 -30.71 -18.58
CA TYR D 390 -28.53 -29.26 -18.38
C TYR D 390 -27.24 -28.58 -18.87
N SER D 391 -27.33 -27.26 -18.99
CA SER D 391 -26.16 -26.44 -19.24
C SER D 391 -25.24 -26.50 -18.01
N PRO D 392 -23.94 -26.27 -18.20
CA PRO D 392 -23.02 -26.37 -17.10
C PRO D 392 -23.32 -25.41 -15.97
N LEU D 393 -23.06 -25.84 -14.75
CA LEU D 393 -23.10 -24.96 -13.61
C LEU D 393 -21.97 -23.91 -13.73
N ILE D 394 -20.77 -24.36 -14.13
CA ILE D 394 -19.62 -23.50 -14.30
C ILE D 394 -18.89 -23.84 -15.59
N SER D 395 -18.32 -22.82 -16.23
CA SER D 395 -17.45 -23.07 -17.38
C SER D 395 -16.32 -22.03 -17.42
N ALA D 396 -15.27 -22.33 -18.18
CA ALA D 396 -14.07 -21.48 -18.22
C ALA D 396 -13.50 -21.31 -19.62
N PRO D 397 -14.38 -21.04 -20.59
CA PRO D 397 -13.92 -20.77 -21.95
C PRO D 397 -12.92 -19.64 -21.97
N MET D 398 -11.84 -19.85 -22.73
CA MET D 398 -10.72 -18.92 -22.88
C MET D 398 -9.72 -18.96 -21.69
N VAL D 399 -10.11 -19.60 -20.59
CA VAL D 399 -9.45 -19.39 -19.31
C VAL D 399 -8.77 -20.64 -18.75
N SER D 400 -9.48 -21.78 -18.72
CA SER D 400 -8.86 -23.07 -18.34
C SER D 400 -9.46 -24.25 -19.09
N ASP D 401 -8.64 -25.29 -19.32
CA ASP D 401 -9.10 -26.55 -19.90
C ASP D 401 -9.06 -27.73 -18.90
N GLU D 402 -8.87 -27.46 -17.60
CA GLU D 402 -9.05 -28.50 -16.59
C GLU D 402 -9.48 -28.01 -15.20
N ILE D 403 -10.67 -28.48 -14.79
CA ILE D 403 -11.20 -28.27 -13.45
C ILE D 403 -11.79 -29.59 -13.02
N GLU D 404 -11.32 -30.10 -11.87
CA GLU D 404 -11.52 -31.50 -11.49
C GLU D 404 -12.30 -31.63 -10.19
N ARG D 405 -12.66 -32.88 -9.88
CA ARG D 405 -13.32 -33.25 -8.63
C ARG D 405 -14.41 -32.30 -8.17
N PRO D 406 -15.38 -32.04 -9.04
CA PRO D 406 -16.45 -31.14 -8.60
C PRO D 406 -17.22 -31.85 -7.52
N ASN D 407 -17.74 -31.08 -6.57
CA ASN D 407 -18.33 -31.61 -5.37
C ASN D 407 -19.38 -30.63 -4.87
N VAL D 408 -20.54 -31.11 -4.51
CA VAL D 408 -21.57 -30.25 -3.93
C VAL D 408 -21.88 -30.64 -2.49
N VAL D 409 -21.84 -29.63 -1.61
CA VAL D 409 -22.16 -29.75 -0.21
C VAL D 409 -23.34 -28.85 0.15
N LYS D 410 -24.38 -29.48 0.72
CA LYS D 410 -25.59 -28.78 1.14
C LYS D 410 -25.35 -28.29 2.56
N LEU D 411 -25.47 -27.00 2.79
CA LEU D 411 -25.27 -26.42 4.11
C LEU D 411 -26.37 -25.41 4.33
N GLY D 412 -27.12 -25.59 5.42
CA GLY D 412 -28.33 -24.84 5.63
C GLY D 412 -29.21 -25.07 4.42
N ASN D 413 -29.70 -23.97 3.87
CA ASN D 413 -30.54 -24.01 2.67
C ASN D 413 -29.79 -23.69 1.41
N LYS D 414 -28.50 -23.93 1.43
CA LYS D 414 -27.67 -23.59 0.28
C LYS D 414 -26.80 -24.72 -0.24
N TYR D 415 -26.40 -24.56 -1.49
CA TYR D 415 -25.58 -25.50 -2.20
C TYR D 415 -24.24 -24.85 -2.49
N TYR D 416 -23.18 -25.48 -1.98
CA TYR D 416 -21.80 -25.06 -2.19
C TYR D 416 -21.10 -26.02 -3.17
N LEU D 417 -20.61 -25.46 -4.28
CA LEU D 417 -19.98 -26.23 -5.35
C LEU D 417 -18.50 -25.94 -5.31
N PHE D 418 -17.72 -26.98 -5.06
CA PHE D 418 -16.27 -26.88 -4.92
C PHE D 418 -15.63 -27.69 -6.03
N ALA D 419 -14.39 -27.36 -6.33
CA ALA D 419 -13.63 -28.10 -7.31
C ALA D 419 -12.16 -27.80 -7.17
N ALA D 420 -11.31 -28.74 -7.59
CA ALA D 420 -9.85 -28.57 -7.52
C ALA D 420 -9.31 -28.32 -8.91
N THR D 421 -8.27 -27.52 -9.01
CA THR D 421 -7.64 -27.28 -10.28
C THR D 421 -6.16 -27.00 -10.12
N ARG D 422 -5.40 -27.43 -11.13
CA ARG D 422 -3.99 -27.12 -11.30
C ARG D 422 -4.04 -25.91 -12.21
N LEU D 423 -3.51 -24.77 -11.76
CA LEU D 423 -3.63 -23.53 -12.51
C LEU D 423 -2.73 -23.54 -13.76
N ASN D 424 -1.74 -24.42 -13.82
CA ASN D 424 -0.96 -24.53 -15.04
C ASN D 424 -1.71 -25.23 -16.18
N TRP D 425 -2.98 -25.57 -15.96
CA TRP D 425 -3.88 -25.91 -17.04
C TRP D 425 -4.63 -24.70 -17.59
N GLY D 426 -4.30 -23.52 -17.09
CA GLY D 426 -4.93 -22.28 -17.54
C GLY D 426 -4.19 -21.60 -18.68
N SER D 427 -4.87 -20.65 -19.32
CA SER D 427 -4.32 -19.96 -20.46
C SER D 427 -3.29 -18.91 -20.06
N ASN D 428 -3.46 -18.29 -18.89
CA ASN D 428 -2.62 -17.16 -18.50
C ASN D 428 -1.27 -17.65 -17.96
N ASP D 429 -0.32 -17.86 -18.86
CA ASP D 429 1.02 -18.35 -18.49
C ASP D 429 1.71 -17.51 -17.42
N ASP D 430 1.56 -16.19 -17.49
CA ASP D 430 2.21 -15.28 -16.57
C ASP D 430 1.71 -15.57 -15.15
N ALA D 431 0.40 -15.65 -14.99
CA ALA D 431 -0.19 -15.82 -13.69
C ALA D 431 0.26 -17.16 -13.01
N TRP D 432 0.14 -18.29 -13.71
CA TRP D 432 0.55 -19.58 -13.11
C TRP D 432 2.07 -19.76 -12.98
N MET D 433 2.84 -19.18 -13.88
CA MET D 433 4.29 -19.20 -13.71
C MET D 433 4.67 -18.42 -12.43
N ASN D 434 4.01 -17.30 -12.19
CA ASN D 434 4.30 -16.52 -11.01
C ASN D 434 3.91 -17.22 -9.73
N ALA D 435 2.85 -18.03 -9.80
CA ALA D 435 2.47 -18.90 -8.67
C ALA D 435 3.56 -19.91 -8.42
N ASN D 436 4.03 -20.53 -9.49
CA ASN D 436 5.16 -21.45 -9.41
C ASN D 436 6.38 -20.82 -8.73
N TYR D 437 6.76 -19.60 -9.08
CA TYR D 437 7.94 -18.94 -8.49
C TYR D 437 7.72 -18.63 -7.00
N ALA D 438 6.49 -18.23 -6.65
CA ALA D 438 6.20 -17.82 -5.30
C ALA D 438 6.19 -19.02 -4.34
N VAL D 439 5.48 -20.08 -4.72
CA VAL D 439 5.19 -21.22 -3.85
C VAL D 439 5.85 -22.54 -4.28
N GLY D 440 6.17 -22.71 -5.56
CA GLY D 440 6.66 -23.98 -6.10
C GLY D 440 5.56 -24.93 -6.57
N ASP D 441 4.33 -24.45 -6.56
CA ASP D 441 3.14 -25.22 -7.03
C ASP D 441 2.04 -24.19 -7.37
N ASN D 442 0.96 -24.68 -7.98
CA ASN D 442 -0.06 -23.84 -8.60
C ASN D 442 -1.50 -24.39 -8.42
N VAL D 443 -1.68 -25.27 -7.44
CA VAL D 443 -2.97 -25.91 -7.21
C VAL D 443 -3.88 -25.06 -6.31
N ALA D 444 -5.19 -25.27 -6.46
CA ALA D 444 -6.17 -24.52 -5.73
C ALA D 444 -7.48 -25.27 -5.68
N MET D 445 -8.28 -24.96 -4.66
CA MET D 445 -9.68 -25.33 -4.63
C MET D 445 -10.47 -24.03 -4.85
N VAL D 446 -11.46 -24.11 -5.74
CA VAL D 446 -12.35 -23.01 -6.02
C VAL D 446 -13.74 -23.36 -5.51
N GLY D 447 -14.62 -22.36 -5.41
CA GLY D 447 -15.92 -22.59 -4.83
C GLY D 447 -16.96 -21.56 -5.14
N TYR D 448 -18.20 -22.02 -5.15
CA TYR D 448 -19.34 -21.20 -5.57
C TYR D 448 -20.57 -21.56 -4.74
N VAL D 449 -21.59 -20.72 -4.75
CA VAL D 449 -22.79 -21.02 -3.94
C VAL D 449 -24.04 -20.67 -4.72
N ALA D 450 -25.07 -21.50 -4.56
CA ALA D 450 -26.37 -21.22 -5.14
C ALA D 450 -27.49 -21.49 -4.10
N ASP D 451 -28.66 -20.91 -4.35
CA ASP D 451 -29.83 -21.14 -3.51
C ASP D 451 -30.57 -22.41 -3.88
N SER D 452 -30.19 -23.06 -4.97
CA SER D 452 -30.75 -24.36 -5.30
C SER D 452 -29.74 -25.16 -6.12
N LEU D 453 -29.91 -26.50 -6.14
CA LEU D 453 -28.93 -27.39 -6.74
C LEU D 453 -28.63 -27.06 -8.18
N THR D 454 -29.66 -26.79 -8.97
CA THR D 454 -29.48 -26.46 -10.38
C THR D 454 -29.43 -24.97 -10.60
N GLY D 455 -29.35 -24.19 -9.52
CA GLY D 455 -29.61 -22.74 -9.54
C GLY D 455 -28.39 -22.06 -10.08
N SER D 456 -28.34 -20.75 -9.98
CA SER D 456 -27.21 -20.04 -10.54
C SER D 456 -26.11 -19.93 -9.46
N TYR D 457 -24.94 -20.49 -9.75
CA TYR D 457 -23.83 -20.47 -8.81
C TYR D 457 -22.98 -19.20 -8.90
N LYS D 458 -22.70 -18.60 -7.74
CA LYS D 458 -21.91 -17.38 -7.61
C LYS D 458 -20.61 -17.63 -6.82
N PRO D 459 -19.52 -16.98 -7.25
CA PRO D 459 -18.22 -17.29 -6.66
C PRO D 459 -18.08 -16.82 -5.21
N LEU D 460 -17.43 -17.65 -4.39
CA LEU D 460 -17.04 -17.29 -3.03
C LEU D 460 -15.76 -16.48 -3.06
N ASN D 461 -15.56 -15.67 -2.02
CA ASN D 461 -14.36 -14.82 -1.91
C ASN D 461 -14.05 -14.07 -3.18
N ASP D 462 -15.11 -13.49 -3.73
CA ASP D 462 -15.10 -12.70 -4.95
CA ASP D 462 -15.08 -12.69 -4.94
C ASP D 462 -14.71 -13.49 -6.22
N SER D 463 -13.51 -14.07 -6.23
CA SER D 463 -12.92 -14.68 -7.44
C SER D 463 -13.29 -16.16 -7.67
N GLY D 464 -13.72 -16.81 -6.60
CA GLY D 464 -13.89 -18.22 -6.61
C GLY D 464 -12.82 -18.88 -5.76
N VAL D 465 -11.75 -18.15 -5.39
CA VAL D 465 -10.71 -18.76 -4.58
C VAL D 465 -11.25 -19.25 -3.24
N VAL D 466 -10.81 -20.44 -2.83
CA VAL D 466 -11.09 -20.96 -1.50
C VAL D 466 -9.85 -21.51 -0.79
N LEU D 467 -9.09 -22.37 -1.47
CA LEU D 467 -7.79 -22.89 -0.95
C LEU D 467 -6.70 -22.65 -1.97
N THR D 468 -5.51 -22.30 -1.50
CA THR D 468 -4.36 -22.11 -2.39
C THR D 468 -3.12 -22.91 -1.93
N ALA D 469 -2.36 -23.41 -2.92
CA ALA D 469 -1.12 -24.14 -2.64
C ALA D 469 -0.20 -23.39 -1.69
N SER D 470 0.44 -24.10 -0.77
CA SER D 470 1.39 -23.48 0.14
C SER D 470 2.82 -24.04 0.16
N VAL D 471 3.07 -25.17 -0.48
CA VAL D 471 4.42 -25.74 -0.57
C VAL D 471 4.67 -26.32 -1.95
N PRO D 472 5.94 -26.50 -2.32
CA PRO D 472 6.27 -26.98 -3.66
C PRO D 472 5.69 -28.35 -4.04
N ALA D 473 5.33 -28.51 -5.32
CA ALA D 473 4.70 -29.75 -5.83
C ALA D 473 5.52 -31.01 -5.56
N ASN D 474 6.84 -30.86 -5.49
CA ASN D 474 7.71 -32.01 -5.30
C ASN D 474 8.08 -32.32 -3.85
N TRP D 475 7.55 -31.57 -2.91
CA TRP D 475 7.76 -31.92 -1.49
C TRP D 475 6.82 -33.03 -1.05
N ARG D 476 7.26 -33.73 0.01
CA ARG D 476 6.45 -34.74 0.69
C ARG D 476 5.05 -34.23 1.06
N THR D 477 4.95 -32.99 1.59
CA THR D 477 3.68 -32.47 2.07
C THR D 477 2.85 -31.74 1.03
N ALA D 478 3.25 -31.80 -0.24
CA ALA D 478 2.41 -31.25 -1.29
C ALA D 478 1.05 -31.97 -1.24
N THR D 479 -0.02 -31.28 -1.69
CA THR D 479 -1.35 -31.87 -1.73
C THR D 479 -2.06 -31.55 -3.02
N TYR D 480 -3.06 -32.36 -3.35
CA TYR D 480 -4.00 -32.06 -4.43
C TYR D 480 -5.31 -32.86 -4.25
N SER D 481 -6.31 -32.50 -5.03
CA SER D 481 -7.58 -33.20 -5.10
C SER D 481 -8.40 -32.96 -3.83
N TYR D 482 -8.38 -31.70 -3.43
CA TYR D 482 -9.11 -31.23 -2.27
C TYR D 482 -10.56 -31.64 -2.46
N TYR D 483 -11.11 -32.25 -1.42
CA TYR D 483 -12.46 -32.77 -1.41
C TYR D 483 -13.08 -32.57 -0.03
N ALA D 484 -14.09 -31.71 0.01
CA ALA D 484 -14.72 -31.33 1.28
C ALA D 484 -15.86 -32.24 1.68
N VAL D 485 -15.92 -32.56 2.96
CA VAL D 485 -16.92 -33.47 3.49
C VAL D 485 -17.67 -32.77 4.62
N PRO D 486 -19.01 -32.89 4.66
CA PRO D 486 -19.72 -32.25 5.76
C PRO D 486 -19.34 -32.84 7.10
N VAL D 487 -19.65 -32.07 8.13
CA VAL D 487 -19.33 -32.40 9.51
C VAL D 487 -20.65 -32.41 10.28
N ALA D 488 -20.92 -33.52 10.96
CA ALA D 488 -22.18 -33.74 11.66
C ALA D 488 -22.42 -32.60 12.65
N GLY D 489 -23.63 -32.03 12.64
CA GLY D 489 -23.99 -30.98 13.59
C GLY D 489 -23.50 -29.57 13.31
N LYS D 490 -22.88 -29.34 12.16
CA LYS D 490 -22.37 -28.02 11.82
C LYS D 490 -22.88 -27.63 10.46
N ASP D 491 -23.51 -26.45 10.38
CA ASP D 491 -24.01 -25.94 9.10
C ASP D 491 -23.04 -24.97 8.45
N ASP D 492 -21.89 -24.76 9.07
CA ASP D 492 -20.93 -23.74 8.61
C ASP D 492 -19.46 -24.23 8.62
N GLN D 493 -19.25 -25.54 8.55
CA GLN D 493 -17.91 -26.11 8.47
C GLN D 493 -17.92 -27.31 7.56
N VAL D 494 -16.86 -27.48 6.78
CA VAL D 494 -16.61 -28.72 6.08
C VAL D 494 -15.18 -29.19 6.42
N LEU D 495 -14.98 -30.50 6.35
CA LEU D 495 -13.67 -31.11 6.56
C LEU D 495 -13.03 -31.29 5.16
N VAL D 496 -11.87 -30.68 4.98
CA VAL D 496 -11.17 -30.78 3.71
C VAL D 496 -10.16 -31.92 3.72
N THR D 497 -10.44 -32.91 2.86
CA THR D 497 -9.58 -34.04 2.66
C THR D 497 -8.83 -33.82 1.37
N SER D 498 -7.71 -34.52 1.23
CA SER D 498 -6.89 -34.46 0.03
C SER D 498 -5.90 -35.61 0.03
N TYR D 499 -5.24 -35.81 -1.10
CA TYR D 499 -4.11 -36.69 -1.15
C TYR D 499 -2.83 -35.90 -1.07
N MET D 500 -1.79 -36.56 -0.57
CA MET D 500 -0.50 -35.92 -0.19
C MET D 500 0.65 -36.65 -0.84
N THR D 501 1.61 -35.89 -1.30
CA THR D 501 2.75 -36.36 -2.04
C THR D 501 2.32 -36.66 -3.44
N ASN D 502 2.91 -35.92 -4.40
CA ASN D 502 2.58 -36.16 -5.80
C ASN D 502 3.13 -37.52 -6.27
N ARG D 503 2.45 -38.09 -7.25
CA ARG D 503 2.73 -39.45 -7.72
C ARG D 503 3.96 -39.70 -8.60
N ASN D 504 4.40 -40.96 -8.59
CA ASN D 504 5.52 -41.38 -9.41
C ASN D 504 6.88 -40.97 -8.88
N GLY D 505 6.98 -40.86 -7.57
CA GLY D 505 8.27 -40.74 -6.93
C GLY D 505 8.92 -39.39 -7.09
N VAL D 506 8.19 -38.38 -7.58
CA VAL D 506 8.75 -37.01 -7.65
C VAL D 506 9.23 -36.44 -6.33
N ALA D 507 8.72 -36.91 -5.19
CA ALA D 507 9.25 -36.48 -3.90
C ALA D 507 10.41 -37.34 -3.36
N GLY D 508 10.75 -38.42 -4.05
CA GLY D 508 11.80 -39.29 -3.59
C GLY D 508 11.38 -40.73 -3.64
N LYS D 509 12.40 -41.57 -3.64
CA LYS D 509 12.22 -43.03 -3.66
C LYS D 509 11.43 -43.43 -2.42
N GLY D 510 10.41 -44.25 -2.64
CA GLY D 510 9.57 -44.72 -1.54
C GLY D 510 8.54 -43.74 -1.00
N MET D 511 8.52 -42.50 -1.50
CA MET D 511 7.52 -41.55 -1.05
C MET D 511 6.26 -41.67 -1.91
N ASP D 512 5.34 -42.54 -1.50
CA ASP D 512 4.13 -42.79 -2.23
C ASP D 512 3.05 -41.74 -1.92
N SER D 513 2.20 -41.46 -2.90
CA SER D 513 1.04 -40.65 -2.67
C SER D 513 0.22 -41.36 -1.60
N THR D 514 -0.22 -40.57 -0.63
CA THR D 514 -0.87 -41.08 0.58
C THR D 514 -2.04 -40.13 0.89
N TRP D 515 -2.72 -40.39 1.99
CA TRP D 515 -3.84 -39.56 2.41
C TRP D 515 -3.30 -38.43 3.27
N ALA D 516 -3.65 -37.22 2.95
CA ALA D 516 -3.28 -36.11 3.80
C ALA D 516 -4.01 -36.11 5.15
N PRO D 517 -3.42 -35.40 6.13
CA PRO D 517 -4.18 -34.87 7.21
C PRO D 517 -5.29 -33.99 6.68
N SER D 518 -6.46 -34.03 7.33
CA SER D 518 -7.61 -33.25 6.94
C SER D 518 -7.71 -32.00 7.86
N PHE D 519 -8.37 -30.95 7.40
CA PHE D 519 -8.47 -29.73 8.19
C PHE D 519 -9.79 -29.06 7.93
N LEU D 520 -10.29 -28.33 8.95
CA LEU D 520 -11.59 -27.67 8.82
C LEU D 520 -11.48 -26.37 8.04
N LEU D 521 -12.56 -26.07 7.35
CA LEU D 521 -12.75 -24.88 6.56
C LEU D 521 -14.13 -24.35 6.99
N GLN D 522 -14.15 -23.09 7.37
CA GLN D 522 -15.37 -22.46 7.81
C GLN D 522 -16.02 -21.76 6.62
N ILE D 523 -17.34 -21.83 6.57
CA ILE D 523 -18.13 -21.18 5.54
C ILE D 523 -18.94 -20.07 6.23
N ASN D 524 -18.72 -18.83 5.78
CA ASN D 524 -19.32 -17.68 6.40
C ASN D 524 -20.58 -17.27 5.65
N PRO D 525 -21.53 -16.65 6.36
CA PRO D 525 -22.82 -16.37 5.70
C PRO D 525 -22.77 -15.26 4.65
N ASP D 526 -21.64 -14.53 4.55
CA ASP D 526 -21.47 -13.55 3.49
C ASP D 526 -20.70 -14.07 2.25
N ASN D 527 -20.68 -15.38 2.05
CA ASN D 527 -20.07 -15.99 0.85
C ASN D 527 -18.55 -15.83 0.82
N THR D 528 -17.98 -15.79 2.02
CA THR D 528 -16.56 -15.95 2.20
C THR D 528 -16.27 -17.23 2.96
N THR D 529 -14.99 -17.63 2.94
CA THR D 529 -14.55 -18.81 3.65
C THR D 529 -13.29 -18.52 4.44
N THR D 530 -13.05 -19.32 5.47
CA THR D 530 -11.90 -19.17 6.32
C THR D 530 -11.31 -20.52 6.74
N VAL D 531 -10.07 -20.76 6.31
CA VAL D 531 -9.35 -21.95 6.69
C VAL D 531 -9.17 -21.92 8.21
N LEU D 532 -9.49 -23.01 8.88
CA LEU D 532 -9.27 -23.10 10.30
C LEU D 532 -8.07 -23.98 10.63
N ALA D 533 -7.47 -23.67 11.77
CA ALA D 533 -6.26 -24.33 12.22
C ALA D 533 -6.51 -25.71 12.83
N LYS D 534 -7.70 -26.27 12.62
CA LYS D 534 -8.05 -27.52 13.19
C LYS D 534 -7.65 -28.64 12.25
N MET D 535 -6.89 -29.62 12.74
CA MET D 535 -6.32 -30.65 11.85
C MET D 535 -6.43 -32.05 12.45
N THR D 536 -6.60 -33.05 11.59
CA THR D 536 -6.75 -34.46 12.01
C THR D 536 -5.50 -35.25 11.73
N ASN D 537 -5.53 -36.53 12.09
CA ASN D 537 -4.54 -37.48 11.53
C ASN D 537 -4.68 -37.60 10.03
N GLN D 538 -3.71 -38.24 9.40
CA GLN D 538 -3.83 -38.62 8.00
C GLN D 538 -5.04 -39.48 7.79
N GLY D 539 -5.83 -39.16 6.74
CA GLY D 539 -6.89 -40.06 6.25
C GLY D 539 -8.10 -40.13 7.15
N ASP D 540 -8.32 -39.05 7.91
CA ASP D 540 -9.54 -38.86 8.67
C ASP D 540 -10.61 -38.20 7.78
N TRP D 541 -11.73 -38.93 7.60
CA TRP D 541 -12.89 -38.48 6.84
C TRP D 541 -14.01 -37.94 7.72
N ILE D 542 -13.85 -38.11 9.04
CA ILE D 542 -14.94 -37.85 9.99
C ILE D 542 -14.47 -36.95 11.14
N TRP D 543 -14.86 -35.69 11.08
CA TRP D 543 -14.47 -34.76 12.12
C TRP D 543 -15.33 -34.90 13.36
N ASP D 544 -14.69 -34.94 14.51
CA ASP D 544 -15.35 -34.74 15.80
C ASP D 544 -14.31 -34.22 16.79
N ASP D 545 -14.70 -34.03 18.04
CA ASP D 545 -13.78 -33.43 19.04
C ASP D 545 -12.53 -34.28 19.20
N SER D 546 -12.78 -35.59 19.39
CA SER D 546 -11.76 -36.65 19.46
C SER D 546 -10.75 -36.68 18.27
N SER D 547 -11.07 -36.06 17.13
CA SER D 547 -10.25 -36.23 15.93
C SER D 547 -9.05 -35.28 15.79
N GLU D 548 -9.01 -34.19 16.56
CA GLU D 548 -7.95 -33.22 16.41
C GLU D 548 -6.60 -33.74 16.88
N ASN D 549 -5.57 -33.48 16.09
CA ASN D 549 -4.22 -33.82 16.43
C ASN D 549 -3.21 -32.73 16.13
N LEU D 550 -2.85 -32.03 17.19
CA LEU D 550 -1.96 -30.89 17.12
C LEU D 550 -0.58 -31.28 16.64
N ASP D 551 -0.18 -32.54 16.87
CA ASP D 551 1.12 -33.01 16.39
C ASP D 551 1.27 -32.92 14.85
N MET D 552 0.19 -32.95 14.08
CA MET D 552 0.27 -32.89 12.62
C MET D 552 0.53 -31.50 12.03
N ILE D 553 0.33 -30.46 12.84
CA ILE D 553 0.45 -29.10 12.37
C ILE D 553 1.92 -28.77 12.13
N GLY D 554 2.21 -28.21 10.96
CA GLY D 554 3.52 -27.73 10.61
C GLY D 554 3.63 -26.21 10.54
N ASP D 555 4.86 -25.76 10.29
CA ASP D 555 5.15 -24.39 9.85
C ASP D 555 6.05 -24.53 8.63
N LEU D 556 6.43 -23.40 8.04
CA LEU D 556 7.19 -23.46 6.80
C LEU D 556 8.44 -24.32 6.96
N ASP D 557 9.13 -24.19 8.08
CA ASP D 557 10.32 -24.96 8.36
C ASP D 557 10.05 -26.48 8.43
N SER D 558 9.08 -26.92 9.24
CA SER D 558 8.88 -28.33 9.47
C SER D 558 7.99 -28.96 8.38
N ALA D 559 7.59 -28.15 7.40
CA ALA D 559 6.79 -28.65 6.28
C ALA D 559 7.63 -29.41 5.29
N ALA D 560 8.96 -29.20 5.36
CA ALA D 560 9.92 -29.91 4.53
C ALA D 560 10.71 -30.94 5.34
N LEU D 561 10.92 -32.13 4.77
CA LEU D 561 11.94 -33.06 5.26
C LEU D 561 13.35 -32.51 5.00
N PRO D 562 14.36 -33.02 5.75
CA PRO D 562 15.75 -32.54 5.49
C PRO D 562 16.16 -32.71 4.04
N GLY D 563 16.79 -31.69 3.48
CA GLY D 563 17.22 -31.70 2.09
C GLY D 563 16.24 -31.04 1.12
N GLU D 564 14.95 -31.09 1.45
CA GLU D 564 13.87 -30.67 0.52
C GLU D 564 13.84 -29.16 0.25
N ARG D 565 14.17 -28.33 1.24
CA ARG D 565 14.23 -26.89 0.99
C ARG D 565 15.26 -26.52 -0.10
N ASP D 566 16.38 -27.26 -0.16
CA ASP D 566 17.48 -26.95 -1.09
C ASP D 566 17.40 -27.65 -2.44
N LYS D 567 16.28 -28.34 -2.68
CA LYS D 567 16.10 -29.19 -3.87
C LYS D 567 15.57 -28.29 -5.01
N PRO D 568 16.08 -28.50 -6.24
CA PRO D 568 15.56 -27.71 -7.35
C PRO D 568 14.09 -28.06 -7.48
N VAL D 569 13.31 -27.13 -8.00
CA VAL D 569 11.98 -27.43 -8.56
C VAL D 569 12.04 -28.55 -9.61
N ASP D 570 10.91 -29.23 -9.80
CA ASP D 570 10.74 -30.15 -10.94
C ASP D 570 9.81 -29.40 -11.92
N TRP D 571 10.41 -28.77 -12.94
CA TRP D 571 9.64 -27.96 -13.90
C TRP D 571 8.84 -28.79 -14.92
N ASP D 572 9.24 -30.04 -15.18
CA ASP D 572 8.39 -30.97 -15.92
C ASP D 572 7.05 -31.19 -15.25
N LEU D 573 7.04 -31.17 -13.93
CA LEU D 573 5.81 -31.40 -13.18
C LEU D 573 4.90 -30.16 -13.08
N ILE D 574 5.47 -28.99 -12.80
CA ILE D 574 4.67 -27.78 -12.56
C ILE D 574 4.49 -26.84 -13.75
N GLY D 575 5.32 -27.00 -14.80
CA GLY D 575 5.33 -26.14 -16.02
C GLY D 575 4.20 -26.49 -16.98
CA CA E . -22.73 31.10 -4.26
CA CA F . 15.19 38.54 -10.32
C1 EDO G . -15.51 39.05 0.41
O1 EDO G . -16.94 39.24 0.47
C2 EDO G . -15.04 37.63 0.14
O2 EDO G . -15.40 37.18 -1.18
C1 EDO H . -0.79 39.71 -18.00
O1 EDO H . -1.02 39.91 -19.40
C2 EDO H . -1.48 40.70 -17.04
O2 EDO H . -2.91 40.58 -17.05
C1 EDO I . -15.06 53.65 -10.60
O1 EDO I . -14.11 54.05 -9.60
C2 EDO I . -16.42 54.34 -10.44
O2 EDO I . -16.38 55.44 -11.35
C1 EDO J . -17.69 18.23 -16.77
O1 EDO J . -17.05 19.51 -16.73
C2 EDO J . -16.65 17.18 -16.43
O2 EDO J . -15.51 17.82 -15.78
C1 EDO K . -10.47 41.18 0.99
O1 EDO K . -9.48 42.20 0.86
C2 EDO K . -11.31 41.45 2.24
O2 EDO K . -10.56 42.41 3.01
C1 GOL L . -8.86 39.95 -2.00
O1 GOL L . -8.33 41.31 -1.97
C2 GOL L . -9.49 39.58 -3.34
O2 GOL L . -9.16 40.55 -4.40
C3 GOL L . -9.15 38.11 -3.74
O3 GOL L . -7.93 37.88 -4.51
OH2 1PE M . -2.33 61.53 -8.72
C12 1PE M . -2.71 60.46 -7.84
C22 1PE M . -2.29 60.75 -6.39
OH3 1PE M . -0.98 60.21 -6.12
C13 1PE M . 0.55 59.49 -4.37
C23 1PE M . -0.89 59.66 -4.80
OH4 1PE M . 1.19 60.77 -4.34
C14 1PE M . 2.55 62.20 -2.85
C24 1PE M . 2.41 60.84 -3.55
OH5 1PE M . 2.39 62.14 -1.42
C15 1PE M . 1.50 63.64 0.27
C25 1PE M . 2.54 63.44 -0.82
OH6 1PE M . 0.28 64.17 -0.30
C16 1PE M . -1.99 64.57 0.64
C26 1PE M . -0.52 65.03 0.56
OH7 1PE M . -2.47 64.37 1.98
CA CA N . 29.05 -8.79 -24.13
CA CA O . 21.16 10.14 9.18
C1 EDO P . 38.19 -1.44 -10.12
O1 EDO P . 36.85 -1.38 -9.55
C2 EDO P . 38.11 -1.55 -11.62
O2 EDO P . 36.74 -1.71 -11.96
C1 EDO Q . 9.41 -22.29 -1.88
O1 EDO Q . 8.77 -21.02 -2.06
C2 EDO Q . 9.71 -22.52 -0.40
O2 EDO Q . 8.60 -22.04 0.37
C1 EDO R . 22.80 16.91 10.67
O1 EDO R . 23.30 16.61 11.97
C2 EDO R . 22.08 18.26 10.65
O2 EDO R . 22.67 19.05 9.64
C1 EDO S . 40.45 -15.96 2.70
O1 EDO S . 39.77 -15.98 1.43
C2 EDO S . 39.47 -16.20 3.87
O2 EDO S . 39.91 -17.33 4.63
C1 EDO T . 39.21 -18.05 -1.92
O1 EDO T . 38.44 -18.66 -0.88
C2 EDO T . 38.23 -17.53 -2.97
O2 EDO T . 37.43 -16.46 -2.41
C1 EDO U . 20.47 10.56 -29.96
O1 EDO U . 21.22 10.38 -31.17
C2 EDO U . 21.10 11.70 -29.18
O2 EDO U . 20.20 12.80 -29.25
C1 EDO V . 20.04 23.09 -14.63
O1 EDO V . 20.33 23.02 -16.05
C2 EDO V . 19.25 21.87 -14.11
O2 EDO V . 20.14 20.86 -13.59
C1 GOL W . 31.05 -2.53 -10.30
O1 GOL W . 29.93 -1.95 -9.59
C2 GOL W . 32.24 -2.52 -9.35
O2 GOL W . 32.35 -3.78 -8.65
C3 GOL W . 33.51 -2.17 -10.11
O3 GOL W . 34.27 -1.30 -9.25
CA CA X . -18.64 7.78 32.98
CA CA Y . 11.01 -13.21 18.44
C1 EDO Z . 16.79 1.20 14.72
O1 EDO Z . 16.77 -0.03 13.95
C2 EDO Z . 16.43 0.94 16.19
O2 EDO Z . 15.12 1.34 16.66
C1 EDO AA . -20.77 7.01 14.18
O1 EDO AA . -21.18 5.68 14.53
C2 EDO AA . -20.95 7.97 15.35
O2 EDO AA . -22.25 8.56 15.30
C1 EDO BA . 2.46 -16.08 8.14
O1 EDO BA . 3.53 -15.26 7.62
C2 EDO BA . 2.06 -17.21 7.19
O2 EDO BA . 2.84 -18.38 7.49
C1 EDO CA . 2.66 20.61 9.66
O1 EDO CA . 1.75 20.00 10.60
C2 EDO CA . 3.97 20.98 10.34
O2 EDO CA . 3.84 21.08 11.77
C1 EDO DA . -6.13 -1.57 39.28
O1 EDO DA . -6.36 -1.08 37.95
C2 EDO DA . -4.64 -1.89 39.40
O2 EDO DA . -4.03 -1.76 38.09
C1 EDO EA . 28.97 -2.49 24.99
O1 EDO EA . 29.85 -1.56 25.62
C2 EDO EA . 28.97 -3.79 25.79
O2 EDO EA . 30.03 -4.59 25.26
C1 EDO FA . 23.12 10.48 26.13
O1 EDO FA . 22.96 11.61 27.00
C2 EDO FA . 22.75 9.19 26.87
O2 EDO FA . 21.61 8.61 26.26
C1 EDO GA . -14.46 -23.75 20.13
O1 EDO GA . -15.89 -23.74 20.22
C2 EDO GA . -13.89 -22.81 19.05
O2 EDO GA . -12.99 -21.84 19.61
C1 GOL HA . -4.91 -0.83 34.85
O1 GOL HA . -3.76 -1.62 35.20
C2 GOL HA . -4.73 0.08 33.61
O2 GOL HA . -3.45 0.74 33.42
C3 GOL HA . -5.08 -0.71 32.35
O3 GOL HA . -5.74 0.14 31.39
C1 GOL IA . -10.05 2.15 38.29
O1 GOL IA . -10.46 3.49 38.62
C2 GOL IA . -10.83 1.54 37.11
O2 GOL IA . -10.96 2.49 36.02
C3 GOL IA . -10.12 0.25 36.68
O3 GOL IA . -11.06 -0.81 36.38
CA CA JA . -10.76 -27.86 -24.66
CA CA KA . -12.24 -38.87 12.86
C1 EDO LA . -18.53 -50.25 -18.29
O1 EDO LA . -17.49 -50.90 -17.54
C2 EDO LA . -18.93 -50.95 -19.59
O2 EDO LA . -19.79 -52.03 -19.23
C1 EDO MA . -22.24 -37.42 -1.76
O1 EDO MA . -23.66 -37.36 -1.94
C2 EDO MA . -21.50 -38.46 -2.62
O2 EDO MA . -21.60 -38.18 -4.03
C1 EDO NA . -5.97 -37.99 17.89
O1 EDO NA . -4.77 -37.41 18.42
C2 EDO NA . -5.93 -39.49 18.20
O2 EDO NA . -7.14 -40.14 17.78
C1 EDO OA . -24.58 -21.34 6.14
O1 EDO OA . -25.01 -21.52 4.77
C2 EDO OA . -23.16 -20.74 6.08
O2 EDO OA . -22.91 -19.74 7.09
C1 GOL PA . -8.81 -36.63 -12.14
O1 GOL PA . -9.58 -36.20 -10.98
C2 GOL PA . -8.86 -38.14 -12.47
O2 GOL PA . -10.21 -38.63 -12.22
C3 GOL PA . -7.87 -39.01 -11.66
O3 GOL PA . -6.63 -39.43 -12.29
C1 PEG QA . -15.78 -59.40 -6.72
O1 PEG QA . -16.09 -60.79 -6.46
C2 PEG QA . -14.57 -59.25 -7.65
O2 PEG QA . -13.54 -58.43 -7.04
C3 PEG QA . -12.47 -59.14 -6.37
C4 PEG QA . -12.00 -58.38 -5.13
O4 PEG QA . -10.61 -58.64 -4.87
#